data_3ZZ9
# 
_entry.id   3ZZ9 
# 
_audit_conform.dict_name       mmcif_pdbx.dic 
_audit_conform.dict_version    5.398 
_audit_conform.dict_location   http://mmcif.pdb.org/dictionaries/ascii/mmcif_pdbx.dic 
# 
loop_
_database_2.database_id 
_database_2.database_code 
_database_2.pdbx_database_accession 
_database_2.pdbx_DOI 
PDB   3ZZ9         pdb_00003zz9 10.2210/pdb3zz9/pdb 
PDBE  EBI-49404    ?            ?                   
WWPDB D_1290049404 ?            ?                   
# 
loop_
_pdbx_audit_revision_history.ordinal 
_pdbx_audit_revision_history.data_content_type 
_pdbx_audit_revision_history.major_revision 
_pdbx_audit_revision_history.minor_revision 
_pdbx_audit_revision_history.revision_date 
1 'Structure model' 1 0 2012-09-19 
2 'Structure model' 1 1 2019-05-08 
3 'Structure model' 1 2 2024-05-01 
4 'Structure model' 1 3 2024-11-13 
# 
_pdbx_audit_revision_details.ordinal             1 
_pdbx_audit_revision_details.revision_ordinal    1 
_pdbx_audit_revision_details.data_content_type   'Structure model' 
_pdbx_audit_revision_details.provider            repository 
_pdbx_audit_revision_details.type                'Initial release' 
_pdbx_audit_revision_details.description         ? 
_pdbx_audit_revision_details.details             ? 
# 
loop_
_pdbx_audit_revision_group.ordinal 
_pdbx_audit_revision_group.revision_ordinal 
_pdbx_audit_revision_group.data_content_type 
_pdbx_audit_revision_group.group 
1  2 'Structure model' 'Data collection'          
2  2 'Structure model' 'Derived calculations'     
3  2 'Structure model' 'Experimental preparation' 
4  2 'Structure model' Other                      
5  3 'Structure model' 'Data collection'          
6  3 'Structure model' 'Database references'      
7  3 'Structure model' 'Derived calculations'     
8  3 'Structure model' Other                      
9  3 'Structure model' 'Refinement description'   
10 4 'Structure model' 'Structure summary'        
# 
loop_
_pdbx_audit_revision_category.ordinal 
_pdbx_audit_revision_category.revision_ordinal 
_pdbx_audit_revision_category.data_content_type 
_pdbx_audit_revision_category.category 
1  2 'Structure model' exptl_crystal_grow            
2  2 'Structure model' pdbx_database_proc            
3  2 'Structure model' pdbx_database_status          
4  2 'Structure model' struct_conn                   
5  3 'Structure model' chem_comp_atom                
6  3 'Structure model' chem_comp_bond                
7  3 'Structure model' database_2                    
8  3 'Structure model' pdbx_database_status          
9  3 'Structure model' pdbx_initial_refinement_model 
10 3 'Structure model' struct_site                   
11 4 'Structure model' pdbx_entry_details            
12 4 'Structure model' pdbx_modification_feature     
# 
loop_
_pdbx_audit_revision_item.ordinal 
_pdbx_audit_revision_item.revision_ordinal 
_pdbx_audit_revision_item.data_content_type 
_pdbx_audit_revision_item.item 
1 2 'Structure model' '_exptl_crystal_grow.method'                  
2 2 'Structure model' '_pdbx_database_status.recvd_author_approval' 
3 2 'Structure model' '_struct_conn.pdbx_leaving_atom_flag'         
4 3 'Structure model' '_database_2.pdbx_DOI'                        
5 3 'Structure model' '_database_2.pdbx_database_accession'         
6 3 'Structure model' '_pdbx_database_status.status_code_sf'        
7 3 'Structure model' '_struct_site.pdbx_auth_asym_id'              
8 3 'Structure model' '_struct_site.pdbx_auth_comp_id'              
9 3 'Structure model' '_struct_site.pdbx_auth_seq_id'               
# 
_pdbx_database_status.status_code                     REL 
_pdbx_database_status.entry_id                        3ZZ9 
_pdbx_database_status.deposit_site                    PDBE 
_pdbx_database_status.process_site                    PDBE 
_pdbx_database_status.SG_entry                        . 
_pdbx_database_status.recvd_initial_deposition_date   2011-08-31 
_pdbx_database_status.pdb_format_compatible           Y 
_pdbx_database_status.status_code_sf                  REL 
_pdbx_database_status.status_code_mr                  ? 
_pdbx_database_status.status_code_cs                  ? 
_pdbx_database_status.methods_development_category    ? 
_pdbx_database_status.status_code_nmr_data            ? 
# 
loop_
_pdbx_database_related.db_name 
_pdbx_database_related.db_id 
_pdbx_database_related.content_type 
_pdbx_database_related.details 
PDB 3ZYE unspecified 'CRYSTAL STRUCTURE OF 3C PROTEASE MUTANT (T68A) OF COXSACKIEVIRUS B3' 
PDB 3ZYD unspecified 'CRYSTAL STRUCTURE OF 3C PROTEASE OF COXSACKIEVIRUS B3' 
PDB 3ZZB unspecified 
'CRYSTAL STRUCTURE OF 3C PROTEASE OF COXSACKIEVIRUS B3 COMPLEXED WITH ALPHA, BETA-UNSATURATED ETHYL ESTER INHIBITOR 85' 
PDB 3ZZ6 unspecified 'CRYSTAL STRUCTURE OF 3C PROTEASE OF COXSACKIEVIRUS B3 COMPLEXED WITH MICHAEL RECEPTOR INHIBITOR 75' 
PDB 3ZZC unspecified 
;CRYSTAL STRUCTURE OF 3C PROTEASE MUTANT (T68A AND N126Y) OF COXSACKIEVIRUS B3 COMPLEXED WITH ALPHA, BETA- UNSATURATED ETHYL ESTER INHIBITOR 83
;
PDB 3ZZD unspecified 
;CRYSTAL STRUCTURE OF 3C PROTEASE MUTANT (T68A AND N126Y) OF COXSACKIEVIRUS B3 COMPLEXED WITH ALPHA, BETA- UNSATURATED ETHYL ESTER INHIBITOR 85
;
PDB 3ZZ8 unspecified 
'CRYSTAL STRUCTURE OF 3C PROTEASE OF COXSACKIEVIRUS B3 COMPLEXED WITH ALPHA, BETA-UNSATURATED ETHYL ESTER INHIBITOR 82' 
PDB 3ZZ7 unspecified 
'CRYSTAL STRUCTURE OF 3C PROTEASE OF COXSACKIEVIRUS B3 COMPLEXED WITH ALPHA, BETA-UNSATURATED ETHYL ESTER INHIBITOR 81' 
PDB 3ZZ3 unspecified 'CRYSTAL STRUCTURE OF 3C PROTEASE MUTANT (N126Y) OF COXSACKIEVIRUS B3' 
PDB 3ZZ5 unspecified 
'CRYSTAL STRUCTURE OF 3C PROTEASE OF COXSACKIEVIRUS B3 COMPLEXED WITH ALPHA, BETA-UNSATURATED ETHYL ESTER INHIBITOR 74' 
PDB 3ZZ4 unspecified 'CRYSTAL STRUCTURE OF 3C PROTEASE MUTANT (T68A AND N126Y) OF COXSACKIEVIRUS B3' 
PDB 3ZZA unspecified 
'CRYSTAL STRUCTURE OF 3C PROTEASE OF COXSACKIEVIRUS B3 COMPLEXED WITH ALPHA, BETA-UNSATURATED ETHYL ESTER INHIBITOR 84' 
# 
loop_
_audit_author.name 
_audit_author.pdbx_ordinal 
'Tan, J.'        1 
'Anand, K.'      2 
'Mesters, J.R.'  3 
'Hilgenfeld, R.' 4 
# 
_citation.id                        primary 
_citation.title                     
;Peptidic Alpha, Beta-Unsaturated Ethyl Esters as Inhibitors of the 3C Protease of Coxsackie Virus B3: Crystal Structures, Antiviral Activities, and Resistance Mutations
;
_citation.journal_abbrev            'To be Published' 
_citation.journal_volume            ? 
_citation.page_first                ? 
_citation.page_last                 ? 
_citation.year                      ? 
_citation.journal_id_ASTM           ? 
_citation.country                   ? 
_citation.journal_id_ISSN           ? 
_citation.journal_id_CSD            0353 
_citation.book_publisher            ? 
_citation.pdbx_database_id_PubMed   ? 
_citation.pdbx_database_id_DOI      ? 
# 
loop_
_citation_author.citation_id 
_citation_author.name 
_citation_author.ordinal 
_citation_author.identifier_ORCID 
primary 'Tan, J.'        1 ? 
primary 'Anand, K.'      2 ? 
primary 'Mesters, J.R.'  3 ? 
primary 'Hilgenfeld, R.' 4 ? 
# 
loop_
_entity.id 
_entity.type 
_entity.src_method 
_entity.pdbx_description 
_entity.formula_weight 
_entity.pdbx_number_of_molecules 
_entity.pdbx_ec 
_entity.pdbx_mutation 
_entity.pdbx_fragment 
_entity.details 
1 polymer     man '3C PROTEINASE' 20429.488 1  3.4.22.28 ? ? ? 
2 non-polymer syn 
;ETHYL (5S,8S,11R)-8-BENZYL-5-(2-TERT-BUTOXY-2-OXOETHYL)-3,6,9-TRIOXO-11-{[(3S)-2-OXOPYRROLIDIN-3-YL]METHYL}-1-PHENYL-2-OXA-4,7,10-TRIAZATETRADECAN-14-OATE
;
680.788   1  ?         ? ? ? 
3 water       nat water 18.015    35 ?         ? ? ? 
# 
_entity_name_com.entity_id   1 
_entity_name_com.name        'POLYPROTEIN 3BCD' 
# 
_entity_poly.entity_id                      1 
_entity_poly.type                           'polypeptide(L)' 
_entity_poly.nstd_linkage                   no 
_entity_poly.nstd_monomer                   no 
_entity_poly.pdbx_seq_one_letter_code       
;MGPAFEFAVAMMKRNSSTVKTEYGEFTMLGIYDRWAVLPRHAKPGPTILMNDQEVGVLDAKELVDKDGTNLELTLLKLNR
NEKFRDIRGFLAKEEVEVNEAVLAINTSKFPNMYIPVGQVTEYGFLNLGGTPTKRMLMYNFPTRAGQCGGVLMSTGKVLG
IHVGGNGHQGFSAALLKHYFNDEQ
;
_entity_poly.pdbx_seq_one_letter_code_can   
;MGPAFEFAVAMMKRNSSTVKTEYGEFTMLGIYDRWAVLPRHAKPGPTILMNDQEVGVLDAKELVDKDGTNLELTLLKLNR
NEKFRDIRGFLAKEEVEVNEAVLAINTSKFPNMYIPVGQVTEYGFLNLGGTPTKRMLMYNFPTRAGQCGGVLMSTGKVLG
IHVGGNGHQGFSAALLKHYFNDEQ
;
_entity_poly.pdbx_strand_id                 A 
_entity_poly.pdbx_target_identifier         ? 
# 
loop_
_pdbx_entity_nonpoly.entity_id 
_pdbx_entity_nonpoly.name 
_pdbx_entity_nonpoly.comp_id 
2 
;ETHYL (5S,8S,11R)-8-BENZYL-5-(2-TERT-BUTOXY-2-OXOETHYL)-3,6,9-TRIOXO-11-{[(3S)-2-OXOPYRROLIDIN-3-YL]METHYL}-1-PHENYL-2-OXA-4,7,10-TRIAZATETRADECAN-14-OATE
;
G83 
3 water HOH 
# 
loop_
_entity_poly_seq.entity_id 
_entity_poly_seq.num 
_entity_poly_seq.mon_id 
_entity_poly_seq.hetero 
1 1   MET n 
1 2   GLY n 
1 3   PRO n 
1 4   ALA n 
1 5   PHE n 
1 6   GLU n 
1 7   PHE n 
1 8   ALA n 
1 9   VAL n 
1 10  ALA n 
1 11  MET n 
1 12  MET n 
1 13  LYS n 
1 14  ARG n 
1 15  ASN n 
1 16  SER n 
1 17  SER n 
1 18  THR n 
1 19  VAL n 
1 20  LYS n 
1 21  THR n 
1 22  GLU n 
1 23  TYR n 
1 24  GLY n 
1 25  GLU n 
1 26  PHE n 
1 27  THR n 
1 28  MET n 
1 29  LEU n 
1 30  GLY n 
1 31  ILE n 
1 32  TYR n 
1 33  ASP n 
1 34  ARG n 
1 35  TRP n 
1 36  ALA n 
1 37  VAL n 
1 38  LEU n 
1 39  PRO n 
1 40  ARG n 
1 41  HIS n 
1 42  ALA n 
1 43  LYS n 
1 44  PRO n 
1 45  GLY n 
1 46  PRO n 
1 47  THR n 
1 48  ILE n 
1 49  LEU n 
1 50  MET n 
1 51  ASN n 
1 52  ASP n 
1 53  GLN n 
1 54  GLU n 
1 55  VAL n 
1 56  GLY n 
1 57  VAL n 
1 58  LEU n 
1 59  ASP n 
1 60  ALA n 
1 61  LYS n 
1 62  GLU n 
1 63  LEU n 
1 64  VAL n 
1 65  ASP n 
1 66  LYS n 
1 67  ASP n 
1 68  GLY n 
1 69  THR n 
1 70  ASN n 
1 71  LEU n 
1 72  GLU n 
1 73  LEU n 
1 74  THR n 
1 75  LEU n 
1 76  LEU n 
1 77  LYS n 
1 78  LEU n 
1 79  ASN n 
1 80  ARG n 
1 81  ASN n 
1 82  GLU n 
1 83  LYS n 
1 84  PHE n 
1 85  ARG n 
1 86  ASP n 
1 87  ILE n 
1 88  ARG n 
1 89  GLY n 
1 90  PHE n 
1 91  LEU n 
1 92  ALA n 
1 93  LYS n 
1 94  GLU n 
1 95  GLU n 
1 96  VAL n 
1 97  GLU n 
1 98  VAL n 
1 99  ASN n 
1 100 GLU n 
1 101 ALA n 
1 102 VAL n 
1 103 LEU n 
1 104 ALA n 
1 105 ILE n 
1 106 ASN n 
1 107 THR n 
1 108 SER n 
1 109 LYS n 
1 110 PHE n 
1 111 PRO n 
1 112 ASN n 
1 113 MET n 
1 114 TYR n 
1 115 ILE n 
1 116 PRO n 
1 117 VAL n 
1 118 GLY n 
1 119 GLN n 
1 120 VAL n 
1 121 THR n 
1 122 GLU n 
1 123 TYR n 
1 124 GLY n 
1 125 PHE n 
1 126 LEU n 
1 127 ASN n 
1 128 LEU n 
1 129 GLY n 
1 130 GLY n 
1 131 THR n 
1 132 PRO n 
1 133 THR n 
1 134 LYS n 
1 135 ARG n 
1 136 MET n 
1 137 LEU n 
1 138 MET n 
1 139 TYR n 
1 140 ASN n 
1 141 PHE n 
1 142 PRO n 
1 143 THR n 
1 144 ARG n 
1 145 ALA n 
1 146 GLY n 
1 147 GLN n 
1 148 CYS n 
1 149 GLY n 
1 150 GLY n 
1 151 VAL n 
1 152 LEU n 
1 153 MET n 
1 154 SER n 
1 155 THR n 
1 156 GLY n 
1 157 LYS n 
1 158 VAL n 
1 159 LEU n 
1 160 GLY n 
1 161 ILE n 
1 162 HIS n 
1 163 VAL n 
1 164 GLY n 
1 165 GLY n 
1 166 ASN n 
1 167 GLY n 
1 168 HIS n 
1 169 GLN n 
1 170 GLY n 
1 171 PHE n 
1 172 SER n 
1 173 ALA n 
1 174 ALA n 
1 175 LEU n 
1 176 LEU n 
1 177 LYS n 
1 178 HIS n 
1 179 TYR n 
1 180 PHE n 
1 181 ASN n 
1 182 ASP n 
1 183 GLU n 
1 184 GLN n 
# 
_entity_src_gen.entity_id                          1 
_entity_src_gen.pdbx_src_id                        1 
_entity_src_gen.pdbx_alt_source_flag               sample 
_entity_src_gen.pdbx_seq_type                      ? 
_entity_src_gen.pdbx_beg_seq_num                   ? 
_entity_src_gen.pdbx_end_seq_num                   ? 
_entity_src_gen.gene_src_common_name               ? 
_entity_src_gen.gene_src_genus                     ? 
_entity_src_gen.pdbx_gene_src_gene                 ? 
_entity_src_gen.gene_src_species                   ? 
_entity_src_gen.gene_src_strain                    B3 
_entity_src_gen.gene_src_tissue                    ? 
_entity_src_gen.gene_src_tissue_fraction           ? 
_entity_src_gen.gene_src_details                   ? 
_entity_src_gen.pdbx_gene_src_fragment             ? 
_entity_src_gen.pdbx_gene_src_scientific_name      'HUMAN COXSACKIEVIRUS' 
_entity_src_gen.pdbx_gene_src_ncbi_taxonomy_id     12072 
_entity_src_gen.pdbx_gene_src_variant              ? 
_entity_src_gen.pdbx_gene_src_cell_line            ? 
_entity_src_gen.pdbx_gene_src_atcc                 ? 
_entity_src_gen.pdbx_gene_src_organ                ? 
_entity_src_gen.pdbx_gene_src_organelle            ? 
_entity_src_gen.pdbx_gene_src_cell                 ? 
_entity_src_gen.pdbx_gene_src_cellular_location    ? 
_entity_src_gen.host_org_common_name               ? 
_entity_src_gen.pdbx_host_org_scientific_name      'ESCHERICHIA COLI' 
_entity_src_gen.pdbx_host_org_ncbi_taxonomy_id     469008 
_entity_src_gen.host_org_genus                     ? 
_entity_src_gen.pdbx_host_org_gene                 ? 
_entity_src_gen.pdbx_host_org_organ                ? 
_entity_src_gen.host_org_species                   ? 
_entity_src_gen.pdbx_host_org_tissue               ? 
_entity_src_gen.pdbx_host_org_tissue_fraction      ? 
_entity_src_gen.pdbx_host_org_strain               'BL21(DE3)GOLD' 
_entity_src_gen.pdbx_host_org_variant              ? 
_entity_src_gen.pdbx_host_org_cell_line            ? 
_entity_src_gen.pdbx_host_org_atcc                 ? 
_entity_src_gen.pdbx_host_org_culture_collection   ? 
_entity_src_gen.pdbx_host_org_cell                 ? 
_entity_src_gen.pdbx_host_org_organelle            ? 
_entity_src_gen.pdbx_host_org_cellular_location    ? 
_entity_src_gen.pdbx_host_org_vector_type          PLASMID 
_entity_src_gen.pdbx_host_org_vector               PET23A 
_entity_src_gen.host_org_details                   ? 
_entity_src_gen.expression_system_id               ? 
_entity_src_gen.plasmid_name                       PET23A-COX 
_entity_src_gen.plasmid_details                    ? 
_entity_src_gen.pdbx_description                   ? 
# 
loop_
_chem_comp.id 
_chem_comp.type 
_chem_comp.mon_nstd_flag 
_chem_comp.name 
_chem_comp.pdbx_synonyms 
_chem_comp.formula 
_chem_comp.formula_weight 
ALA 'L-peptide linking' y ALANINE ? 'C3 H7 N O2'     89.093  
ARG 'L-peptide linking' y ARGININE ? 'C6 H15 N4 O2 1' 175.209 
ASN 'L-peptide linking' y ASPARAGINE ? 'C4 H8 N2 O3'    132.118 
ASP 'L-peptide linking' y 'ASPARTIC ACID' ? 'C4 H7 N O4'     133.103 
CYS 'L-peptide linking' y CYSTEINE ? 'C3 H7 N O2 S'   121.158 
G83 non-polymer         . 
;ETHYL (5S,8S,11R)-8-BENZYL-5-(2-TERT-BUTOXY-2-OXOETHYL)-3,6,9-TRIOXO-11-{[(3S)-2-OXOPYRROLIDIN-3-YL]METHYL}-1-PHENYL-2-OXA-4,7,10-TRIAZATETRADECAN-14-OATE
;
? 'C36 H48 N4 O9'  680.788 
GLN 'L-peptide linking' y GLUTAMINE ? 'C5 H10 N2 O3'   146.144 
GLU 'L-peptide linking' y 'GLUTAMIC ACID' ? 'C5 H9 N O4'     147.129 
GLY 'peptide linking'   y GLYCINE ? 'C2 H5 N O2'     75.067  
HIS 'L-peptide linking' y HISTIDINE ? 'C6 H10 N3 O2 1' 156.162 
HOH non-polymer         . WATER ? 'H2 O'           18.015  
ILE 'L-peptide linking' y ISOLEUCINE ? 'C6 H13 N O2'    131.173 
LEU 'L-peptide linking' y LEUCINE ? 'C6 H13 N O2'    131.173 
LYS 'L-peptide linking' y LYSINE ? 'C6 H15 N2 O2 1' 147.195 
MET 'L-peptide linking' y METHIONINE ? 'C5 H11 N O2 S'  149.211 
PHE 'L-peptide linking' y PHENYLALANINE ? 'C9 H11 N O2'    165.189 
PRO 'L-peptide linking' y PROLINE ? 'C5 H9 N O2'     115.130 
SER 'L-peptide linking' y SERINE ? 'C3 H7 N O3'     105.093 
THR 'L-peptide linking' y THREONINE ? 'C4 H9 N O3'     119.119 
TRP 'L-peptide linking' y TRYPTOPHAN ? 'C11 H12 N2 O2'  204.225 
TYR 'L-peptide linking' y TYROSINE ? 'C9 H11 N O3'    181.189 
VAL 'L-peptide linking' y VALINE ? 'C5 H11 N O2'    117.146 
# 
loop_
_pdbx_poly_seq_scheme.asym_id 
_pdbx_poly_seq_scheme.entity_id 
_pdbx_poly_seq_scheme.seq_id 
_pdbx_poly_seq_scheme.mon_id 
_pdbx_poly_seq_scheme.ndb_seq_num 
_pdbx_poly_seq_scheme.pdb_seq_num 
_pdbx_poly_seq_scheme.auth_seq_num 
_pdbx_poly_seq_scheme.pdb_mon_id 
_pdbx_poly_seq_scheme.auth_mon_id 
_pdbx_poly_seq_scheme.pdb_strand_id 
_pdbx_poly_seq_scheme.pdb_ins_code 
_pdbx_poly_seq_scheme.hetero 
A 1 1   MET 1   0   0   MET MET A . n 
A 1 2   GLY 2   1   1   GLY GLY A . n 
A 1 3   PRO 3   2   2   PRO PRO A . n 
A 1 4   ALA 4   3   3   ALA ALA A . n 
A 1 5   PHE 5   4   4   PHE PHE A . n 
A 1 6   GLU 6   5   5   GLU GLU A . n 
A 1 7   PHE 7   6   6   PHE PHE A . n 
A 1 8   ALA 8   7   7   ALA ALA A . n 
A 1 9   VAL 9   8   8   VAL VAL A . n 
A 1 10  ALA 10  9   9   ALA ALA A . n 
A 1 11  MET 11  10  10  MET MET A . n 
A 1 12  MET 12  11  11  MET MET A . n 
A 1 13  LYS 13  12  12  LYS LYS A . n 
A 1 14  ARG 14  13  13  ARG ARG A . n 
A 1 15  ASN 15  14  14  ASN ASN A . n 
A 1 16  SER 16  15  15  SER SER A . n 
A 1 17  SER 17  16  16  SER SER A . n 
A 1 18  THR 18  17  17  THR THR A . n 
A 1 19  VAL 19  18  18  VAL VAL A . n 
A 1 20  LYS 20  19  19  LYS LYS A . n 
A 1 21  THR 21  20  20  THR THR A . n 
A 1 22  GLU 22  21  21  GLU GLU A . n 
A 1 23  TYR 23  22  22  TYR TYR A . n 
A 1 24  GLY 24  23  23  GLY GLY A . n 
A 1 25  GLU 25  24  24  GLU GLU A . n 
A 1 26  PHE 26  25  25  PHE PHE A . n 
A 1 27  THR 27  26  26  THR THR A . n 
A 1 28  MET 28  27  27  MET MET A . n 
A 1 29  LEU 29  28  28  LEU LEU A . n 
A 1 30  GLY 30  29  29  GLY GLY A . n 
A 1 31  ILE 31  30  30  ILE ILE A . n 
A 1 32  TYR 32  31  31  TYR TYR A . n 
A 1 33  ASP 33  32  32  ASP ASP A . n 
A 1 34  ARG 34  33  33  ARG ARG A . n 
A 1 35  TRP 35  34  34  TRP TRP A . n 
A 1 36  ALA 36  35  35  ALA ALA A . n 
A 1 37  VAL 37  36  36  VAL VAL A . n 
A 1 38  LEU 38  37  37  LEU LEU A . n 
A 1 39  PRO 39  38  38  PRO PRO A . n 
A 1 40  ARG 40  39  39  ARG ARG A . n 
A 1 41  HIS 41  40  40  HIS HIS A . n 
A 1 42  ALA 42  41  41  ALA ALA A . n 
A 1 43  LYS 43  42  42  LYS LYS A . n 
A 1 44  PRO 44  43  43  PRO PRO A . n 
A 1 45  GLY 45  44  44  GLY GLY A . n 
A 1 46  PRO 46  45  45  PRO PRO A . n 
A 1 47  THR 47  46  46  THR THR A . n 
A 1 48  ILE 48  47  47  ILE ILE A . n 
A 1 49  LEU 49  48  48  LEU LEU A . n 
A 1 50  MET 50  49  49  MET MET A . n 
A 1 51  ASN 51  50  50  ASN ASN A . n 
A 1 52  ASP 52  51  51  ASP ASP A . n 
A 1 53  GLN 53  52  52  GLN GLN A . n 
A 1 54  GLU 54  53  53  GLU GLU A . n 
A 1 55  VAL 55  54  54  VAL VAL A . n 
A 1 56  GLY 56  55  55  GLY GLY A . n 
A 1 57  VAL 57  56  56  VAL VAL A . n 
A 1 58  LEU 58  57  57  LEU LEU A . n 
A 1 59  ASP 59  58  58  ASP ASP A . n 
A 1 60  ALA 60  59  59  ALA ALA A . n 
A 1 61  LYS 61  60  60  LYS LYS A . n 
A 1 62  GLU 62  61  61  GLU GLU A . n 
A 1 63  LEU 63  62  62  LEU LEU A . n 
A 1 64  VAL 64  63  63  VAL VAL A . n 
A 1 65  ASP 65  64  64  ASP ASP A . n 
A 1 66  LYS 66  65  65  LYS LYS A . n 
A 1 67  ASP 67  66  66  ASP ASP A . n 
A 1 68  GLY 68  67  67  GLY GLY A . n 
A 1 69  THR 69  68  68  THR THR A . n 
A 1 70  ASN 70  69  69  ASN ASN A . n 
A 1 71  LEU 71  70  70  LEU LEU A . n 
A 1 72  GLU 72  71  71  GLU GLU A . n 
A 1 73  LEU 73  72  72  LEU LEU A . n 
A 1 74  THR 74  73  73  THR THR A . n 
A 1 75  LEU 75  74  74  LEU LEU A . n 
A 1 76  LEU 76  75  75  LEU LEU A . n 
A 1 77  LYS 77  76  76  LYS LYS A . n 
A 1 78  LEU 78  77  77  LEU LEU A . n 
A 1 79  ASN 79  78  78  ASN ASN A . n 
A 1 80  ARG 80  79  79  ARG ARG A . n 
A 1 81  ASN 81  80  80  ASN ASN A . n 
A 1 82  GLU 82  81  81  GLU GLU A . n 
A 1 83  LYS 83  82  82  LYS LYS A . n 
A 1 84  PHE 84  83  83  PHE PHE A . n 
A 1 85  ARG 85  84  84  ARG ARG A . n 
A 1 86  ASP 86  85  85  ASP ASP A . n 
A 1 87  ILE 87  86  86  ILE ILE A . n 
A 1 88  ARG 88  87  87  ARG ARG A . n 
A 1 89  GLY 89  88  88  GLY GLY A . n 
A 1 90  PHE 90  89  89  PHE PHE A . n 
A 1 91  LEU 91  90  90  LEU LEU A . n 
A 1 92  ALA 92  91  91  ALA ALA A . n 
A 1 93  LYS 93  92  92  LYS LYS A . n 
A 1 94  GLU 94  93  93  GLU GLU A . n 
A 1 95  GLU 95  94  94  GLU GLU A . n 
A 1 96  VAL 96  95  95  VAL VAL A . n 
A 1 97  GLU 97  96  96  GLU GLU A . n 
A 1 98  VAL 98  97  97  VAL VAL A . n 
A 1 99  ASN 99  98  98  ASN ASN A . n 
A 1 100 GLU 100 99  99  GLU GLU A . n 
A 1 101 ALA 101 100 100 ALA ALA A . n 
A 1 102 VAL 102 101 101 VAL VAL A . n 
A 1 103 LEU 103 102 102 LEU LEU A . n 
A 1 104 ALA 104 103 103 ALA ALA A . n 
A 1 105 ILE 105 104 104 ILE ILE A . n 
A 1 106 ASN 106 105 105 ASN ASN A . n 
A 1 107 THR 107 106 106 THR THR A . n 
A 1 108 SER 108 107 107 SER SER A . n 
A 1 109 LYS 109 108 108 LYS LYS A . n 
A 1 110 PHE 110 109 109 PHE PHE A . n 
A 1 111 PRO 111 110 110 PRO PRO A . n 
A 1 112 ASN 112 111 111 ASN ASN A . n 
A 1 113 MET 113 112 112 MET MET A . n 
A 1 114 TYR 114 113 113 TYR TYR A . n 
A 1 115 ILE 115 114 114 ILE ILE A . n 
A 1 116 PRO 116 115 115 PRO PRO A . n 
A 1 117 VAL 117 116 116 VAL VAL A . n 
A 1 118 GLY 118 117 117 GLY GLY A . n 
A 1 119 GLN 119 118 118 GLN GLN A . n 
A 1 120 VAL 120 119 119 VAL VAL A . n 
A 1 121 THR 121 120 120 THR THR A . n 
A 1 122 GLU 122 121 121 GLU GLU A . n 
A 1 123 TYR 123 122 122 TYR TYR A . n 
A 1 124 GLY 124 123 123 GLY GLY A . n 
A 1 125 PHE 125 124 124 PHE PHE A . n 
A 1 126 LEU 126 125 125 LEU LEU A . n 
A 1 127 ASN 127 126 126 ASN ASN A . n 
A 1 128 LEU 128 127 127 LEU LEU A . n 
A 1 129 GLY 129 128 128 GLY GLY A . n 
A 1 130 GLY 130 129 129 GLY GLY A . n 
A 1 131 THR 131 130 130 THR THR A . n 
A 1 132 PRO 132 131 131 PRO PRO A . n 
A 1 133 THR 133 132 132 THR THR A . n 
A 1 134 LYS 134 133 133 LYS LYS A . n 
A 1 135 ARG 135 134 134 ARG ARG A . n 
A 1 136 MET 136 135 135 MET MET A . n 
A 1 137 LEU 137 136 136 LEU LEU A . n 
A 1 138 MET 138 137 137 MET MET A . n 
A 1 139 TYR 139 138 138 TYR TYR A . n 
A 1 140 ASN 140 139 139 ASN ASN A . n 
A 1 141 PHE 141 140 140 PHE PHE A . n 
A 1 142 PRO 142 141 141 PRO PRO A . n 
A 1 143 THR 143 142 142 THR THR A . n 
A 1 144 ARG 144 143 143 ARG ARG A . n 
A 1 145 ALA 145 144 144 ALA ALA A . n 
A 1 146 GLY 146 145 145 GLY GLY A . n 
A 1 147 GLN 147 146 146 GLN GLN A . n 
A 1 148 CYS 148 147 147 CYS CYS A . n 
A 1 149 GLY 149 148 148 GLY GLY A . n 
A 1 150 GLY 150 149 149 GLY GLY A . n 
A 1 151 VAL 151 150 150 VAL VAL A . n 
A 1 152 LEU 152 151 151 LEU LEU A . n 
A 1 153 MET 153 152 152 MET MET A . n 
A 1 154 SER 154 153 153 SER SER A . n 
A 1 155 THR 155 154 154 THR THR A . n 
A 1 156 GLY 156 155 155 GLY GLY A . n 
A 1 157 LYS 157 156 156 LYS LYS A . n 
A 1 158 VAL 158 157 157 VAL VAL A . n 
A 1 159 LEU 159 158 158 LEU LEU A . n 
A 1 160 GLY 160 159 159 GLY GLY A . n 
A 1 161 ILE 161 160 160 ILE ILE A . n 
A 1 162 HIS 162 161 161 HIS HIS A . n 
A 1 163 VAL 163 162 162 VAL VAL A . n 
A 1 164 GLY 164 163 163 GLY GLY A . n 
A 1 165 GLY 165 164 164 GLY GLY A . n 
A 1 166 ASN 166 165 165 ASN ASN A . n 
A 1 167 GLY 167 166 166 GLY GLY A . n 
A 1 168 HIS 168 167 167 HIS HIS A . n 
A 1 169 GLN 169 168 168 GLN GLN A . n 
A 1 170 GLY 170 169 169 GLY GLY A . n 
A 1 171 PHE 171 170 170 PHE PHE A . n 
A 1 172 SER 172 171 171 SER SER A . n 
A 1 173 ALA 173 172 172 ALA ALA A . n 
A 1 174 ALA 174 173 173 ALA ALA A . n 
A 1 175 LEU 175 174 174 LEU LEU A . n 
A 1 176 LEU 176 175 175 LEU LEU A . n 
A 1 177 LYS 177 176 176 LYS LYS A . n 
A 1 178 HIS 178 177 177 HIS HIS A . n 
A 1 179 TYR 179 178 178 TYR TYR A . n 
A 1 180 PHE 180 179 179 PHE PHE A . n 
A 1 181 ASN 181 180 180 ASN ASN A . n 
A 1 182 ASP 182 181 ?   ?   ?   A . n 
A 1 183 GLU 183 182 ?   ?   ?   A . n 
A 1 184 GLN 184 183 ?   ?   ?   A . n 
# 
loop_
_pdbx_nonpoly_scheme.asym_id 
_pdbx_nonpoly_scheme.entity_id 
_pdbx_nonpoly_scheme.mon_id 
_pdbx_nonpoly_scheme.ndb_seq_num 
_pdbx_nonpoly_scheme.pdb_seq_num 
_pdbx_nonpoly_scheme.auth_seq_num 
_pdbx_nonpoly_scheme.pdb_mon_id 
_pdbx_nonpoly_scheme.auth_mon_id 
_pdbx_nonpoly_scheme.pdb_strand_id 
_pdbx_nonpoly_scheme.pdb_ins_code 
B 2 G83 1  1181 1181 G83 G83 A . 
C 3 HOH 1  2001 2001 HOH HOH A . 
C 3 HOH 2  2002 2002 HOH HOH A . 
C 3 HOH 3  2003 2003 HOH HOH A . 
C 3 HOH 4  2004 2004 HOH HOH A . 
C 3 HOH 5  2005 2005 HOH HOH A . 
C 3 HOH 6  2006 2006 HOH HOH A . 
C 3 HOH 7  2007 2007 HOH HOH A . 
C 3 HOH 8  2008 2008 HOH HOH A . 
C 3 HOH 9  2009 2009 HOH HOH A . 
C 3 HOH 10 2010 2010 HOH HOH A . 
C 3 HOH 11 2011 2011 HOH HOH A . 
C 3 HOH 12 2012 2012 HOH HOH A . 
C 3 HOH 13 2013 2013 HOH HOH A . 
C 3 HOH 14 2014 2014 HOH HOH A . 
C 3 HOH 15 2015 2015 HOH HOH A . 
C 3 HOH 16 2016 2016 HOH HOH A . 
C 3 HOH 17 2017 2017 HOH HOH A . 
C 3 HOH 18 2018 2018 HOH HOH A . 
C 3 HOH 19 2019 2019 HOH HOH A . 
C 3 HOH 20 2020 2020 HOH HOH A . 
C 3 HOH 21 2021 2021 HOH HOH A . 
C 3 HOH 22 2022 2022 HOH HOH A . 
C 3 HOH 23 2023 2023 HOH HOH A . 
C 3 HOH 24 2024 2024 HOH HOH A . 
C 3 HOH 25 2025 2025 HOH HOH A . 
C 3 HOH 26 2026 2026 HOH HOH A . 
C 3 HOH 27 2027 2027 HOH HOH A . 
C 3 HOH 28 2028 2028 HOH HOH A . 
C 3 HOH 29 2029 2029 HOH HOH A . 
C 3 HOH 30 2030 2030 HOH HOH A . 
C 3 HOH 31 2031 2031 HOH HOH A . 
C 3 HOH 32 2032 2032 HOH HOH A . 
C 3 HOH 33 2033 2033 HOH HOH A . 
C 3 HOH 34 2034 2034 HOH HOH A . 
C 3 HOH 35 2035 2035 HOH HOH A . 
# 
loop_
_software.name 
_software.classification 
_software.version 
_software.citation_id 
_software.pdbx_ordinal 
REFMAC  refinement       5.5.0110 ? 1 
iMOSFLM 'data reduction' .        ? 2 
SCALA   'data scaling'   .        ? 3 
MOLREP  phasing          .        ? 4 
# 
_cell.entry_id           3ZZ9 
_cell.length_a           77.640 
_cell.length_b           64.350 
_cell.length_c           39.670 
_cell.angle_alpha        90.00 
_cell.angle_beta         115.95 
_cell.angle_gamma        90.00 
_cell.Z_PDB              4 
_cell.pdbx_unique_axis   ? 
# 
_symmetry.entry_id                         3ZZ9 
_symmetry.space_group_name_H-M             'C 1 2 1' 
_symmetry.pdbx_full_space_group_name_H-M   ? 
_symmetry.cell_setting                     ? 
_symmetry.Int_Tables_number                5 
# 
_exptl.entry_id          3ZZ9 
_exptl.method            'X-RAY DIFFRACTION' 
_exptl.crystals_number   1 
# 
_exptl_crystal.id                    1 
_exptl_crystal.density_meas          ? 
_exptl_crystal.density_Matthews      2.12 
_exptl_crystal.density_percent_sol   42.06 
_exptl_crystal.description           NONE 
# 
_exptl_crystal_grow.crystal_id      1 
_exptl_crystal_grow.method          'VAPOR DIFFUSION, SITTING DROP' 
_exptl_crystal_grow.temp            ? 
_exptl_crystal_grow.temp_details    ? 
_exptl_crystal_grow.pH              8.5 
_exptl_crystal_grow.pdbx_pH_range   ? 
_exptl_crystal_grow.pdbx_details    '100 MM TRIS-HCL PH 8.5, 0.2 M MAGNESIUM CHLORIDE, AND 22% PEG 4000; SITTING DROP' 
# 
_diffrn.id                     1 
_diffrn.ambient_temp           100 
_diffrn.ambient_temp_details   ? 
_diffrn.crystal_id             1 
# 
_diffrn_detector.diffrn_id              1 
_diffrn_detector.detector               CCD 
_diffrn_detector.type                   'MARMOSAIC 225 mm CCD' 
_diffrn_detector.pdbx_collection_date   ? 
_diffrn_detector.details                MIRRORS 
# 
_diffrn_radiation.diffrn_id                        1 
_diffrn_radiation.wavelength_id                    1 
_diffrn_radiation.pdbx_monochromatic_or_laue_m_l   M 
_diffrn_radiation.monochromator                    ? 
_diffrn_radiation.pdbx_diffrn_protocol             'SINGLE WAVELENGTH' 
_diffrn_radiation.pdbx_scattering_type             x-ray 
# 
_diffrn_radiation_wavelength.id           1 
_diffrn_radiation_wavelength.wavelength   0.9184 
_diffrn_radiation_wavelength.wt           1.0 
# 
_diffrn_source.diffrn_id                   1 
_diffrn_source.source                      SYNCHROTRON 
_diffrn_source.type                        'BESSY BEAMLINE 14.1' 
_diffrn_source.pdbx_synchrotron_site       BESSY 
_diffrn_source.pdbx_synchrotron_beamline   14.1 
_diffrn_source.pdbx_wavelength             0.9184 
_diffrn_source.pdbx_wavelength_list        ? 
# 
_reflns.pdbx_diffrn_id               1 
_reflns.pdbx_ordinal                 1 
_reflns.entry_id                     3ZZ9 
_reflns.observed_criterion_sigma_I   2.0 
_reflns.observed_criterion_sigma_F   ? 
_reflns.d_resolution_low             34.91 
_reflns.d_resolution_high            1.90 
_reflns.number_obs                   13495 
_reflns.number_all                   ? 
_reflns.percent_possible_obs         97.3 
_reflns.pdbx_Rmerge_I_obs            0.04 
_reflns.pdbx_Rsym_value              ? 
_reflns.pdbx_netI_over_sigmaI        14.80 
_reflns.B_iso_Wilson_estimate        ? 
_reflns.pdbx_redundancy              3.8 
# 
_reflns_shell.pdbx_diffrn_id         1 
_reflns_shell.pdbx_ordinal           1 
_reflns_shell.d_res_high             1.90 
_reflns_shell.d_res_low              2.00 
_reflns_shell.percent_possible_all   96.6 
_reflns_shell.Rmerge_I_obs           0.41 
_reflns_shell.pdbx_Rsym_value        ? 
_reflns_shell.meanI_over_sigI_obs    2.80 
_reflns_shell.pdbx_redundancy        3.8 
# 
_refine.pdbx_refine_id                           'X-RAY DIFFRACTION' 
_refine.entry_id                                 3ZZ9 
_refine.pdbx_diffrn_id                           1 
_refine.pdbx_TLS_residual_ADP_flag               ? 
_refine.ls_number_reflns_obs                     12823 
_refine.ls_number_reflns_all                     ? 
_refine.pdbx_ls_sigma_I                          ? 
_refine.pdbx_ls_sigma_F                          . 
_refine.pdbx_data_cutoff_high_absF               ? 
_refine.pdbx_data_cutoff_low_absF                ? 
_refine.pdbx_data_cutoff_high_rms_absF           ? 
_refine.ls_d_res_low                             33.69 
_refine.ls_d_res_high                            1.90 
_refine.ls_percent_reflns_obs                    97.06 
_refine.ls_R_factor_obs                          0.22817 
_refine.ls_R_factor_all                          ? 
_refine.ls_R_factor_R_work                       0.22455 
_refine.ls_R_factor_R_free                       0.30091 
_refine.ls_R_factor_R_free_error                 ? 
_refine.ls_R_factor_R_free_error_details         ? 
_refine.ls_percent_reflns_R_free                 5.0 
_refine.ls_number_reflns_R_free                  670 
_refine.ls_number_parameters                     ? 
_refine.ls_number_restraints                     ? 
_refine.occupancy_min                            ? 
_refine.occupancy_max                            ? 
_refine.correlation_coeff_Fo_to_Fc               0.956 
_refine.correlation_coeff_Fo_to_Fc_free          0.913 
_refine.B_iso_mean                               43.118 
_refine.aniso_B[1][1]                            0.31 
_refine.aniso_B[2][2]                            -0.40 
_refine.aniso_B[3][3]                            0.80 
_refine.aniso_B[1][2]                            0.00 
_refine.aniso_B[1][3]                            0.81 
_refine.aniso_B[2][3]                            0.00 
_refine.solvent_model_details                    MASK 
_refine.solvent_model_param_ksol                 ? 
_refine.solvent_model_param_bsol                 ? 
_refine.pdbx_solvent_vdw_probe_radii             1.40 
_refine.pdbx_solvent_ion_probe_radii             0.80 
_refine.pdbx_solvent_shrinkage_radii             0.80 
_refine.pdbx_ls_cross_valid_method               THROUGHOUT 
_refine.details                                  'HYDROGENS HAVE BEEN ADDED IN THE RIDING POSITIONS.' 
_refine.pdbx_starting_model                      'CRYSTAL STRUCTURE OF COXSACKIEVIURS B3 3C PROTEASE' 
_refine.pdbx_method_to_determine_struct          'MOLECULAR REPLACEMENT' 
_refine.pdbx_isotropic_thermal_model             ? 
_refine.pdbx_stereochemistry_target_values       'MAXIMUM LIKELIHOOD' 
_refine.pdbx_stereochem_target_val_spec_case     ? 
_refine.pdbx_R_Free_selection_details            RANDOM 
_refine.pdbx_overall_ESU_R                       0.204 
_refine.pdbx_overall_ESU_R_Free                  0.200 
_refine.overall_SU_ML                            0.173 
_refine.pdbx_overall_phase_error                 ? 
_refine.overall_SU_B                             5.946 
_refine.overall_SU_R_Cruickshank_DPI             ? 
_refine.pdbx_overall_SU_R_free_Cruickshank_DPI   ? 
_refine.pdbx_overall_SU_R_Blow_DPI               ? 
_refine.pdbx_overall_SU_R_free_Blow_DPI          ? 
# 
_refine_hist.pdbx_refine_id                   'X-RAY DIFFRACTION' 
_refine_hist.cycle_id                         LAST 
_refine_hist.pdbx_number_atoms_protein        1406 
_refine_hist.pdbx_number_atoms_nucleic_acid   0 
_refine_hist.pdbx_number_atoms_ligand         49 
_refine_hist.number_atoms_solvent             35 
_refine_hist.number_atoms_total               1490 
_refine_hist.d_res_high                       1.90 
_refine_hist.d_res_low                        33.69 
# 
loop_
_refine_ls_restr.type 
_refine_ls_restr.dev_ideal 
_refine_ls_restr.dev_ideal_target 
_refine_ls_restr.weight 
_refine_ls_restr.number 
_refine_ls_restr.pdbx_refine_id 
_refine_ls_restr.pdbx_restraint_function 
r_bond_refined_d             0.020  0.022  ? 1487 'X-RAY DIFFRACTION' ? 
r_bond_other_d               ?      ?      ? ?    'X-RAY DIFFRACTION' ? 
r_angle_refined_deg          1.932  2.002  ? 2003 'X-RAY DIFFRACTION' ? 
r_angle_other_deg            ?      ?      ? ?    'X-RAY DIFFRACTION' ? 
r_dihedral_angle_1_deg       7.256  5.000  ? 180  'X-RAY DIFFRACTION' ? 
r_dihedral_angle_2_deg       31.649 24.127 ? 63   'X-RAY DIFFRACTION' ? 
r_dihedral_angle_3_deg       19.003 15.000 ? 252  'X-RAY DIFFRACTION' ? 
r_dihedral_angle_4_deg       21.337 15.000 ? 8    'X-RAY DIFFRACTION' ? 
r_chiral_restr               0.120  0.200  ? 217  'X-RAY DIFFRACTION' ? 
r_gen_planes_refined         0.009  0.021  ? 1121 'X-RAY DIFFRACTION' ? 
r_gen_planes_other           ?      ?      ? ?    'X-RAY DIFFRACTION' ? 
r_nbd_refined                ?      ?      ? ?    'X-RAY DIFFRACTION' ? 
r_nbd_other                  ?      ?      ? ?    'X-RAY DIFFRACTION' ? 
r_nbtor_refined              ?      ?      ? ?    'X-RAY DIFFRACTION' ? 
r_nbtor_other                ?      ?      ? ?    'X-RAY DIFFRACTION' ? 
r_xyhbond_nbd_refined        ?      ?      ? ?    'X-RAY DIFFRACTION' ? 
r_xyhbond_nbd_other          ?      ?      ? ?    'X-RAY DIFFRACTION' ? 
r_metal_ion_refined          ?      ?      ? ?    'X-RAY DIFFRACTION' ? 
r_metal_ion_other            ?      ?      ? ?    'X-RAY DIFFRACTION' ? 
r_symmetry_vdw_refined       ?      ?      ? ?    'X-RAY DIFFRACTION' ? 
r_symmetry_vdw_other         ?      ?      ? ?    'X-RAY DIFFRACTION' ? 
r_symmetry_hbond_refined     ?      ?      ? ?    'X-RAY DIFFRACTION' ? 
r_symmetry_hbond_other       ?      ?      ? ?    'X-RAY DIFFRACTION' ? 
r_symmetry_metal_ion_refined ?      ?      ? ?    'X-RAY DIFFRACTION' ? 
r_symmetry_metal_ion_other   ?      ?      ? ?    'X-RAY DIFFRACTION' ? 
r_mcbond_it                  1.259  1.500  ? 892  'X-RAY DIFFRACTION' ? 
r_mcbond_other               ?      ?      ? ?    'X-RAY DIFFRACTION' ? 
r_mcangle_it                 2.097  2.000  ? 1429 'X-RAY DIFFRACTION' ? 
r_mcangle_other              ?      ?      ? ?    'X-RAY DIFFRACTION' ? 
r_scbond_it                  2.856  3.000  ? 595  'X-RAY DIFFRACTION' ? 
r_scbond_other               ?      ?      ? ?    'X-RAY DIFFRACTION' ? 
r_scangle_it                 4.365  4.500  ? 574  'X-RAY DIFFRACTION' ? 
r_scangle_other              ?      ?      ? ?    'X-RAY DIFFRACTION' ? 
r_long_range_B_refined       ?      ?      ? ?    'X-RAY DIFFRACTION' ? 
r_long_range_B_other         ?      ?      ? ?    'X-RAY DIFFRACTION' ? 
r_rigid_bond_restr           ?      ?      ? ?    'X-RAY DIFFRACTION' ? 
r_sphericity_free            ?      ?      ? ?    'X-RAY DIFFRACTION' ? 
r_sphericity_bonded          ?      ?      ? ?    'X-RAY DIFFRACTION' ? 
# 
_refine_ls_shell.pdbx_refine_id                   'X-RAY DIFFRACTION' 
_refine_ls_shell.pdbx_total_number_of_bins_used   20 
_refine_ls_shell.d_res_high                       1.900 
_refine_ls_shell.d_res_low                        1.949 
_refine_ls_shell.number_reflns_R_work             948 
_refine_ls_shell.R_factor_R_work                  0.360 
_refine_ls_shell.percent_reflns_obs               96.32 
_refine_ls_shell.R_factor_R_free                  0.393 
_refine_ls_shell.R_factor_R_free_error            ? 
_refine_ls_shell.percent_reflns_R_free            ? 
_refine_ls_shell.number_reflns_R_free             48 
_refine_ls_shell.number_reflns_all                ? 
_refine_ls_shell.R_factor_all                     ? 
# 
_struct.entry_id                  3ZZ9 
_struct.title                     
'Crystal structure of 3C protease of coxsackievirus B3 complexed with alpha, beta-unsaturated ethyl ester inhibitor 83' 
_struct.pdbx_model_details        ? 
_struct.pdbx_CASP_flag            ? 
_struct.pdbx_model_type_details   ? 
# 
_struct_keywords.entry_id        3ZZ9 
_struct_keywords.pdbx_keywords   HYDROLASE 
_struct_keywords.text            'HYDROLASE, PICORNAVIRIDAE' 
# 
loop_
_struct_asym.id 
_struct_asym.pdbx_blank_PDB_chainid_flag 
_struct_asym.pdbx_modified 
_struct_asym.entity_id 
_struct_asym.details 
A N N 1 ? 
B N N 2 ? 
C N N 3 ? 
# 
_struct_ref.id                         1 
_struct_ref.db_name                    UNP 
_struct_ref.db_code                    Q90092_9ENTO 
_struct_ref.entity_id                  1 
_struct_ref.pdbx_seq_one_letter_code   ? 
_struct_ref.pdbx_align_begin           ? 
_struct_ref.pdbx_db_accession          Q90092 
_struct_ref.pdbx_db_isoform            ? 
# 
_struct_ref_seq.align_id                      1 
_struct_ref_seq.ref_id                        1 
_struct_ref_seq.pdbx_PDB_id_code              3ZZ9 
_struct_ref_seq.pdbx_strand_id                A 
_struct_ref_seq.seq_align_beg                 2 
_struct_ref_seq.pdbx_seq_align_beg_ins_code   ? 
_struct_ref_seq.seq_align_end                 184 
_struct_ref_seq.pdbx_seq_align_end_ins_code   ? 
_struct_ref_seq.pdbx_db_accession             Q90092 
_struct_ref_seq.db_align_beg                  14 
_struct_ref_seq.pdbx_db_align_beg_ins_code    ? 
_struct_ref_seq.db_align_end                  196 
_struct_ref_seq.pdbx_db_align_end_ins_code    ? 
_struct_ref_seq.pdbx_auth_seq_align_beg       1 
_struct_ref_seq.pdbx_auth_seq_align_end       183 
# 
_struct_ref_seq_dif.align_id                     1 
_struct_ref_seq_dif.pdbx_pdb_id_code             3ZZ9 
_struct_ref_seq_dif.mon_id                       MET 
_struct_ref_seq_dif.pdbx_pdb_strand_id           A 
_struct_ref_seq_dif.seq_num                      1 
_struct_ref_seq_dif.pdbx_pdb_ins_code            ? 
_struct_ref_seq_dif.pdbx_seq_db_name             UNP 
_struct_ref_seq_dif.pdbx_seq_db_accession_code   Q90092 
_struct_ref_seq_dif.db_mon_id                    ? 
_struct_ref_seq_dif.pdbx_seq_db_seq_num          ? 
_struct_ref_seq_dif.details                      'expression tag' 
_struct_ref_seq_dif.pdbx_auth_seq_num            0 
_struct_ref_seq_dif.pdbx_ordinal                 1 
# 
_pdbx_struct_assembly.id                   1 
_pdbx_struct_assembly.details              author_and_software_defined_assembly 
_pdbx_struct_assembly.method_details       PISA 
_pdbx_struct_assembly.oligomeric_details   dimeric 
_pdbx_struct_assembly.oligomeric_count     2 
# 
loop_
_pdbx_struct_assembly_prop.biol_id 
_pdbx_struct_assembly_prop.type 
_pdbx_struct_assembly_prop.value 
_pdbx_struct_assembly_prop.details 
1 'ABSA (A^2)' 1690  ? 
1 MORE         -14.2 ? 
1 'SSA (A^2)'  15380 ? 
# 
_pdbx_struct_assembly_gen.assembly_id       1 
_pdbx_struct_assembly_gen.oper_expression   1,2 
_pdbx_struct_assembly_gen.asym_id_list      A,B,C 
# 
loop_
_pdbx_struct_oper_list.id 
_pdbx_struct_oper_list.type 
_pdbx_struct_oper_list.name 
_pdbx_struct_oper_list.symmetry_operation 
_pdbx_struct_oper_list.matrix[1][1] 
_pdbx_struct_oper_list.matrix[1][2] 
_pdbx_struct_oper_list.matrix[1][3] 
_pdbx_struct_oper_list.vector[1] 
_pdbx_struct_oper_list.matrix[2][1] 
_pdbx_struct_oper_list.matrix[2][2] 
_pdbx_struct_oper_list.matrix[2][3] 
_pdbx_struct_oper_list.vector[2] 
_pdbx_struct_oper_list.matrix[3][1] 
_pdbx_struct_oper_list.matrix[3][2] 
_pdbx_struct_oper_list.matrix[3][3] 
_pdbx_struct_oper_list.vector[3] 
1 'identity operation'         1_555 x,y,z       1.0000000000  0.0000000000 0.0000000000  0.0000000000  0.0000000000 1.0000000000  0.0000000000  0.0000000000  0.0000000000  0.0000000000  1.0000000000  0.0000000000  
2 'crystal symmetry operation' 2_656 -x+1,y,-z+1 -0.0085523315 0.9770804993 -0.2126982735 12.8206306149 0.9770804993 -0.0370784738 -0.2096160412 -6.7735868078 -0.2126982735 -0.2096160412 -0.9543691947 28.6445425759 
# 
_struct_biol.id   1 
# 
loop_
_struct_conf.conf_type_id 
_struct_conf.id 
_struct_conf.pdbx_PDB_helix_id 
_struct_conf.beg_label_comp_id 
_struct_conf.beg_label_asym_id 
_struct_conf.beg_label_seq_id 
_struct_conf.pdbx_beg_PDB_ins_code 
_struct_conf.end_label_comp_id 
_struct_conf.end_label_asym_id 
_struct_conf.end_label_seq_id 
_struct_conf.pdbx_end_PDB_ins_code 
_struct_conf.beg_auth_comp_id 
_struct_conf.beg_auth_asym_id 
_struct_conf.beg_auth_seq_id 
_struct_conf.end_auth_comp_id 
_struct_conf.end_auth_asym_id 
_struct_conf.end_auth_seq_id 
_struct_conf.pdbx_PDB_helix_class 
_struct_conf.details 
_struct_conf.pdbx_PDB_helix_length 
HELX_P HELX_P1 1 MET A 1   ? ASN A 15  ? MET A 0   ASN A 14  1 ? 15 
HELX_P HELX_P2 2 HIS A 41  ? LYS A 43  ? HIS A 40  LYS A 42  5 ? 3  
HELX_P HELX_P3 3 ILE A 87  ? PHE A 90  ? ILE A 86  PHE A 89  5 ? 4  
HELX_P HELX_P4 4 LEU A 176 ? PHE A 180 ? LEU A 175 PHE A 179 5 ? 5  
# 
_struct_conf_type.id          HELX_P 
_struct_conf_type.criteria    ? 
_struct_conf_type.reference   ? 
# 
_struct_conn.id                            covale1 
_struct_conn.conn_type_id                  covale 
_struct_conn.pdbx_leaving_atom_flag        none 
_struct_conn.pdbx_PDB_id                   ? 
_struct_conn.ptnr1_label_asym_id           A 
_struct_conn.ptnr1_label_comp_id           CYS 
_struct_conn.ptnr1_label_seq_id            148 
_struct_conn.ptnr1_label_atom_id           SG 
_struct_conn.pdbx_ptnr1_label_alt_id       ? 
_struct_conn.pdbx_ptnr1_PDB_ins_code       ? 
_struct_conn.pdbx_ptnr1_standard_comp_id   ? 
_struct_conn.ptnr1_symmetry                1_555 
_struct_conn.ptnr2_label_asym_id           B 
_struct_conn.ptnr2_label_comp_id           G83 
_struct_conn.ptnr2_label_seq_id            . 
_struct_conn.ptnr2_label_atom_id           C63 
_struct_conn.pdbx_ptnr2_label_alt_id       ? 
_struct_conn.pdbx_ptnr2_PDB_ins_code       ? 
_struct_conn.ptnr1_auth_asym_id            A 
_struct_conn.ptnr1_auth_comp_id            CYS 
_struct_conn.ptnr1_auth_seq_id             147 
_struct_conn.ptnr2_auth_asym_id            A 
_struct_conn.ptnr2_auth_comp_id            G83 
_struct_conn.ptnr2_auth_seq_id             1181 
_struct_conn.ptnr2_symmetry                1_555 
_struct_conn.pdbx_ptnr3_label_atom_id      ? 
_struct_conn.pdbx_ptnr3_label_seq_id       ? 
_struct_conn.pdbx_ptnr3_label_comp_id      ? 
_struct_conn.pdbx_ptnr3_label_asym_id      ? 
_struct_conn.pdbx_ptnr3_label_alt_id       ? 
_struct_conn.pdbx_ptnr3_PDB_ins_code       ? 
_struct_conn.details                       ? 
_struct_conn.pdbx_dist_value               1.796 
_struct_conn.pdbx_value_order              ? 
_struct_conn.pdbx_role                     ? 
# 
_struct_conn_type.id          covale 
_struct_conn_type.criteria    ? 
_struct_conn_type.reference   ? 
# 
_pdbx_modification_feature.ordinal                            1 
_pdbx_modification_feature.label_comp_id                      G83 
_pdbx_modification_feature.label_asym_id                      B 
_pdbx_modification_feature.label_seq_id                       . 
_pdbx_modification_feature.label_alt_id                       ? 
_pdbx_modification_feature.modified_residue_label_comp_id     CYS 
_pdbx_modification_feature.modified_residue_label_asym_id     A 
_pdbx_modification_feature.modified_residue_label_seq_id      148 
_pdbx_modification_feature.modified_residue_label_alt_id      ? 
_pdbx_modification_feature.auth_comp_id                       G83 
_pdbx_modification_feature.auth_asym_id                       A 
_pdbx_modification_feature.auth_seq_id                        1181 
_pdbx_modification_feature.PDB_ins_code                       ? 
_pdbx_modification_feature.symmetry                           1_555 
_pdbx_modification_feature.modified_residue_auth_comp_id      CYS 
_pdbx_modification_feature.modified_residue_auth_asym_id      A 
_pdbx_modification_feature.modified_residue_auth_seq_id       147 
_pdbx_modification_feature.modified_residue_PDB_ins_code      ? 
_pdbx_modification_feature.modified_residue_symmetry          1_555 
_pdbx_modification_feature.comp_id_linking_atom               C63 
_pdbx_modification_feature.modified_residue_id_linking_atom   SG 
_pdbx_modification_feature.modified_residue_id                CYS 
_pdbx_modification_feature.ref_pcm_id                         1 
_pdbx_modification_feature.ref_comp_id                        G83 
_pdbx_modification_feature.type                               None 
_pdbx_modification_feature.category                           'Covalent chemical modification' 
# 
loop_
_struct_sheet.id 
_struct_sheet.type 
_struct_sheet.number_strands 
_struct_sheet.details 
AA ? 7 ? 
AB ? 7 ? 
# 
loop_
_struct_sheet_order.sheet_id 
_struct_sheet_order.range_id_1 
_struct_sheet_order.range_id_2 
_struct_sheet_order.offset 
_struct_sheet_order.sense 
AA 1 2 ? anti-parallel 
AA 2 3 ? anti-parallel 
AA 3 4 ? anti-parallel 
AA 4 5 ? anti-parallel 
AA 5 6 ? anti-parallel 
AA 6 7 ? anti-parallel 
AB 1 2 ? anti-parallel 
AB 2 3 ? anti-parallel 
AB 3 4 ? anti-parallel 
AB 4 5 ? anti-parallel 
AB 5 6 ? anti-parallel 
AB 6 7 ? anti-parallel 
# 
loop_
_struct_sheet_range.sheet_id 
_struct_sheet_range.id 
_struct_sheet_range.beg_label_comp_id 
_struct_sheet_range.beg_label_asym_id 
_struct_sheet_range.beg_label_seq_id 
_struct_sheet_range.pdbx_beg_PDB_ins_code 
_struct_sheet_range.end_label_comp_id 
_struct_sheet_range.end_label_asym_id 
_struct_sheet_range.end_label_seq_id 
_struct_sheet_range.pdbx_end_PDB_ins_code 
_struct_sheet_range.beg_auth_comp_id 
_struct_sheet_range.beg_auth_asym_id 
_struct_sheet_range.beg_auth_seq_id 
_struct_sheet_range.end_auth_comp_id 
_struct_sheet_range.end_auth_asym_id 
_struct_sheet_range.end_auth_seq_id 
AA 1 SER A 16  ? THR A 21  ? SER A 15  THR A 20  
AA 2 GLY A 24  ? TYR A 32  ? GLY A 23  TYR A 31  
AA 3 TRP A 35  ? PRO A 39  ? TRP A 34  PRO A 38  
AA 4 ASN A 70  ? LEU A 78  ? ASN A 69  LEU A 77  
AA 5 GLN A 53  ? VAL A 64  ? GLN A 52  VAL A 63  
AA 6 THR A 47  ? MET A 50  ? THR A 46  MET A 49  
AA 7 SER A 16  ? THR A 21  ? SER A 15  THR A 20  
AB 1 VAL A 98  ? ILE A 105 ? VAL A 97  ILE A 104 
AB 2 MET A 113 ? LEU A 128 ? MET A 112 LEU A 127 
AB 3 THR A 131 ? TYR A 139 ? THR A 130 TYR A 138 
AB 4 GLY A 170 ? ALA A 174 ? GLY A 169 ALA A 173 
AB 5 LYS A 157 ? GLY A 165 ? LYS A 156 GLY A 164 
AB 6 VAL A 151 ? SER A 154 ? VAL A 150 SER A 153 
AB 7 VAL A 98  ? ILE A 105 ? VAL A 97  ILE A 104 
# 
loop_
_pdbx_struct_sheet_hbond.sheet_id 
_pdbx_struct_sheet_hbond.range_id_1 
_pdbx_struct_sheet_hbond.range_id_2 
_pdbx_struct_sheet_hbond.range_1_label_atom_id 
_pdbx_struct_sheet_hbond.range_1_label_comp_id 
_pdbx_struct_sheet_hbond.range_1_label_asym_id 
_pdbx_struct_sheet_hbond.range_1_label_seq_id 
_pdbx_struct_sheet_hbond.range_1_PDB_ins_code 
_pdbx_struct_sheet_hbond.range_1_auth_atom_id 
_pdbx_struct_sheet_hbond.range_1_auth_comp_id 
_pdbx_struct_sheet_hbond.range_1_auth_asym_id 
_pdbx_struct_sheet_hbond.range_1_auth_seq_id 
_pdbx_struct_sheet_hbond.range_2_label_atom_id 
_pdbx_struct_sheet_hbond.range_2_label_comp_id 
_pdbx_struct_sheet_hbond.range_2_label_asym_id 
_pdbx_struct_sheet_hbond.range_2_label_seq_id 
_pdbx_struct_sheet_hbond.range_2_PDB_ins_code 
_pdbx_struct_sheet_hbond.range_2_auth_atom_id 
_pdbx_struct_sheet_hbond.range_2_auth_comp_id 
_pdbx_struct_sheet_hbond.range_2_auth_asym_id 
_pdbx_struct_sheet_hbond.range_2_auth_seq_id 
AA 1 2 N THR A 21  ? N THR A 20  O GLY A 24  ? O GLY A 23  
AA 2 3 N ILE A 31  ? N ILE A 30  O TRP A 35  ? O TRP A 34  
AA 3 4 N LEU A 38  ? N LEU A 37  O THR A 74  ? O THR A 73  
AA 4 5 O LYS A 77  ? O LYS A 76  N LEU A 58  ? N LEU A 57  
AA 5 6 N VAL A 55  ? N VAL A 54  O ILE A 48  ? O ILE A 47  
AA 6 7 N LEU A 49  ? N LEU A 48  O LYS A 20  ? O LYS A 19  
AB 1 2 N ILE A 105 ? N ILE A 104 O MET A 113 ? O MET A 112 
AB 2 3 N LEU A 128 ? N LEU A 127 O THR A 131 ? O THR A 130 
AB 3 4 N TYR A 139 ? N TYR A 138 O GLY A 170 ? O GLY A 169 
AB 4 5 N ALA A 173 ? N ALA A 172 O ILE A 161 ? O ILE A 160 
AB 5 6 N LEU A 159 ? N LEU A 158 O LEU A 152 ? O LEU A 151 
AB 6 7 N MET A 153 ? N MET A 152 O VAL A 102 ? O VAL A 101 
# 
_struct_site.id                   AC1 
_struct_site.pdbx_evidence_code   Software 
_struct_site.pdbx_auth_asym_id    A 
_struct_site.pdbx_auth_comp_id    G83 
_struct_site.pdbx_auth_seq_id     1181 
_struct_site.pdbx_auth_ins_code   ? 
_struct_site.pdbx_num_residues    19 
_struct_site.details              'BINDING SITE FOR RESIDUE G83 A 1181' 
# 
loop_
_struct_site_gen.id 
_struct_site_gen.site_id 
_struct_site_gen.pdbx_num_res 
_struct_site_gen.label_comp_id 
_struct_site_gen.label_asym_id 
_struct_site_gen.label_seq_id 
_struct_site_gen.pdbx_auth_ins_code 
_struct_site_gen.auth_comp_id 
_struct_site_gen.auth_asym_id 
_struct_site_gen.auth_seq_id 
_struct_site_gen.label_atom_id 
_struct_site_gen.label_alt_id 
_struct_site_gen.symmetry 
_struct_site_gen.details 
1  AC1 19 GLY A 24  ? GLY A 23  . ? 1_555 ? 
2  AC1 19 GLU A 25  ? GLU A 24  . ? 1_555 ? 
3  AC1 19 ARG A 40  ? ARG A 39  . ? 1_555 ? 
4  AC1 19 HIS A 41  ? HIS A 40  . ? 1_555 ? 
5  AC1 19 GLU A 72  ? GLU A 71  . ? 1_555 ? 
6  AC1 19 LYS A 93  ? LYS A 92  . ? 4_556 ? 
7  AC1 19 ASN A 127 ? ASN A 126 . ? 1_555 ? 
8  AC1 19 LEU A 128 ? LEU A 127 . ? 1_555 ? 
9  AC1 19 GLY A 129 ? GLY A 128 . ? 1_555 ? 
10 AC1 19 THR A 143 ? THR A 142 . ? 1_555 ? 
11 AC1 19 ARG A 144 ? ARG A 143 . ? 1_555 ? 
12 AC1 19 GLY A 146 ? GLY A 145 . ? 1_555 ? 
13 AC1 19 GLN A 147 ? GLN A 146 . ? 1_555 ? 
14 AC1 19 CYS A 148 ? CYS A 147 . ? 1_555 ? 
15 AC1 19 HIS A 162 ? HIS A 161 . ? 1_555 ? 
16 AC1 19 VAL A 163 ? VAL A 162 . ? 1_555 ? 
17 AC1 19 GLY A 164 ? GLY A 163 . ? 1_555 ? 
18 AC1 19 GLY A 165 ? GLY A 164 . ? 1_555 ? 
19 AC1 19 ASN A 166 ? ASN A 165 . ? 1_555 ? 
# 
_pdbx_entry_details.entry_id                   3ZZ9 
_pdbx_entry_details.compound_details           ? 
_pdbx_entry_details.source_details             ? 
_pdbx_entry_details.nonpolymer_details         ? 
_pdbx_entry_details.sequence_details           ? 
_pdbx_entry_details.has_ligand_of_interest     ? 
_pdbx_entry_details.has_protein_modification   Y 
# 
_pdbx_validate_rmsd_angle.id                         1 
_pdbx_validate_rmsd_angle.PDB_model_num              1 
_pdbx_validate_rmsd_angle.auth_atom_id_1             CA 
_pdbx_validate_rmsd_angle.auth_asym_id_1             A 
_pdbx_validate_rmsd_angle.auth_comp_id_1             LEU 
_pdbx_validate_rmsd_angle.auth_seq_id_1              75 
_pdbx_validate_rmsd_angle.PDB_ins_code_1             ? 
_pdbx_validate_rmsd_angle.label_alt_id_1             ? 
_pdbx_validate_rmsd_angle.auth_atom_id_2             CB 
_pdbx_validate_rmsd_angle.auth_asym_id_2             A 
_pdbx_validate_rmsd_angle.auth_comp_id_2             LEU 
_pdbx_validate_rmsd_angle.auth_seq_id_2              75 
_pdbx_validate_rmsd_angle.PDB_ins_code_2             ? 
_pdbx_validate_rmsd_angle.label_alt_id_2             ? 
_pdbx_validate_rmsd_angle.auth_atom_id_3             CG 
_pdbx_validate_rmsd_angle.auth_asym_id_3             A 
_pdbx_validate_rmsd_angle.auth_comp_id_3             LEU 
_pdbx_validate_rmsd_angle.auth_seq_id_3              75 
_pdbx_validate_rmsd_angle.PDB_ins_code_3             ? 
_pdbx_validate_rmsd_angle.label_alt_id_3             ? 
_pdbx_validate_rmsd_angle.angle_value                130.37 
_pdbx_validate_rmsd_angle.angle_target_value         115.30 
_pdbx_validate_rmsd_angle.angle_deviation            15.07 
_pdbx_validate_rmsd_angle.angle_standard_deviation   2.30 
_pdbx_validate_rmsd_angle.linker_flag                N 
# 
loop_
_pdbx_validate_torsion.id 
_pdbx_validate_torsion.PDB_model_num 
_pdbx_validate_torsion.auth_comp_id 
_pdbx_validate_torsion.auth_asym_id 
_pdbx_validate_torsion.auth_seq_id 
_pdbx_validate_torsion.PDB_ins_code 
_pdbx_validate_torsion.label_alt_id 
_pdbx_validate_torsion.phi 
_pdbx_validate_torsion.psi 
1 1 ASP A 32  ? ? 48.70  -107.50 
2 1 LYS A 42  ? ? 36.87  52.72   
3 1 ASP A 66  ? ? -76.32 31.14   
4 1 GLU A 71  ? ? 73.62  34.84   
5 1 ARG A 84  ? ? -39.57 132.89  
6 1 ASN A 111 ? ? 12.21  71.72   
7 1 PRO A 141 ? ? -64.37 68.27   
# 
_pdbx_database_remark.id     700 
_pdbx_database_remark.text   
;
SHEET
DETERMINATION METHOD: DSSP
THE SHEETS PRESENTED AS "AA" IN EACH CHAIN ON SHEET RECORDS
BELOW IS ACTUALLY AN  6-STRANDED BARREL THIS IS REPRESENTED BY
A  7-STRANDED SHEET IN WHICH THE FIRST AND LAST STRANDS
ARE IDENTICAL.

THE SHEETS PRESENTED AS "AB" IN EACH CHAIN ON SHEET RECORDS
BELOW IS ACTUALLY AN  6-STRANDED BARREL THIS IS REPRESENTED BY
A  7-STRANDED SHEET IN WHICH THE FIRST AND LAST STRANDS
ARE IDENTICAL.
;
# 
loop_
_pdbx_unobs_or_zero_occ_residues.id 
_pdbx_unobs_or_zero_occ_residues.PDB_model_num 
_pdbx_unobs_or_zero_occ_residues.polymer_flag 
_pdbx_unobs_or_zero_occ_residues.occupancy_flag 
_pdbx_unobs_or_zero_occ_residues.auth_asym_id 
_pdbx_unobs_or_zero_occ_residues.auth_comp_id 
_pdbx_unobs_or_zero_occ_residues.auth_seq_id 
_pdbx_unobs_or_zero_occ_residues.PDB_ins_code 
_pdbx_unobs_or_zero_occ_residues.label_asym_id 
_pdbx_unobs_or_zero_occ_residues.label_comp_id 
_pdbx_unobs_or_zero_occ_residues.label_seq_id 
1 1 Y 1 A ASP 181 ? A ASP 182 
2 1 Y 1 A GLU 182 ? A GLU 183 
3 1 Y 1 A GLN 183 ? A GLN 184 
# 
loop_
_chem_comp_atom.comp_id 
_chem_comp_atom.atom_id 
_chem_comp_atom.type_symbol 
_chem_comp_atom.pdbx_aromatic_flag 
_chem_comp_atom.pdbx_stereo_config 
_chem_comp_atom.pdbx_ordinal 
ALA N    N N N 1   
ALA CA   C N S 2   
ALA C    C N N 3   
ALA O    O N N 4   
ALA CB   C N N 5   
ALA OXT  O N N 6   
ALA H    H N N 7   
ALA H2   H N N 8   
ALA HA   H N N 9   
ALA HB1  H N N 10  
ALA HB2  H N N 11  
ALA HB3  H N N 12  
ALA HXT  H N N 13  
ARG N    N N N 14  
ARG CA   C N S 15  
ARG C    C N N 16  
ARG O    O N N 17  
ARG CB   C N N 18  
ARG CG   C N N 19  
ARG CD   C N N 20  
ARG NE   N N N 21  
ARG CZ   C N N 22  
ARG NH1  N N N 23  
ARG NH2  N N N 24  
ARG OXT  O N N 25  
ARG H    H N N 26  
ARG H2   H N N 27  
ARG HA   H N N 28  
ARG HB2  H N N 29  
ARG HB3  H N N 30  
ARG HG2  H N N 31  
ARG HG3  H N N 32  
ARG HD2  H N N 33  
ARG HD3  H N N 34  
ARG HE   H N N 35  
ARG HH11 H N N 36  
ARG HH12 H N N 37  
ARG HH21 H N N 38  
ARG HH22 H N N 39  
ARG HXT  H N N 40  
ASN N    N N N 41  
ASN CA   C N S 42  
ASN C    C N N 43  
ASN O    O N N 44  
ASN CB   C N N 45  
ASN CG   C N N 46  
ASN OD1  O N N 47  
ASN ND2  N N N 48  
ASN OXT  O N N 49  
ASN H    H N N 50  
ASN H2   H N N 51  
ASN HA   H N N 52  
ASN HB2  H N N 53  
ASN HB3  H N N 54  
ASN HD21 H N N 55  
ASN HD22 H N N 56  
ASN HXT  H N N 57  
ASP N    N N N 58  
ASP CA   C N S 59  
ASP C    C N N 60  
ASP O    O N N 61  
ASP CB   C N N 62  
ASP CG   C N N 63  
ASP OD1  O N N 64  
ASP OD2  O N N 65  
ASP OXT  O N N 66  
ASP H    H N N 67  
ASP H2   H N N 68  
ASP HA   H N N 69  
ASP HB2  H N N 70  
ASP HB3  H N N 71  
ASP HD2  H N N 72  
ASP HXT  H N N 73  
CYS N    N N N 74  
CYS CA   C N R 75  
CYS C    C N N 76  
CYS O    O N N 77  
CYS CB   C N N 78  
CYS SG   S N N 79  
CYS OXT  O N N 80  
CYS H    H N N 81  
CYS H2   H N N 82  
CYS HA   H N N 83  
CYS HB2  H N N 84  
CYS HB3  H N N 85  
CYS HG   H N N 86  
CYS HXT  H N N 87  
G83 O19  O N N 88  
G83 C17  C N N 89  
G83 O15  O N N 90  
G83 C13  C N N 91  
G83 C4   C Y N 92  
G83 C6   C Y N 93  
G83 C8   C Y N 94  
G83 C10  C Y N 95  
G83 C1   C Y N 96  
G83 C2   C Y N 97  
G83 N21  N N N 98  
G83 C23  C N S 99  
G83 C25  C N N 100 
G83 C14  C N N 101 
G83 O1   O N N 102 
G83 O2   O N N 103 
G83 C29  C N N 104 
G83 C12  C N N 105 
G83 C43  C N N 106 
G83 C45  C N N 107 
G83 C31  C N N 108 
G83 O35  O N N 109 
G83 N33  N N N 110 
G83 C37  C N S 111 
G83 C41  C N N 112 
G83 C51  C Y N 113 
G83 C53  C Y N 114 
G83 C7   C Y N 115 
G83 C9   C Y N 116 
G83 C11  C Y N 117 
G83 C55  C Y N 118 
G83 C39  C N N 119 
G83 O47  O N N 120 
G83 N49  N N N 121 
G83 C57  C N R 122 
G83 C59  C N N 123 
G83 C61  C N S 124 
G83 C73  C N N 125 
G83 C71  C N N 126 
G83 N69  N N N 127 
G83 C65  C N N 128 
G83 O66  O N N 129 
G83 C63  C N N 130 
G83 C82  C N N 131 
G83 C84  C N N 132 
G83 O88  O N N 133 
G83 O86  O N N 134 
G83 C3   C N N 135 
G83 C5   C N N 136 
G83 H21  H N N 137 
G83 H131 H N N 138 
G83 H132 H N N 139 
G83 H6   H N N 140 
G83 H2   H N N 141 
G83 H8   H N N 142 
G83 H10  H N N 143 
G83 H1   H N N 144 
G83 H23  H N N 145 
G83 H251 H N N 146 
G83 H252 H N N 147 
G83 H121 H N N 148 
G83 H122 H N N 149 
G83 H123 H N N 150 
G83 H431 H N N 151 
G83 H432 H N N 152 
G83 H433 H N N 153 
G83 H451 H N N 154 
G83 H452 H N N 155 
G83 H453 H N N 156 
G83 H33  H N N 157 
G83 H37  H N N 158 
G83 H411 H N N 159 
G83 H412 H N N 160 
G83 H53  H N N 161 
G83 H55  H N N 162 
G83 H7   H N N 163 
G83 H9   H N N 164 
G83 H11  H N N 165 
G83 H49  H N N 166 
G83 H57  H N N 167 
G83 H591 H N N 168 
G83 H592 H N N 169 
G83 H631 H N N 170 
G83 H632 H N N 171 
G83 H61  H N N 172 
G83 H731 H N N 173 
G83 H732 H N N 174 
G83 H711 H N N 175 
G83 H712 H N N 176 
G83 H69  H N N 177 
G83 H821 H N N 178 
G83 H822 H N N 179 
G83 H31C H N N 180 
G83 H32C H N N 181 
G83 H51C H N N 182 
G83 H52C H N N 183 
G83 H53C H N N 184 
GLN N    N N N 185 
GLN CA   C N S 186 
GLN C    C N N 187 
GLN O    O N N 188 
GLN CB   C N N 189 
GLN CG   C N N 190 
GLN CD   C N N 191 
GLN OE1  O N N 192 
GLN NE2  N N N 193 
GLN OXT  O N N 194 
GLN H    H N N 195 
GLN H2   H N N 196 
GLN HA   H N N 197 
GLN HB2  H N N 198 
GLN HB3  H N N 199 
GLN HG2  H N N 200 
GLN HG3  H N N 201 
GLN HE21 H N N 202 
GLN HE22 H N N 203 
GLN HXT  H N N 204 
GLU N    N N N 205 
GLU CA   C N S 206 
GLU C    C N N 207 
GLU O    O N N 208 
GLU CB   C N N 209 
GLU CG   C N N 210 
GLU CD   C N N 211 
GLU OE1  O N N 212 
GLU OE2  O N N 213 
GLU OXT  O N N 214 
GLU H    H N N 215 
GLU H2   H N N 216 
GLU HA   H N N 217 
GLU HB2  H N N 218 
GLU HB3  H N N 219 
GLU HG2  H N N 220 
GLU HG3  H N N 221 
GLU HE2  H N N 222 
GLU HXT  H N N 223 
GLY N    N N N 224 
GLY CA   C N N 225 
GLY C    C N N 226 
GLY O    O N N 227 
GLY OXT  O N N 228 
GLY H    H N N 229 
GLY H2   H N N 230 
GLY HA2  H N N 231 
GLY HA3  H N N 232 
GLY HXT  H N N 233 
HIS N    N N N 234 
HIS CA   C N S 235 
HIS C    C N N 236 
HIS O    O N N 237 
HIS CB   C N N 238 
HIS CG   C Y N 239 
HIS ND1  N Y N 240 
HIS CD2  C Y N 241 
HIS CE1  C Y N 242 
HIS NE2  N Y N 243 
HIS OXT  O N N 244 
HIS H    H N N 245 
HIS H2   H N N 246 
HIS HA   H N N 247 
HIS HB2  H N N 248 
HIS HB3  H N N 249 
HIS HD1  H N N 250 
HIS HD2  H N N 251 
HIS HE1  H N N 252 
HIS HE2  H N N 253 
HIS HXT  H N N 254 
HOH O    O N N 255 
HOH H1   H N N 256 
HOH H2   H N N 257 
ILE N    N N N 258 
ILE CA   C N S 259 
ILE C    C N N 260 
ILE O    O N N 261 
ILE CB   C N S 262 
ILE CG1  C N N 263 
ILE CG2  C N N 264 
ILE CD1  C N N 265 
ILE OXT  O N N 266 
ILE H    H N N 267 
ILE H2   H N N 268 
ILE HA   H N N 269 
ILE HB   H N N 270 
ILE HG12 H N N 271 
ILE HG13 H N N 272 
ILE HG21 H N N 273 
ILE HG22 H N N 274 
ILE HG23 H N N 275 
ILE HD11 H N N 276 
ILE HD12 H N N 277 
ILE HD13 H N N 278 
ILE HXT  H N N 279 
LEU N    N N N 280 
LEU CA   C N S 281 
LEU C    C N N 282 
LEU O    O N N 283 
LEU CB   C N N 284 
LEU CG   C N N 285 
LEU CD1  C N N 286 
LEU CD2  C N N 287 
LEU OXT  O N N 288 
LEU H    H N N 289 
LEU H2   H N N 290 
LEU HA   H N N 291 
LEU HB2  H N N 292 
LEU HB3  H N N 293 
LEU HG   H N N 294 
LEU HD11 H N N 295 
LEU HD12 H N N 296 
LEU HD13 H N N 297 
LEU HD21 H N N 298 
LEU HD22 H N N 299 
LEU HD23 H N N 300 
LEU HXT  H N N 301 
LYS N    N N N 302 
LYS CA   C N S 303 
LYS C    C N N 304 
LYS O    O N N 305 
LYS CB   C N N 306 
LYS CG   C N N 307 
LYS CD   C N N 308 
LYS CE   C N N 309 
LYS NZ   N N N 310 
LYS OXT  O N N 311 
LYS H    H N N 312 
LYS H2   H N N 313 
LYS HA   H N N 314 
LYS HB2  H N N 315 
LYS HB3  H N N 316 
LYS HG2  H N N 317 
LYS HG3  H N N 318 
LYS HD2  H N N 319 
LYS HD3  H N N 320 
LYS HE2  H N N 321 
LYS HE3  H N N 322 
LYS HZ1  H N N 323 
LYS HZ2  H N N 324 
LYS HZ3  H N N 325 
LYS HXT  H N N 326 
MET N    N N N 327 
MET CA   C N S 328 
MET C    C N N 329 
MET O    O N N 330 
MET CB   C N N 331 
MET CG   C N N 332 
MET SD   S N N 333 
MET CE   C N N 334 
MET OXT  O N N 335 
MET H    H N N 336 
MET H2   H N N 337 
MET HA   H N N 338 
MET HB2  H N N 339 
MET HB3  H N N 340 
MET HG2  H N N 341 
MET HG3  H N N 342 
MET HE1  H N N 343 
MET HE2  H N N 344 
MET HE3  H N N 345 
MET HXT  H N N 346 
PHE N    N N N 347 
PHE CA   C N S 348 
PHE C    C N N 349 
PHE O    O N N 350 
PHE CB   C N N 351 
PHE CG   C Y N 352 
PHE CD1  C Y N 353 
PHE CD2  C Y N 354 
PHE CE1  C Y N 355 
PHE CE2  C Y N 356 
PHE CZ   C Y N 357 
PHE OXT  O N N 358 
PHE H    H N N 359 
PHE H2   H N N 360 
PHE HA   H N N 361 
PHE HB2  H N N 362 
PHE HB3  H N N 363 
PHE HD1  H N N 364 
PHE HD2  H N N 365 
PHE HE1  H N N 366 
PHE HE2  H N N 367 
PHE HZ   H N N 368 
PHE HXT  H N N 369 
PRO N    N N N 370 
PRO CA   C N S 371 
PRO C    C N N 372 
PRO O    O N N 373 
PRO CB   C N N 374 
PRO CG   C N N 375 
PRO CD   C N N 376 
PRO OXT  O N N 377 
PRO H    H N N 378 
PRO HA   H N N 379 
PRO HB2  H N N 380 
PRO HB3  H N N 381 
PRO HG2  H N N 382 
PRO HG3  H N N 383 
PRO HD2  H N N 384 
PRO HD3  H N N 385 
PRO HXT  H N N 386 
SER N    N N N 387 
SER CA   C N S 388 
SER C    C N N 389 
SER O    O N N 390 
SER CB   C N N 391 
SER OG   O N N 392 
SER OXT  O N N 393 
SER H    H N N 394 
SER H2   H N N 395 
SER HA   H N N 396 
SER HB2  H N N 397 
SER HB3  H N N 398 
SER HG   H N N 399 
SER HXT  H N N 400 
THR N    N N N 401 
THR CA   C N S 402 
THR C    C N N 403 
THR O    O N N 404 
THR CB   C N R 405 
THR OG1  O N N 406 
THR CG2  C N N 407 
THR OXT  O N N 408 
THR H    H N N 409 
THR H2   H N N 410 
THR HA   H N N 411 
THR HB   H N N 412 
THR HG1  H N N 413 
THR HG21 H N N 414 
THR HG22 H N N 415 
THR HG23 H N N 416 
THR HXT  H N N 417 
TRP N    N N N 418 
TRP CA   C N S 419 
TRP C    C N N 420 
TRP O    O N N 421 
TRP CB   C N N 422 
TRP CG   C Y N 423 
TRP CD1  C Y N 424 
TRP CD2  C Y N 425 
TRP NE1  N Y N 426 
TRP CE2  C Y N 427 
TRP CE3  C Y N 428 
TRP CZ2  C Y N 429 
TRP CZ3  C Y N 430 
TRP CH2  C Y N 431 
TRP OXT  O N N 432 
TRP H    H N N 433 
TRP H2   H N N 434 
TRP HA   H N N 435 
TRP HB2  H N N 436 
TRP HB3  H N N 437 
TRP HD1  H N N 438 
TRP HE1  H N N 439 
TRP HE3  H N N 440 
TRP HZ2  H N N 441 
TRP HZ3  H N N 442 
TRP HH2  H N N 443 
TRP HXT  H N N 444 
TYR N    N N N 445 
TYR CA   C N S 446 
TYR C    C N N 447 
TYR O    O N N 448 
TYR CB   C N N 449 
TYR CG   C Y N 450 
TYR CD1  C Y N 451 
TYR CD2  C Y N 452 
TYR CE1  C Y N 453 
TYR CE2  C Y N 454 
TYR CZ   C Y N 455 
TYR OH   O N N 456 
TYR OXT  O N N 457 
TYR H    H N N 458 
TYR H2   H N N 459 
TYR HA   H N N 460 
TYR HB2  H N N 461 
TYR HB3  H N N 462 
TYR HD1  H N N 463 
TYR HD2  H N N 464 
TYR HE1  H N N 465 
TYR HE2  H N N 466 
TYR HH   H N N 467 
TYR HXT  H N N 468 
VAL N    N N N 469 
VAL CA   C N S 470 
VAL C    C N N 471 
VAL O    O N N 472 
VAL CB   C N N 473 
VAL CG1  C N N 474 
VAL CG2  C N N 475 
VAL OXT  O N N 476 
VAL H    H N N 477 
VAL H2   H N N 478 
VAL HA   H N N 479 
VAL HB   H N N 480 
VAL HG11 H N N 481 
VAL HG12 H N N 482 
VAL HG13 H N N 483 
VAL HG21 H N N 484 
VAL HG22 H N N 485 
VAL HG23 H N N 486 
VAL HXT  H N N 487 
# 
loop_
_chem_comp_bond.comp_id 
_chem_comp_bond.atom_id_1 
_chem_comp_bond.atom_id_2 
_chem_comp_bond.value_order 
_chem_comp_bond.pdbx_aromatic_flag 
_chem_comp_bond.pdbx_stereo_config 
_chem_comp_bond.pdbx_ordinal 
ALA N   CA   sing N N 1   
ALA N   H    sing N N 2   
ALA N   H2   sing N N 3   
ALA CA  C    sing N N 4   
ALA CA  CB   sing N N 5   
ALA CA  HA   sing N N 6   
ALA C   O    doub N N 7   
ALA C   OXT  sing N N 8   
ALA CB  HB1  sing N N 9   
ALA CB  HB2  sing N N 10  
ALA CB  HB3  sing N N 11  
ALA OXT HXT  sing N N 12  
ARG N   CA   sing N N 13  
ARG N   H    sing N N 14  
ARG N   H2   sing N N 15  
ARG CA  C    sing N N 16  
ARG CA  CB   sing N N 17  
ARG CA  HA   sing N N 18  
ARG C   O    doub N N 19  
ARG C   OXT  sing N N 20  
ARG CB  CG   sing N N 21  
ARG CB  HB2  sing N N 22  
ARG CB  HB3  sing N N 23  
ARG CG  CD   sing N N 24  
ARG CG  HG2  sing N N 25  
ARG CG  HG3  sing N N 26  
ARG CD  NE   sing N N 27  
ARG CD  HD2  sing N N 28  
ARG CD  HD3  sing N N 29  
ARG NE  CZ   sing N N 30  
ARG NE  HE   sing N N 31  
ARG CZ  NH1  sing N N 32  
ARG CZ  NH2  doub N N 33  
ARG NH1 HH11 sing N N 34  
ARG NH1 HH12 sing N N 35  
ARG NH2 HH21 sing N N 36  
ARG NH2 HH22 sing N N 37  
ARG OXT HXT  sing N N 38  
ASN N   CA   sing N N 39  
ASN N   H    sing N N 40  
ASN N   H2   sing N N 41  
ASN CA  C    sing N N 42  
ASN CA  CB   sing N N 43  
ASN CA  HA   sing N N 44  
ASN C   O    doub N N 45  
ASN C   OXT  sing N N 46  
ASN CB  CG   sing N N 47  
ASN CB  HB2  sing N N 48  
ASN CB  HB3  sing N N 49  
ASN CG  OD1  doub N N 50  
ASN CG  ND2  sing N N 51  
ASN ND2 HD21 sing N N 52  
ASN ND2 HD22 sing N N 53  
ASN OXT HXT  sing N N 54  
ASP N   CA   sing N N 55  
ASP N   H    sing N N 56  
ASP N   H2   sing N N 57  
ASP CA  C    sing N N 58  
ASP CA  CB   sing N N 59  
ASP CA  HA   sing N N 60  
ASP C   O    doub N N 61  
ASP C   OXT  sing N N 62  
ASP CB  CG   sing N N 63  
ASP CB  HB2  sing N N 64  
ASP CB  HB3  sing N N 65  
ASP CG  OD1  doub N N 66  
ASP CG  OD2  sing N N 67  
ASP OD2 HD2  sing N N 68  
ASP OXT HXT  sing N N 69  
CYS N   CA   sing N N 70  
CYS N   H    sing N N 71  
CYS N   H2   sing N N 72  
CYS CA  C    sing N N 73  
CYS CA  CB   sing N N 74  
CYS CA  HA   sing N N 75  
CYS C   O    doub N N 76  
CYS C   OXT  sing N N 77  
CYS CB  SG   sing N N 78  
CYS CB  HB2  sing N N 79  
CYS CB  HB3  sing N N 80  
CYS SG  HG   sing N N 81  
CYS OXT HXT  sing N N 82  
G83 O19 C17  doub N N 83  
G83 C17 O15  sing N N 84  
G83 C17 N21  sing N N 85  
G83 O15 C13  sing N N 86  
G83 C13 C4   sing N N 87  
G83 C4  C6   sing Y N 88  
G83 C4  C2   doub Y N 89  
G83 C6  C8   doub Y N 90  
G83 C8  C10  sing Y N 91  
G83 C10 C1   doub Y N 92  
G83 C1  C2   sing Y N 93  
G83 N21 C23  sing N N 94  
G83 C23 C25  sing N N 95  
G83 C23 C31  sing N N 96  
G83 C25 C14  sing N N 97  
G83 C14 O1   doub N N 98  
G83 C14 O2   sing N N 99  
G83 O2  C29  sing N N 100 
G83 C29 C12  sing N N 101 
G83 C29 C43  sing N N 102 
G83 C29 C45  sing N N 103 
G83 C31 O35  doub N N 104 
G83 C31 N33  sing N N 105 
G83 N33 C37  sing N N 106 
G83 C37 C41  sing N N 107 
G83 C37 C39  sing N N 108 
G83 C41 C51  sing N N 109 
G83 C51 C53  sing Y N 110 
G83 C51 C55  doub Y N 111 
G83 C53 C7   doub Y N 112 
G83 C7  C9   sing Y N 113 
G83 C9  C11  doub Y N 114 
G83 C11 C55  sing Y N 115 
G83 C39 O47  doub N N 116 
G83 C39 N49  sing N N 117 
G83 N49 C57  sing N N 118 
G83 C57 C59  sing N N 119 
G83 C57 C63  sing N N 120 
G83 C59 C61  sing N N 121 
G83 C61 C73  sing N N 122 
G83 C61 C65  sing N N 123 
G83 C73 C71  sing N N 124 
G83 C71 N69  sing N N 125 
G83 N69 C65  sing N N 126 
G83 C65 O66  doub N N 127 
G83 C63 C82  sing N N 128 
G83 C82 C84  sing N N 129 
G83 C84 O88  doub N N 130 
G83 C84 O86  sing N N 131 
G83 O86 C3   sing N N 132 
G83 C3  C5   sing N N 133 
G83 N21 H21  sing N N 134 
G83 C13 H131 sing N N 135 
G83 C13 H132 sing N N 136 
G83 C6  H6   sing N N 137 
G83 C2  H2   sing N N 138 
G83 C8  H8   sing N N 139 
G83 C10 H10  sing N N 140 
G83 C1  H1   sing N N 141 
G83 C23 H23  sing N N 142 
G83 C25 H251 sing N N 143 
G83 C25 H252 sing N N 144 
G83 C12 H121 sing N N 145 
G83 C12 H122 sing N N 146 
G83 C12 H123 sing N N 147 
G83 C43 H431 sing N N 148 
G83 C43 H432 sing N N 149 
G83 C43 H433 sing N N 150 
G83 C45 H451 sing N N 151 
G83 C45 H452 sing N N 152 
G83 C45 H453 sing N N 153 
G83 N33 H33  sing N N 154 
G83 C37 H37  sing N N 155 
G83 C41 H411 sing N N 156 
G83 C41 H412 sing N N 157 
G83 C53 H53  sing N N 158 
G83 C55 H55  sing N N 159 
G83 C7  H7   sing N N 160 
G83 C9  H9   sing N N 161 
G83 C11 H11  sing N N 162 
G83 N49 H49  sing N N 163 
G83 C57 H57  sing N N 164 
G83 C59 H591 sing N N 165 
G83 C59 H592 sing N N 166 
G83 C63 H631 sing N N 167 
G83 C63 H632 sing N N 168 
G83 C61 H61  sing N N 169 
G83 C73 H731 sing N N 170 
G83 C73 H732 sing N N 171 
G83 C71 H711 sing N N 172 
G83 C71 H712 sing N N 173 
G83 N69 H69  sing N N 174 
G83 C82 H821 sing N N 175 
G83 C82 H822 sing N N 176 
G83 C3  H31C sing N N 177 
G83 C3  H32C sing N N 178 
G83 C5  H51C sing N N 179 
G83 C5  H52C sing N N 180 
G83 C5  H53C sing N N 181 
GLN N   CA   sing N N 182 
GLN N   H    sing N N 183 
GLN N   H2   sing N N 184 
GLN CA  C    sing N N 185 
GLN CA  CB   sing N N 186 
GLN CA  HA   sing N N 187 
GLN C   O    doub N N 188 
GLN C   OXT  sing N N 189 
GLN CB  CG   sing N N 190 
GLN CB  HB2  sing N N 191 
GLN CB  HB3  sing N N 192 
GLN CG  CD   sing N N 193 
GLN CG  HG2  sing N N 194 
GLN CG  HG3  sing N N 195 
GLN CD  OE1  doub N N 196 
GLN CD  NE2  sing N N 197 
GLN NE2 HE21 sing N N 198 
GLN NE2 HE22 sing N N 199 
GLN OXT HXT  sing N N 200 
GLU N   CA   sing N N 201 
GLU N   H    sing N N 202 
GLU N   H2   sing N N 203 
GLU CA  C    sing N N 204 
GLU CA  CB   sing N N 205 
GLU CA  HA   sing N N 206 
GLU C   O    doub N N 207 
GLU C   OXT  sing N N 208 
GLU CB  CG   sing N N 209 
GLU CB  HB2  sing N N 210 
GLU CB  HB3  sing N N 211 
GLU CG  CD   sing N N 212 
GLU CG  HG2  sing N N 213 
GLU CG  HG3  sing N N 214 
GLU CD  OE1  doub N N 215 
GLU CD  OE2  sing N N 216 
GLU OE2 HE2  sing N N 217 
GLU OXT HXT  sing N N 218 
GLY N   CA   sing N N 219 
GLY N   H    sing N N 220 
GLY N   H2   sing N N 221 
GLY CA  C    sing N N 222 
GLY CA  HA2  sing N N 223 
GLY CA  HA3  sing N N 224 
GLY C   O    doub N N 225 
GLY C   OXT  sing N N 226 
GLY OXT HXT  sing N N 227 
HIS N   CA   sing N N 228 
HIS N   H    sing N N 229 
HIS N   H2   sing N N 230 
HIS CA  C    sing N N 231 
HIS CA  CB   sing N N 232 
HIS CA  HA   sing N N 233 
HIS C   O    doub N N 234 
HIS C   OXT  sing N N 235 
HIS CB  CG   sing N N 236 
HIS CB  HB2  sing N N 237 
HIS CB  HB3  sing N N 238 
HIS CG  ND1  sing Y N 239 
HIS CG  CD2  doub Y N 240 
HIS ND1 CE1  doub Y N 241 
HIS ND1 HD1  sing N N 242 
HIS CD2 NE2  sing Y N 243 
HIS CD2 HD2  sing N N 244 
HIS CE1 NE2  sing Y N 245 
HIS CE1 HE1  sing N N 246 
HIS NE2 HE2  sing N N 247 
HIS OXT HXT  sing N N 248 
HOH O   H1   sing N N 249 
HOH O   H2   sing N N 250 
ILE N   CA   sing N N 251 
ILE N   H    sing N N 252 
ILE N   H2   sing N N 253 
ILE CA  C    sing N N 254 
ILE CA  CB   sing N N 255 
ILE CA  HA   sing N N 256 
ILE C   O    doub N N 257 
ILE C   OXT  sing N N 258 
ILE CB  CG1  sing N N 259 
ILE CB  CG2  sing N N 260 
ILE CB  HB   sing N N 261 
ILE CG1 CD1  sing N N 262 
ILE CG1 HG12 sing N N 263 
ILE CG1 HG13 sing N N 264 
ILE CG2 HG21 sing N N 265 
ILE CG2 HG22 sing N N 266 
ILE CG2 HG23 sing N N 267 
ILE CD1 HD11 sing N N 268 
ILE CD1 HD12 sing N N 269 
ILE CD1 HD13 sing N N 270 
ILE OXT HXT  sing N N 271 
LEU N   CA   sing N N 272 
LEU N   H    sing N N 273 
LEU N   H2   sing N N 274 
LEU CA  C    sing N N 275 
LEU CA  CB   sing N N 276 
LEU CA  HA   sing N N 277 
LEU C   O    doub N N 278 
LEU C   OXT  sing N N 279 
LEU CB  CG   sing N N 280 
LEU CB  HB2  sing N N 281 
LEU CB  HB3  sing N N 282 
LEU CG  CD1  sing N N 283 
LEU CG  CD2  sing N N 284 
LEU CG  HG   sing N N 285 
LEU CD1 HD11 sing N N 286 
LEU CD1 HD12 sing N N 287 
LEU CD1 HD13 sing N N 288 
LEU CD2 HD21 sing N N 289 
LEU CD2 HD22 sing N N 290 
LEU CD2 HD23 sing N N 291 
LEU OXT HXT  sing N N 292 
LYS N   CA   sing N N 293 
LYS N   H    sing N N 294 
LYS N   H2   sing N N 295 
LYS CA  C    sing N N 296 
LYS CA  CB   sing N N 297 
LYS CA  HA   sing N N 298 
LYS C   O    doub N N 299 
LYS C   OXT  sing N N 300 
LYS CB  CG   sing N N 301 
LYS CB  HB2  sing N N 302 
LYS CB  HB3  sing N N 303 
LYS CG  CD   sing N N 304 
LYS CG  HG2  sing N N 305 
LYS CG  HG3  sing N N 306 
LYS CD  CE   sing N N 307 
LYS CD  HD2  sing N N 308 
LYS CD  HD3  sing N N 309 
LYS CE  NZ   sing N N 310 
LYS CE  HE2  sing N N 311 
LYS CE  HE3  sing N N 312 
LYS NZ  HZ1  sing N N 313 
LYS NZ  HZ2  sing N N 314 
LYS NZ  HZ3  sing N N 315 
LYS OXT HXT  sing N N 316 
MET N   CA   sing N N 317 
MET N   H    sing N N 318 
MET N   H2   sing N N 319 
MET CA  C    sing N N 320 
MET CA  CB   sing N N 321 
MET CA  HA   sing N N 322 
MET C   O    doub N N 323 
MET C   OXT  sing N N 324 
MET CB  CG   sing N N 325 
MET CB  HB2  sing N N 326 
MET CB  HB3  sing N N 327 
MET CG  SD   sing N N 328 
MET CG  HG2  sing N N 329 
MET CG  HG3  sing N N 330 
MET SD  CE   sing N N 331 
MET CE  HE1  sing N N 332 
MET CE  HE2  sing N N 333 
MET CE  HE3  sing N N 334 
MET OXT HXT  sing N N 335 
PHE N   CA   sing N N 336 
PHE N   H    sing N N 337 
PHE N   H2   sing N N 338 
PHE CA  C    sing N N 339 
PHE CA  CB   sing N N 340 
PHE CA  HA   sing N N 341 
PHE C   O    doub N N 342 
PHE C   OXT  sing N N 343 
PHE CB  CG   sing N N 344 
PHE CB  HB2  sing N N 345 
PHE CB  HB3  sing N N 346 
PHE CG  CD1  doub Y N 347 
PHE CG  CD2  sing Y N 348 
PHE CD1 CE1  sing Y N 349 
PHE CD1 HD1  sing N N 350 
PHE CD2 CE2  doub Y N 351 
PHE CD2 HD2  sing N N 352 
PHE CE1 CZ   doub Y N 353 
PHE CE1 HE1  sing N N 354 
PHE CE2 CZ   sing Y N 355 
PHE CE2 HE2  sing N N 356 
PHE CZ  HZ   sing N N 357 
PHE OXT HXT  sing N N 358 
PRO N   CA   sing N N 359 
PRO N   CD   sing N N 360 
PRO N   H    sing N N 361 
PRO CA  C    sing N N 362 
PRO CA  CB   sing N N 363 
PRO CA  HA   sing N N 364 
PRO C   O    doub N N 365 
PRO C   OXT  sing N N 366 
PRO CB  CG   sing N N 367 
PRO CB  HB2  sing N N 368 
PRO CB  HB3  sing N N 369 
PRO CG  CD   sing N N 370 
PRO CG  HG2  sing N N 371 
PRO CG  HG3  sing N N 372 
PRO CD  HD2  sing N N 373 
PRO CD  HD3  sing N N 374 
PRO OXT HXT  sing N N 375 
SER N   CA   sing N N 376 
SER N   H    sing N N 377 
SER N   H2   sing N N 378 
SER CA  C    sing N N 379 
SER CA  CB   sing N N 380 
SER CA  HA   sing N N 381 
SER C   O    doub N N 382 
SER C   OXT  sing N N 383 
SER CB  OG   sing N N 384 
SER CB  HB2  sing N N 385 
SER CB  HB3  sing N N 386 
SER OG  HG   sing N N 387 
SER OXT HXT  sing N N 388 
THR N   CA   sing N N 389 
THR N   H    sing N N 390 
THR N   H2   sing N N 391 
THR CA  C    sing N N 392 
THR CA  CB   sing N N 393 
THR CA  HA   sing N N 394 
THR C   O    doub N N 395 
THR C   OXT  sing N N 396 
THR CB  OG1  sing N N 397 
THR CB  CG2  sing N N 398 
THR CB  HB   sing N N 399 
THR OG1 HG1  sing N N 400 
THR CG2 HG21 sing N N 401 
THR CG2 HG22 sing N N 402 
THR CG2 HG23 sing N N 403 
THR OXT HXT  sing N N 404 
TRP N   CA   sing N N 405 
TRP N   H    sing N N 406 
TRP N   H2   sing N N 407 
TRP CA  C    sing N N 408 
TRP CA  CB   sing N N 409 
TRP CA  HA   sing N N 410 
TRP C   O    doub N N 411 
TRP C   OXT  sing N N 412 
TRP CB  CG   sing N N 413 
TRP CB  HB2  sing N N 414 
TRP CB  HB3  sing N N 415 
TRP CG  CD1  doub Y N 416 
TRP CG  CD2  sing Y N 417 
TRP CD1 NE1  sing Y N 418 
TRP CD1 HD1  sing N N 419 
TRP CD2 CE2  doub Y N 420 
TRP CD2 CE3  sing Y N 421 
TRP NE1 CE2  sing Y N 422 
TRP NE1 HE1  sing N N 423 
TRP CE2 CZ2  sing Y N 424 
TRP CE3 CZ3  doub Y N 425 
TRP CE3 HE3  sing N N 426 
TRP CZ2 CH2  doub Y N 427 
TRP CZ2 HZ2  sing N N 428 
TRP CZ3 CH2  sing Y N 429 
TRP CZ3 HZ3  sing N N 430 
TRP CH2 HH2  sing N N 431 
TRP OXT HXT  sing N N 432 
TYR N   CA   sing N N 433 
TYR N   H    sing N N 434 
TYR N   H2   sing N N 435 
TYR CA  C    sing N N 436 
TYR CA  CB   sing N N 437 
TYR CA  HA   sing N N 438 
TYR C   O    doub N N 439 
TYR C   OXT  sing N N 440 
TYR CB  CG   sing N N 441 
TYR CB  HB2  sing N N 442 
TYR CB  HB3  sing N N 443 
TYR CG  CD1  doub Y N 444 
TYR CG  CD2  sing Y N 445 
TYR CD1 CE1  sing Y N 446 
TYR CD1 HD1  sing N N 447 
TYR CD2 CE2  doub Y N 448 
TYR CD2 HD2  sing N N 449 
TYR CE1 CZ   doub Y N 450 
TYR CE1 HE1  sing N N 451 
TYR CE2 CZ   sing Y N 452 
TYR CE2 HE2  sing N N 453 
TYR CZ  OH   sing N N 454 
TYR OH  HH   sing N N 455 
TYR OXT HXT  sing N N 456 
VAL N   CA   sing N N 457 
VAL N   H    sing N N 458 
VAL N   H2   sing N N 459 
VAL CA  C    sing N N 460 
VAL CA  CB   sing N N 461 
VAL CA  HA   sing N N 462 
VAL C   O    doub N N 463 
VAL C   OXT  sing N N 464 
VAL CB  CG1  sing N N 465 
VAL CB  CG2  sing N N 466 
VAL CB  HB   sing N N 467 
VAL CG1 HG11 sing N N 468 
VAL CG1 HG12 sing N N 469 
VAL CG1 HG13 sing N N 470 
VAL CG2 HG21 sing N N 471 
VAL CG2 HG22 sing N N 472 
VAL CG2 HG23 sing N N 473 
VAL OXT HXT  sing N N 474 
# 
_pdbx_initial_refinement_model.accession_code   ? 
_pdbx_initial_refinement_model.id               1 
_pdbx_initial_refinement_model.entity_id_list   ? 
_pdbx_initial_refinement_model.type             'experimental model' 
_pdbx_initial_refinement_model.source_name      Other 
_pdbx_initial_refinement_model.details          'CRYSTAL STRUCTURE OF COXSACKIEVIURS B3 3C PROTEASE' 
# 
_atom_sites.entry_id                    3ZZ9 
_atom_sites.fract_transf_matrix[1][1]   0.00190230 
_atom_sites.fract_transf_matrix[1][2]   0.00115014 
_atom_sites.fract_transf_matrix[1][3]   0.01415064 
_atom_sites.fract_transf_matrix[2][1]   0.01094135 
_atom_sites.fract_transf_matrix[2][2]   0.01078280 
_atom_sites.fract_transf_matrix[2][3]   -0.00234728 
_atom_sites.fract_transf_matrix[3][1]   -0.01595614 
_atom_sites.fract_transf_matrix[3][2]   0.01902435 
_atom_sites.fract_transf_matrix[3][3]   0.01301680 
_atom_sites.fract_transf_vector[1]      0.289032 
_atom_sites.fract_transf_vector[2]      0.003996 
_atom_sites.fract_transf_vector[3]      0.480294 
# 
loop_
_atom_type.symbol 
C 
N 
O 
S 
# 
loop_
_atom_site.group_PDB 
_atom_site.id 
_atom_site.type_symbol 
_atom_site.label_atom_id 
_atom_site.label_alt_id 
_atom_site.label_comp_id 
_atom_site.label_asym_id 
_atom_site.label_entity_id 
_atom_site.label_seq_id 
_atom_site.pdbx_PDB_ins_code 
_atom_site.Cartn_x 
_atom_site.Cartn_y 
_atom_site.Cartn_z 
_atom_site.occupancy 
_atom_site.B_iso_or_equiv 
_atom_site.pdbx_formal_charge 
_atom_site.auth_seq_id 
_atom_site.auth_comp_id 
_atom_site.auth_asym_id 
_atom_site.auth_atom_id 
_atom_site.pdbx_PDB_model_num 
ATOM   1    N N   . MET A 1 1   ? -7.883  -9.169  17.702  1.00 51.23 ? 0    MET A N   1 
ATOM   2    C CA  . MET A 1 1   ? -6.979  -8.819  16.569  1.00 50.49 ? 0    MET A CA  1 
ATOM   3    C C   . MET A 1 1   ? -6.048  -9.969  16.171  1.00 48.45 ? 0    MET A C   1 
ATOM   4    O O   . MET A 1 1   ? -5.327  -9.871  15.198  1.00 49.04 ? 0    MET A O   1 
ATOM   5    C CB  . MET A 1 1   ? -6.133  -7.593  16.920  1.00 51.16 ? 0    MET A CB  1 
ATOM   6    C CG  . MET A 1 1   ? -6.784  -6.609  17.872  1.00 55.56 ? 0    MET A CG  1 
ATOM   7    S SD  . MET A 1 1   ? -5.485  -5.654  18.703  1.00 62.08 ? 0    MET A SD  1 
ATOM   8    C CE  . MET A 1 1   ? -6.421  -5.058  20.137  1.00 63.25 ? 0    MET A CE  1 
ATOM   9    N N   . GLY A 1 2   ? -6.054  -11.047 16.938  1.00 47.01 ? 1    GLY A N   1 
ATOM   10   C CA  . GLY A 1 2   ? -5.246  -12.216 16.639  1.00 44.64 ? 1    GLY A CA  1 
ATOM   11   C C   . GLY A 1 2   ? -5.324  -12.699 15.198  1.00 43.79 ? 1    GLY A C   1 
ATOM   12   O O   . GLY A 1 2   ? -4.280  -12.805 14.531  1.00 43.04 ? 1    GLY A O   1 
ATOM   13   N N   . PRO A 1 3   ? -6.546  -13.048 14.715  1.00 42.82 ? 2    PRO A N   1 
ATOM   14   C CA  . PRO A 1 3   ? -6.664  -13.450 13.311  1.00 41.16 ? 2    PRO A CA  1 
ATOM   15   C C   . PRO A 1 3   ? -6.235  -12.349 12.321  1.00 39.26 ? 2    PRO A C   1 
ATOM   16   O O   . PRO A 1 3   ? -5.751  -12.664 11.253  1.00 38.07 ? 2    PRO A O   1 
ATOM   17   C CB  . PRO A 1 3   ? -8.180  -13.749 13.156  1.00 42.92 ? 2    PRO A CB  1 
ATOM   18   C CG  . PRO A 1 3   ? -8.685  -13.973 14.569  1.00 42.17 ? 2    PRO A CG  1 
ATOM   19   C CD  . PRO A 1 3   ? -7.874  -12.971 15.355  1.00 42.72 ? 2    PRO A CD  1 
ATOM   20   N N   . ALA A 1 4   ? -6.422  -11.071 12.643  1.00 38.39 ? 3    ALA A N   1 
ATOM   21   C CA  . ALA A 1 4   ? -5.926  -10.034 11.721  1.00 37.63 ? 3    ALA A CA  1 
ATOM   22   C C   . ALA A 1 4   ? -4.392  -10.106 11.611  1.00 35.82 ? 3    ALA A C   1 
ATOM   23   O O   . ALA A 1 4   ? -3.868  -10.087 10.511  1.00 37.12 ? 3    ALA A O   1 
ATOM   24   C CB  . ALA A 1 4   ? -6.368  -8.675  12.146  1.00 37.71 ? 3    ALA A CB  1 
ATOM   25   N N   . PHE A 1 5   ? -3.700  -10.294 12.743  1.00 35.16 ? 4    PHE A N   1 
ATOM   26   C CA  . PHE A 1 5   ? -2.250  -10.415 12.731  1.00 34.44 ? 4    PHE A CA  1 
ATOM   27   C C   . PHE A 1 5   ? -1.825  -11.624 11.945  1.00 33.74 ? 4    PHE A C   1 
ATOM   28   O O   . PHE A 1 5   ? -0.887  -11.584 11.165  1.00 31.39 ? 4    PHE A O   1 
ATOM   29   C CB  . PHE A 1 5   ? -1.715  -10.559 14.156  1.00 36.19 ? 4    PHE A CB  1 
ATOM   30   C CG  . PHE A 1 5   ? -0.175  -10.702 14.257  1.00 37.47 ? 4    PHE A CG  1 
ATOM   31   C CD1 . PHE A 1 5   ? 0.691   -9.624  13.909  1.00 41.92 ? 4    PHE A CD1 1 
ATOM   32   C CD2 . PHE A 1 5   ? 0.415   -11.886 14.772  1.00 37.36 ? 4    PHE A CD2 1 
ATOM   33   C CE1 . PHE A 1 5   ? 2.116   -9.739  14.070  1.00 37.27 ? 4    PHE A CE1 1 
ATOM   34   C CE2 . PHE A 1 5   ? 1.802   -11.994 14.957  1.00 40.83 ? 4    PHE A CE2 1 
ATOM   35   C CZ  . PHE A 1 5   ? 2.663   -10.926 14.590  1.00 40.02 ? 4    PHE A CZ  1 
ATOM   36   N N   . GLU A 1 6   ? -2.517  -12.751 12.186  1.00 33.61 ? 5    GLU A N   1 
ATOM   37   C CA  . GLU A 1 6   ? -2.159  -13.962 11.480  1.00 32.50 ? 5    GLU A CA  1 
ATOM   38   C C   . GLU A 1 6   ? -2.345  -13.817 10.002  1.00 31.36 ? 5    GLU A C   1 
ATOM   39   O O   . GLU A 1 6   ? -1.460  -14.276 9.258   1.00 30.85 ? 5    GLU A O   1 
ATOM   40   C CB  . GLU A 1 6   ? -2.926  -15.178 12.075  1.00 34.24 ? 5    GLU A CB  1 
ATOM   41   C CG  . GLU A 1 6   ? -2.006  -16.332 12.371  1.00 36.34 ? 5    GLU A CG  1 
ATOM   42   C CD  . GLU A 1 6   ? -2.695  -17.398 13.227  1.00 42.89 ? 5    GLU A CD  1 
ATOM   43   O OE1 . GLU A 1 6   ? -3.605  -18.041 12.689  1.00 41.37 ? 5    GLU A OE1 1 
ATOM   44   O OE2 . GLU A 1 6   ? -2.341  -17.560 14.419  1.00 43.95 ? 5    GLU A OE2 1 
ATOM   45   N N   . PHE A 1 7   ? -3.467  -13.222 9.549   1.00 31.14 ? 6    PHE A N   1 
ATOM   46   C CA  . PHE A 1 7   ? -3.669  -12.894 8.111   1.00 30.13 ? 6    PHE A CA  1 
ATOM   47   C C   . PHE A 1 7   ? -2.522  -11.997 7.551   1.00 29.06 ? 6    PHE A C   1 
ATOM   48   O O   . PHE A 1 7   ? -1.879  -12.299 6.518   1.00 24.80 ? 6    PHE A O   1 
ATOM   49   C CB  . PHE A 1 7   ? -5.003  -12.171 7.895   1.00 30.67 ? 6    PHE A CB  1 
ATOM   50   C CG  . PHE A 1 7   ? -5.274  -11.788 6.447   1.00 32.25 ? 6    PHE A CG  1 
ATOM   51   C CD1 . PHE A 1 7   ? -5.462  -12.769 5.457   1.00 34.33 ? 6    PHE A CD1 1 
ATOM   52   C CD2 . PHE A 1 7   ? -5.408  -10.456 6.073   1.00 32.50 ? 6    PHE A CD2 1 
ATOM   53   C CE1 . PHE A 1 7   ? -5.737  -12.395 4.132   1.00 31.76 ? 6    PHE A CE1 1 
ATOM   54   C CE2 . PHE A 1 7   ? -5.697  -10.076 4.754   1.00 34.59 ? 6    PHE A CE2 1 
ATOM   55   C CZ  . PHE A 1 7   ? -5.860  -11.034 3.768   1.00 30.56 ? 6    PHE A CZ  1 
ATOM   56   N N   . ALA A 1 8   ? -2.256  -10.892 8.230   1.00 27.33 ? 7    ALA A N   1 
ATOM   57   C CA  . ALA A 1 8   ? -1.132  -9.960  7.827   1.00 27.65 ? 7    ALA A CA  1 
ATOM   58   C C   . ALA A 1 8   ? 0.225   -10.610 7.626   1.00 28.25 ? 7    ALA A C   1 
ATOM   59   O O   . ALA A 1 8   ? 0.858   -10.457 6.543   1.00 30.32 ? 7    ALA A O   1 
ATOM   60   C CB  . ALA A 1 8   ? -1.044  -8.784  8.862   1.00 26.10 ? 7    ALA A CB  1 
ATOM   61   N N   . VAL A 1 9   ? 0.660   -11.414 8.599   1.00 29.52 ? 8    VAL A N   1 
ATOM   62   C CA  . VAL A 1 9   ? 1.963   -12.081 8.550   1.00 30.20 ? 8    VAL A CA  1 
ATOM   63   C C   . VAL A 1 9   ? 2.022   -12.982 7.324   1.00 30.39 ? 8    VAL A C   1 
ATOM   64   O O   . VAL A 1 9   ? 3.000   -12.943 6.563   1.00 28.86 ? 8    VAL A O   1 
ATOM   65   C CB  . VAL A 1 9   ? 2.281   -12.944 9.804   1.00 32.08 ? 8    VAL A CB  1 
ATOM   66   C CG1 . VAL A 1 9   ? 3.532   -13.856 9.551   1.00 33.51 ? 8    VAL A CG1 1 
ATOM   67   C CG2 . VAL A 1 9   ? 2.558   -12.107 10.968  1.00 28.68 ? 8    VAL A CG2 1 
ATOM   68   N N   . ALA A 1 10  ? 0.993   -13.798 7.144   1.00 30.33 ? 9    ALA A N   1 
ATOM   69   C CA  . ALA A 1 10  ? 0.930   -14.630 5.914   1.00 30.22 ? 9    ALA A CA  1 
ATOM   70   C C   . ALA A 1 10  ? 0.850   -13.830 4.597   1.00 30.03 ? 9    ALA A C   1 
ATOM   71   O O   . ALA A 1 10  ? 1.490   -14.211 3.565   1.00 30.01 ? 9    ALA A O   1 
ATOM   72   C CB  . ALA A 1 10  ? -0.200  -15.570 5.977   1.00 31.02 ? 9    ALA A CB  1 
ATOM   73   N N   . MET A 1 11  ? -0.005  -12.799 4.541   1.00 28.26 ? 10   MET A N   1 
ATOM   74   C CA  . MET A 1 11  ? 0.003   -11.895 3.365   1.00 27.47 ? 10   MET A CA  1 
ATOM   75   C C   . MET A 1 11  ? 1.398   -11.341 3.019   1.00 27.50 ? 10   MET A C   1 
ATOM   76   O O   . MET A 1 11  ? 1.827   -11.350 1.848   1.00 28.42 ? 10   MET A O   1 
ATOM   77   C CB  . MET A 1 11  ? -0.934  -10.713 3.578   1.00 24.59 ? 10   MET A CB  1 
ATOM   78   C CG  . MET A 1 11  ? -1.189  -9.851  2.344   1.00 25.16 ? 10   MET A CG  1 
ATOM   79   S SD  . MET A 1 11  ? -1.607  -10.725 0.782   1.00 32.88 ? 10   MET A SD  1 
ATOM   80   C CE  . MET A 1 11  ? -3.315  -11.068 1.111   1.00 32.72 ? 10   MET A CE  1 
ATOM   81   N N   . MET A 1 12  ? 2.067   -10.803 4.014   1.00 27.99 ? 11   MET A N   1 
ATOM   82   C CA  . MET A 1 12  ? 3.337   -10.105 3.775   1.00 30.43 ? 11   MET A CA  1 
ATOM   83   C C   . MET A 1 12  ? 4.393   -11.118 3.383   1.00 31.43 ? 11   MET A C   1 
ATOM   84   O O   . MET A 1 12  ? 5.274   -10.849 2.542   1.00 31.64 ? 11   MET A O   1 
ATOM   85   C CB  . MET A 1 12  ? 3.755   -9.392  5.040   1.00 29.45 ? 11   MET A CB  1 
ATOM   86   C CG  . MET A 1 12  ? 2.815   -8.241  5.424   1.00 26.07 ? 11   MET A CG  1 
ATOM   87   S SD  . MET A 1 12  ? 2.725   -6.915  4.263   1.00 28.67 ? 11   MET A SD  1 
ATOM   88   C CE  . MET A 1 12  ? 4.315   -6.201  4.553   1.00 23.18 ? 11   MET A CE  1 
ATOM   89   N N   . LYS A 1 13  ? 4.313   -12.320 3.975   1.00 32.78 ? 12   LYS A N   1 
ATOM   90   C CA  . LYS A 1 13  ? 5.255   -13.400 3.568   1.00 34.87 ? 12   LYS A CA  1 
ATOM   91   C C   . LYS A 1 13  ? 5.064   -13.737 2.107   1.00 35.08 ? 12   LYS A C   1 
ATOM   92   O O   . LYS A 1 13  ? 6.033   -13.895 1.321   1.00 34.88 ? 12   LYS A O   1 
ATOM   93   C CB  . LYS A 1 13  ? 5.038   -14.668 4.424   1.00 35.14 ? 12   LYS A CB  1 
ATOM   94   C CG  . LYS A 1 13  ? 6.242   -15.599 4.565   1.00 42.34 ? 12   LYS A CG  1 
ATOM   95   C CD  . LYS A 1 13  ? 5.963   -16.697 5.625   1.00 47.95 ? 12   LYS A CD  1 
ATOM   96   C CE  . LYS A 1 13  ? 7.142   -17.673 5.843   1.00 49.94 ? 12   LYS A CE  1 
ATOM   97   N NZ  . LYS A 1 13  ? 7.159   -18.784 4.800   1.00 53.44 ? 12   LYS A NZ  1 
ATOM   98   N N   . ARG A 1 14  ? 3.806   -13.874 1.747   1.00 36.59 ? 13   ARG A N   1 
ATOM   99   C CA  . ARG A 1 14  ? 3.433   -14.285 0.419   1.00 37.29 ? 13   ARG A CA  1 
ATOM   100  C C   . ARG A 1 14  ? 3.577   -13.197 -0.653  1.00 36.00 ? 13   ARG A C   1 
ATOM   101  O O   . ARG A 1 14  ? 4.048   -13.473 -1.743  1.00 35.87 ? 13   ARG A O   1 
ATOM   102  C CB  . ARG A 1 14  ? 2.007   -14.846 0.467   1.00 38.97 ? 13   ARG A CB  1 
ATOM   103  C CG  . ARG A 1 14  ? 1.613   -15.656 -0.775  1.00 42.51 ? 13   ARG A CG  1 
ATOM   104  C CD  . ARG A 1 14  ? 2.223   -17.075 -0.745  1.00 51.75 ? 13   ARG A CD  1 
ATOM   105  N NE  . ARG A 1 14  ? 1.956   -17.807 -1.992  1.00 54.13 ? 13   ARG A NE  1 
ATOM   106  C CZ  . ARG A 1 14  ? 0.922   -18.628 -2.186  1.00 57.89 ? 13   ARG A CZ  1 
ATOM   107  N NH1 . ARG A 1 14  ? 0.030   -18.854 -1.220  1.00 57.99 ? 13   ARG A NH1 1 
ATOM   108  N NH2 . ARG A 1 14  ? 0.780   -19.232 -3.365  1.00 59.49 ? 13   ARG A NH2 1 
ATOM   109  N N   . ASN A 1 15  ? 3.176   -11.961 -0.364  1.00 33.51 ? 14   ASN A N   1 
ATOM   110  C CA  . ASN A 1 15  ? 3.007   -10.994 -1.437  1.00 32.41 ? 14   ASN A CA  1 
ATOM   111  C C   . ASN A 1 15  ? 3.820   -9.698  -1.356  1.00 32.38 ? 14   ASN A C   1 
ATOM   112  O O   . ASN A 1 15  ? 3.693   -8.822  -2.198  1.00 34.60 ? 14   ASN A O   1 
ATOM   113  C CB  . ASN A 1 15  ? 1.515   -10.660 -1.620  1.00 31.36 ? 14   ASN A CB  1 
ATOM   114  C CG  . ASN A 1 15  ? 0.793   -11.648 -2.548  1.00 33.96 ? 14   ASN A CG  1 
ATOM   115  O OD1 . ASN A 1 15  ? 0.354   -11.275 -3.634  1.00 37.77 ? 14   ASN A OD1 1 
ATOM   116  N ND2 . ASN A 1 15  ? 0.611   -12.877 -2.074  1.00 34.46 ? 14   ASN A ND2 1 
ATOM   117  N N   . SER A 1 16  ? 4.668   -9.539  -0.363  1.00 31.98 ? 15   SER A N   1 
ATOM   118  C CA  . SER A 1 16  ? 5.250   -8.211  -0.222  1.00 30.97 ? 15   SER A CA  1 
ATOM   119  C C   . SER A 1 16  ? 6.740   -8.265  -0.418  1.00 30.31 ? 15   SER A C   1 
ATOM   120  O O   . SER A 1 16  ? 7.330   -9.326  -0.264  1.00 30.76 ? 15   SER A O   1 
ATOM   121  C CB  . SER A 1 16  ? 4.922   -7.681  1.182   1.00 28.46 ? 15   SER A CB  1 
ATOM   122  O OG  . SER A 1 16  ? 5.803   -8.235  2.157   1.00 31.37 ? 15   SER A OG  1 
ATOM   123  N N   . SER A 1 17  ? 7.352   -7.111  -0.683  1.00 30.14 ? 16   SER A N   1 
ATOM   124  C CA  . SER A 1 17  ? 8.794   -7.028  -0.812  1.00 30.65 ? 16   SER A CA  1 
ATOM   125  C C   . SER A 1 17  ? 9.245   -5.637  -0.405  1.00 31.18 ? 16   SER A C   1 
ATOM   126  O O   . SER A 1 17  ? 8.398   -4.796  0.007   1.00 29.61 ? 16   SER A O   1 
ATOM   127  C CB  . SER A 1 17  ? 9.201   -7.322  -2.246  1.00 30.23 ? 16   SER A CB  1 
ATOM   128  O OG  . SER A 1 17  ? 8.494   -6.480  -3.156  1.00 33.67 ? 16   SER A OG  1 
ATOM   129  N N   . THR A 1 18  ? 10.555  -5.390  -0.444  1.00 29.63 ? 17   THR A N   1 
ATOM   130  C CA  . THR A 1 18  ? 11.071  -4.083  0.005   1.00 31.64 ? 17   THR A CA  1 
ATOM   131  C C   . THR A 1 18  ? 11.575  -3.459  -1.229  1.00 32.02 ? 17   THR A C   1 
ATOM   132  O O   . THR A 1 18  ? 12.274  -4.133  -1.986  1.00 33.97 ? 17   THR A O   1 
ATOM   133  C CB  . THR A 1 18  ? 12.191  -4.257  0.993   1.00 31.97 ? 17   THR A CB  1 
ATOM   134  O OG1 . THR A 1 18  ? 11.698  -4.897  2.167   1.00 30.68 ? 17   THR A OG1 1 
ATOM   135  C CG2 . THR A 1 18  ? 12.890  -2.936  1.391   1.00 32.08 ? 17   THR A CG2 1 
ATOM   136  N N   . VAL A 1 19  ? 11.193  -2.207  -1.490  1.00 31.72 ? 18   VAL A N   1 
ATOM   137  C CA  . VAL A 1 19  ? 11.560  -1.570  -2.787  1.00 33.16 ? 18   VAL A CA  1 
ATOM   138  C C   . VAL A 1 19  ? 12.336  -0.331  -2.449  1.00 33.67 ? 18   VAL A C   1 
ATOM   139  O O   . VAL A 1 19  ? 11.943  0.424   -1.507  1.00 31.89 ? 18   VAL A O   1 
ATOM   140  C CB  . VAL A 1 19  ? 10.302  -1.247  -3.645  1.00 33.30 ? 18   VAL A CB  1 
ATOM   141  C CG1 . VAL A 1 19  ? 10.568  -0.276  -4.785  1.00 35.64 ? 18   VAL A CG1 1 
ATOM   142  C CG2 . VAL A 1 19  ? 9.767   -2.532  -4.196  1.00 32.32 ? 18   VAL A CG2 1 
ATOM   143  N N   . LYS A 1 20  ? 13.438  -0.123  -3.176  1.00 31.88 ? 19   LYS A N   1 
ATOM   144  C CA  . LYS A 1 20  ? 14.054  1.174   -3.153  1.00 32.23 ? 19   LYS A CA  1 
ATOM   145  C C   . LYS A 1 20  ? 13.924  1.908   -4.491  1.00 32.62 ? 19   LYS A C   1 
ATOM   146  O O   . LYS A 1 20  ? 14.074  1.321   -5.597  1.00 32.64 ? 19   LYS A O   1 
ATOM   147  C CB  . LYS A 1 20  ? 15.466  1.134   -2.537  1.00 32.31 ? 19   LYS A CB  1 
ATOM   148  C CG  . LYS A 1 20  ? 16.164  2.491   -2.571  1.00 36.92 ? 19   LYS A CG  1 
ATOM   149  C CD  . LYS A 1 20  ? 17.602  2.446   -1.940  1.00 45.59 ? 19   LYS A CD  1 
ATOM   150  C CE  . LYS A 1 20  ? 18.436  3.659   -2.423  1.00 49.90 ? 19   LYS A CE  1 
ATOM   151  N NZ  . LYS A 1 20  ? 18.894  3.454   -3.875  1.00 51.86 ? 19   LYS A NZ  1 
ATOM   152  N N   . THR A 1 21  ? 13.494  3.158   -4.408  1.00 32.85 ? 20   THR A N   1 
ATOM   153  C CA  . THR A 1 21  ? 13.533  4.018   -5.579  1.00 34.20 ? 20   THR A CA  1 
ATOM   154  C C   . THR A 1 21  ? 14.377  5.227   -5.265  1.00 34.41 ? 20   THR A C   1 
ATOM   155  O O   . THR A 1 21  ? 14.809  5.469   -4.094  1.00 32.75 ? 20   THR A O   1 
ATOM   156  C CB  . THR A 1 21  ? 12.154  4.507   -6.079  1.00 34.11 ? 20   THR A CB  1 
ATOM   157  O OG1 . THR A 1 21  ? 11.611  5.495   -5.171  1.00 34.06 ? 20   THR A OG1 1 
ATOM   158  C CG2 . THR A 1 21  ? 11.197  3.354   -6.263  1.00 35.44 ? 20   THR A CG2 1 
ATOM   159  N N   . GLU A 1 22  ? 14.529  6.045   -6.314  1.00 33.13 ? 21   GLU A N   1 
ATOM   160  C CA  . GLU A 1 22  ? 15.416  7.135   -6.224  1.00 33.04 ? 21   GLU A CA  1 
ATOM   161  C C   . GLU A 1 22  ? 14.864  8.021   -5.143  1.00 30.84 ? 21   GLU A C   1 
ATOM   162  O O   . GLU A 1 22  ? 15.622  8.819   -4.650  1.00 30.94 ? 21   GLU A O   1 
ATOM   163  C CB  . GLU A 1 22  ? 15.550  7.904   -7.573  1.00 34.57 ? 21   GLU A CB  1 
ATOM   164  C CG  . GLU A 1 22  ? 16.346  7.160   -8.631  1.00 37.71 ? 21   GLU A CG  1 
ATOM   165  C CD  . GLU A 1 22  ? 15.486  6.234   -9.466  1.00 45.75 ? 21   GLU A CD  1 
ATOM   166  O OE1 . GLU A 1 22  ? 14.309  6.064   -9.081  1.00 45.43 ? 21   GLU A OE1 1 
ATOM   167  O OE2 . GLU A 1 22  ? 15.969  5.670   -10.513 1.00 43.32 ? 21   GLU A OE2 1 
ATOM   168  N N   . TYR A 1 23  ? 13.580  7.867   -4.795  1.00 30.42 ? 22   TYR A N   1 
ATOM   169  C CA  . TYR A 1 23  ? 12.845  8.689   -3.749  1.00 29.58 ? 22   TYR A CA  1 
ATOM   170  C C   . TYR A 1 23  ? 12.748  8.032   -2.357  1.00 31.64 ? 22   TYR A C   1 
ATOM   171  O O   . TYR A 1 23  ? 12.351  8.681   -1.347  1.00 30.08 ? 22   TYR A O   1 
ATOM   172  C CB  . TYR A 1 23  ? 11.418  9.106   -4.242  1.00 30.88 ? 22   TYR A CB  1 
ATOM   173  C CG  . TYR A 1 23  ? 11.521  10.284  -5.219  1.00 31.81 ? 22   TYR A CG  1 
ATOM   174  C CD1 . TYR A 1 23  ? 11.957  10.068  -6.519  1.00 30.64 ? 22   TYR A CD1 1 
ATOM   175  C CD2 . TYR A 1 23  ? 11.305  11.611  -4.799  1.00 31.63 ? 22   TYR A CD2 1 
ATOM   176  C CE1 . TYR A 1 23  ? 12.158  11.130  -7.402  1.00 31.55 ? 22   TYR A CE1 1 
ATOM   177  C CE2 . TYR A 1 23  ? 11.502  12.696  -5.692  1.00 32.52 ? 22   TYR A CE2 1 
ATOM   178  C CZ  . TYR A 1 23  ? 11.946  12.404  -7.005  1.00 31.67 ? 22   TYR A CZ  1 
ATOM   179  O OH  . TYR A 1 23  ? 12.148  13.424  -7.905  1.00 31.85 ? 22   TYR A OH  1 
ATOM   180  N N   . GLY A 1 24  ? 13.139  6.764   -2.281  1.00 29.80 ? 23   GLY A N   1 
ATOM   181  C CA  . GLY A 1 24  ? 13.330  6.151   -0.958  1.00 30.93 ? 23   GLY A CA  1 
ATOM   182  C C   . GLY A 1 24  ? 13.056  4.683   -0.952  1.00 29.72 ? 23   GLY A C   1 
ATOM   183  O O   . GLY A 1 24  ? 13.068  4.036   -2.027  1.00 29.04 ? 23   GLY A O   1 
ATOM   184  N N   . GLU A 1 25  ? 12.892  4.141   0.266   1.00 29.12 ? 24   GLU A N   1 
ATOM   185  C CA  . GLU A 1 25  ? 12.636  2.707   0.458   1.00 27.87 ? 24   GLU A CA  1 
ATOM   186  C C   . GLU A 1 25  ? 11.210  2.501   0.921   1.00 27.46 ? 24   GLU A C   1 
ATOM   187  O O   . GLU A 1 25  ? 10.709  3.218   1.832   1.00 24.55 ? 24   GLU A O   1 
ATOM   188  C CB  . GLU A 1 25  ? 13.604  2.172   1.499   1.00 28.39 ? 24   GLU A CB  1 
ATOM   189  C CG  . GLU A 1 25  ? 13.637  0.707   1.582   1.00 33.03 ? 24   GLU A CG  1 
ATOM   190  C CD  . GLU A 1 25  ? 14.461  0.197   2.780   1.00 39.81 ? 24   GLU A CD  1 
ATOM   191  O OE1 . GLU A 1 25  ? 14.647  0.896   3.816   1.00 44.29 ? 24   GLU A OE1 1 
ATOM   192  O OE2 . GLU A 1 25  ? 14.945  -0.915  2.641   1.00 42.45 ? 24   GLU A OE2 1 
ATOM   193  N N   . PHE A 1 26  ? 10.531  1.559   0.312   1.00 26.10 ? 25   PHE A N   1 
ATOM   194  C CA  . PHE A 1 26  ? 9.106   1.452   0.602   1.00 26.19 ? 25   PHE A CA  1 
ATOM   195  C C   . PHE A 1 26  ? 8.774   -0.003  0.753   1.00 27.11 ? 25   PHE A C   1 
ATOM   196  O O   . PHE A 1 26  ? 9.464   -0.886  0.193   1.00 25.48 ? 25   PHE A O   1 
ATOM   197  C CB  . PHE A 1 26  ? 8.261   1.998   -0.562  1.00 27.09 ? 25   PHE A CB  1 
ATOM   198  C CG  . PHE A 1 26  ? 8.505   3.471   -0.868  1.00 29.62 ? 25   PHE A CG  1 
ATOM   199  C CD1 . PHE A 1 26  ? 9.553   3.861   -1.733  1.00 34.93 ? 25   PHE A CD1 1 
ATOM   200  C CD2 . PHE A 1 26  ? 7.728   4.461   -0.249  1.00 29.21 ? 25   PHE A CD2 1 
ATOM   201  C CE1 . PHE A 1 26  ? 9.787   5.270   -1.996  1.00 32.63 ? 25   PHE A CE1 1 
ATOM   202  C CE2 . PHE A 1 26  ? 7.951   5.833   -0.517  1.00 35.22 ? 25   PHE A CE2 1 
ATOM   203  C CZ  . PHE A 1 26  ? 9.000   6.216   -1.389  1.00 35.44 ? 25   PHE A CZ  1 
ATOM   204  N N   . THR A 1 27  ? 7.669   -0.258  1.435   1.00 25.84 ? 26   THR A N   1 
ATOM   205  C CA  . THR A 1 27  ? 7.016   -1.616  1.330   1.00 26.36 ? 26   THR A CA  1 
ATOM   206  C C   . THR A 1 27  ? 6.224   -1.677  0.035   1.00 26.66 ? 26   THR A C   1 
ATOM   207  O O   . THR A 1 27  ? 5.586   -0.692  -0.364  1.00 27.40 ? 26   THR A O   1 
ATOM   208  C CB  . THR A 1 27  ? 6.091   -1.838  2.528   1.00 24.51 ? 26   THR A CB  1 
ATOM   209  O OG1 . THR A 1 27  ? 6.878   -1.747  3.687   1.00 24.97 ? 26   THR A OG1 1 
ATOM   210  C CG2 . THR A 1 27  ? 5.469   -3.229  2.478   1.00 24.60 ? 26   THR A CG2 1 
ATOM   211  N N   . MET A 1 28  ? 6.306   -2.816  -0.665  1.00 26.76 ? 27   MET A N   1 
ATOM   212  C CA  . MET A 1 28  ? 5.566   -3.026  -1.946  1.00 28.84 ? 27   MET A CA  1 
ATOM   213  C C   . MET A 1 28  ? 4.745   -4.304  -1.901  1.00 27.78 ? 27   MET A C   1 
ATOM   214  O O   . MET A 1 28  ? 5.225   -5.347  -1.423  1.00 29.47 ? 27   MET A O   1 
ATOM   215  C CB  . MET A 1 28  ? 6.511   -3.134  -3.187  1.00 25.92 ? 27   MET A CB  1 
ATOM   216  C CG  . MET A 1 28  ? 5.775   -3.316  -4.466  1.00 31.82 ? 27   MET A CG  1 
ATOM   217  S SD  . MET A 1 28  ? 6.759   -3.188  -5.995  1.00 34.05 ? 27   MET A SD  1 
ATOM   218  C CE  . MET A 1 28  ? 7.434   -4.828  -6.001  1.00 33.48 ? 27   MET A CE  1 
ATOM   219  N N   . LEU A 1 29  ? 3.525   -4.195  -2.423  1.00 27.57 ? 28   LEU A N   1 
ATOM   220  C CA  . LEU A 1 29  ? 2.548   -5.284  -2.398  1.00 28.93 ? 28   LEU A CA  1 
ATOM   221  C C   . LEU A 1 29  ? 2.261   -5.726  -3.821  1.00 27.63 ? 28   LEU A C   1 
ATOM   222  O O   . LEU A 1 29  ? 1.836   -4.928  -4.695  1.00 28.56 ? 28   LEU A O   1 
ATOM   223  C CB  . LEU A 1 29  ? 1.205   -4.947  -1.728  1.00 27.04 ? 28   LEU A CB  1 
ATOM   224  C CG  . LEU A 1 29  ? 0.287   -6.159  -1.392  1.00 28.64 ? 28   LEU A CG  1 
ATOM   225  C CD1 . LEU A 1 29  ? 0.767   -7.118  -0.283  1.00 27.34 ? 28   LEU A CD1 1 
ATOM   226  C CD2 . LEU A 1 29  ? -1.162  -5.713  -1.086  1.00 29.25 ? 28   LEU A CD2 1 
ATOM   227  N N   . GLY A 1 30  ? 2.497   -7.012  -4.018  1.00 29.93 ? 29   GLY A N   1 
ATOM   228  C CA  . GLY A 1 30  ? 2.314   -7.640  -5.331  1.00 32.72 ? 29   GLY A CA  1 
ATOM   229  C C   . GLY A 1 30  ? 0.864   -8.040  -5.319  1.00 33.89 ? 29   GLY A C   1 
ATOM   230  O O   . GLY A 1 30  ? 0.385   -8.530  -4.307  1.00 35.15 ? 29   GLY A O   1 
ATOM   231  N N   . ILE A 1 31  ? 0.151   -7.837  -6.415  1.00 35.02 ? 30   ILE A N   1 
ATOM   232  C CA  . ILE A 1 31  ? -1.308  -8.056  -6.414  1.00 36.48 ? 30   ILE A CA  1 
ATOM   233  C C   . ILE A 1 31  ? -1.792  -9.330  -7.163  1.00 38.20 ? 30   ILE A C   1 
ATOM   234  O O   . ILE A 1 31  ? -2.514  -10.170 -6.606  1.00 35.74 ? 30   ILE A O   1 
ATOM   235  C CB  . ILE A 1 31  ? -2.016  -6.807  -6.949  1.00 36.18 ? 30   ILE A CB  1 
ATOM   236  C CG1 . ILE A 1 31  ? -1.551  -5.554  -6.194  1.00 34.97 ? 30   ILE A CG1 1 
ATOM   237  C CG2 . ILE A 1 31  ? -3.544  -6.913  -6.810  1.00 38.91 ? 30   ILE A CG2 1 
ATOM   238  C CD1 . ILE A 1 31  ? -1.822  -5.609  -4.693  1.00 37.70 ? 30   ILE A CD1 1 
ATOM   239  N N   . TYR A 1 32  ? -1.408  -9.456  -8.432  1.00 39.76 ? 31   TYR A N   1 
ATOM   240  C CA  . TYR A 1 32  ? -1.727  -10.654 -9.207  1.00 41.38 ? 31   TYR A CA  1 
ATOM   241  C C   . TYR A 1 32  ? -0.733  -10.701 -10.347 1.00 42.07 ? 31   TYR A C   1 
ATOM   242  O O   . TYR A 1 32  ? -0.111  -9.670  -10.704 1.00 40.70 ? 31   TYR A O   1 
ATOM   243  C CB  . TYR A 1 32  ? -3.185  -10.622 -9.743  1.00 41.62 ? 31   TYR A CB  1 
ATOM   244  C CG  . TYR A 1 32  ? -3.394  -9.780  -10.979 1.00 45.46 ? 31   TYR A CG  1 
ATOM   245  C CD1 . TYR A 1 32  ? -3.451  -8.386  -10.896 1.00 48.08 ? 31   TYR A CD1 1 
ATOM   246  C CD2 . TYR A 1 32  ? -3.536  -10.374 -12.253 1.00 49.91 ? 31   TYR A CD2 1 
ATOM   247  C CE1 . TYR A 1 32  ? -3.639  -7.593  -12.037 1.00 50.58 ? 31   TYR A CE1 1 
ATOM   248  C CE2 . TYR A 1 32  ? -3.716  -9.578  -13.409 1.00 50.47 ? 31   TYR A CE2 1 
ATOM   249  C CZ  . TYR A 1 32  ? -3.768  -8.193  -13.282 1.00 53.43 ? 31   TYR A CZ  1 
ATOM   250  O OH  . TYR A 1 32  ? -3.932  -7.379  -14.384 1.00 55.35 ? 31   TYR A OH  1 
ATOM   251  N N   . ASP A 1 33  ? -0.577  -11.875 -10.942 1.00 43.64 ? 32   ASP A N   1 
ATOM   252  C CA  . ASP A 1 33  ? 0.263   -11.929 -12.113 1.00 45.62 ? 32   ASP A CA  1 
ATOM   253  C C   . ASP A 1 33  ? 1.613   -11.220 -11.867 1.00 45.67 ? 32   ASP A C   1 
ATOM   254  O O   . ASP A 1 33  ? 2.483   -11.697 -11.142 1.00 45.53 ? 32   ASP A O   1 
ATOM   255  C CB  . ASP A 1 33  ? -0.452  -11.216 -13.295 1.00 46.37 ? 32   ASP A CB  1 
ATOM   256  C CG  . ASP A 1 33  ? 0.351   -11.307 -14.603 1.00 49.32 ? 32   ASP A CG  1 
ATOM   257  O OD1 . ASP A 1 33  ? 0.877   -12.420 -14.853 1.00 49.96 ? 32   ASP A OD1 1 
ATOM   258  O OD2 . ASP A 1 33  ? 0.483   -10.286 -15.331 1.00 47.93 ? 32   ASP A OD2 1 
ATOM   259  N N   . ARG A 1 34  ? 1.772   -10.057 -12.475 1.00 45.61 ? 33   ARG A N   1 
ATOM   260  C CA  . ARG A 1 34  ? 3.066   -9.437  -12.467 1.00 46.33 ? 33   ARG A CA  1 
ATOM   261  C C   . ARG A 1 34  ? 2.987   -7.997  -12.039 1.00 45.31 ? 33   ARG A C   1 
ATOM   262  O O   . ARG A 1 34  ? 3.959   -7.269  -12.164 1.00 45.64 ? 33   ARG A O   1 
ATOM   263  C CB  . ARG A 1 34  ? 3.626   -9.508  -13.871 1.00 46.95 ? 33   ARG A CB  1 
ATOM   264  C CG  . ARG A 1 34  ? 5.089   -9.647  -13.927 1.00 49.17 ? 33   ARG A CG  1 
ATOM   265  C CD  . ARG A 1 34  ? 5.403   -10.386 -15.238 1.00 54.82 ? 33   ARG A CD  1 
ATOM   266  N NE  . ARG A 1 34  ? 5.305   -11.839 -15.067 1.00 58.50 ? 33   ARG A NE  1 
ATOM   267  C CZ  . ARG A 1 34  ? 4.781   -12.668 -15.966 1.00 61.02 ? 33   ARG A CZ  1 
ATOM   268  N NH1 . ARG A 1 34  ? 4.270   -12.192 -17.117 1.00 61.49 ? 33   ARG A NH1 1 
ATOM   269  N NH2 . ARG A 1 34  ? 4.756   -13.976 -15.703 1.00 62.62 ? 33   ARG A NH2 1 
ATOM   270  N N   . TRP A 1 35  ? 1.815   -7.618  -11.514 1.00 44.88 ? 34   TRP A N   1 
ATOM   271  C CA  . TRP A 1 35  ? 1.470   -6.250  -11.193 1.00 43.27 ? 34   TRP A CA  1 
ATOM   272  C C   . TRP A 1 35  ? 1.558   -6.063  -9.681  1.00 41.22 ? 34   TRP A C   1 
ATOM   273  O O   . TRP A 1 35  ? 0.954   -6.842  -8.940  1.00 39.75 ? 34   TRP A O   1 
ATOM   274  C CB  . TRP A 1 35  ? 0.022   -6.002  -11.572 1.00 43.84 ? 34   TRP A CB  1 
ATOM   275  C CG  . TRP A 1 35  ? -0.266  -5.670  -13.004 1.00 46.71 ? 34   TRP A CG  1 
ATOM   276  C CD1 . TRP A 1 35  ? -0.863  -6.490  -13.911 1.00 48.87 ? 34   TRP A CD1 1 
ATOM   277  C CD2 . TRP A 1 35  ? -0.024  -4.426  -13.682 1.00 47.15 ? 34   TRP A CD2 1 
ATOM   278  N NE1 . TRP A 1 35  ? -1.003  -5.844  -15.118 1.00 49.84 ? 34   TRP A NE1 1 
ATOM   279  C CE2 . TRP A 1 35  ? -0.502  -4.573  -15.006 1.00 48.48 ? 34   TRP A CE2 1 
ATOM   280  C CE3 . TRP A 1 35  ? 0.543   -3.203  -13.308 1.00 48.35 ? 34   TRP A CE3 1 
ATOM   281  C CZ2 . TRP A 1 35  ? -0.431  -3.549  -15.950 1.00 45.23 ? 34   TRP A CZ2 1 
ATOM   282  C CZ3 . TRP A 1 35  ? 0.620   -2.181  -14.257 1.00 47.37 ? 34   TRP A CZ3 1 
ATOM   283  C CH2 . TRP A 1 35  ? 0.144   -2.370  -15.565 1.00 47.31 ? 34   TRP A CH2 1 
ATOM   284  N N   . ALA A 1 36  ? 2.295   -5.026  -9.270  1.00 39.40 ? 35   ALA A N   1 
ATOM   285  C CA  . ALA A 1 36  ? 2.470   -4.600  -7.877  1.00 38.56 ? 35   ALA A CA  1 
ATOM   286  C C   . ALA A 1 36  ? 1.976   -3.146  -7.724  1.00 37.46 ? 35   ALA A C   1 
ATOM   287  O O   . ALA A 1 36  ? 1.689   -2.505  -8.752  1.00 38.56 ? 35   ALA A O   1 
ATOM   288  C CB  . ALA A 1 36  ? 3.950   -4.697  -7.520  1.00 37.90 ? 35   ALA A CB  1 
ATOM   289  N N   . VAL A 1 37  ? 1.851   -2.648  -6.471  1.00 36.17 ? 36   VAL A N   1 
ATOM   290  C CA  . VAL A 1 37  ? 1.532   -1.248  -6.143  1.00 34.65 ? 36   VAL A CA  1 
ATOM   291  C C   . VAL A 1 37  ? 2.510   -0.532  -5.188  1.00 33.62 ? 36   VAL A C   1 
ATOM   292  O O   . VAL A 1 37  ? 3.054   -1.142  -4.265  1.00 33.13 ? 36   VAL A O   1 
ATOM   293  C CB  . VAL A 1 37  ? 0.056   -1.150  -5.537  1.00 35.20 ? 36   VAL A CB  1 
ATOM   294  C CG1 . VAL A 1 37  ? -0.058  -1.853  -4.196  1.00 34.46 ? 36   VAL A CG1 1 
ATOM   295  C CG2 . VAL A 1 37  ? -0.419  0.255   -5.478  1.00 31.95 ? 36   VAL A CG2 1 
ATOM   296  N N   . LEU A 1 38  ? 2.715   0.766   -5.381  1.00 33.56 ? 37   LEU A N   1 
ATOM   297  C CA  . LEU A 1 38  ? 3.453   1.620   -4.427  1.00 33.52 ? 37   LEU A CA  1 
ATOM   298  C C   . LEU A 1 38  ? 2.695   2.924   -4.162  1.00 33.03 ? 37   LEU A C   1 
ATOM   299  O O   . LEU A 1 38  ? 1.777   3.264   -4.913  1.00 32.51 ? 37   LEU A O   1 
ATOM   300  C CB  . LEU A 1 38  ? 4.803   2.035   -5.026  1.00 34.45 ? 37   LEU A CB  1 
ATOM   301  C CG  . LEU A 1 38  ? 5.875   1.006   -5.234  1.00 33.74 ? 37   LEU A CG  1 
ATOM   302  C CD1 . LEU A 1 38  ? 6.893   1.661   -6.103  1.00 35.02 ? 37   LEU A CD1 1 
ATOM   303  C CD2 . LEU A 1 38  ? 6.483   0.614   -3.877  1.00 30.16 ? 37   LEU A CD2 1 
ATOM   304  N N   . PRO A 1 39  ? 3.092   3.689   -3.121  1.00 32.17 ? 38   PRO A N   1 
ATOM   305  C CA  . PRO A 1 39  ? 2.506   5.017   -3.087  1.00 33.27 ? 38   PRO A CA  1 
ATOM   306  C C   . PRO A 1 39  ? 3.059   5.824   -4.272  1.00 34.38 ? 38   PRO A C   1 
ATOM   307  O O   . PRO A 1 39  ? 4.215   5.635   -4.679  1.00 33.34 ? 38   PRO A O   1 
ATOM   308  C CB  . PRO A 1 39  ? 3.009   5.614   -1.761  1.00 33.43 ? 38   PRO A CB  1 
ATOM   309  C CG  . PRO A 1 39  ? 3.532   4.481   -0.972  1.00 31.61 ? 38   PRO A CG  1 
ATOM   310  C CD  . PRO A 1 39  ? 3.955   3.421   -1.962  1.00 32.57 ? 38   PRO A CD  1 
ATOM   311  N N   . ARG A 1 40  ? 2.231   6.717   -4.810  1.00 36.35 ? 39   ARG A N   1 
ATOM   312  C CA  . ARG A 1 40  ? 2.562   7.479   -5.996  1.00 38.45 ? 39   ARG A CA  1 
ATOM   313  C C   . ARG A 1 40  ? 3.894   8.195   -5.842  1.00 37.92 ? 39   ARG A C   1 
ATOM   314  O O   . ARG A 1 40  ? 4.703   8.232   -6.788  1.00 37.91 ? 39   ARG A O   1 
ATOM   315  C CB  . ARG A 1 40  ? 1.408   8.464   -6.326  1.00 40.12 ? 39   ARG A CB  1 
ATOM   316  C CG  . ARG A 1 40  ? 1.531   9.218   -7.664  1.00 44.18 ? 39   ARG A CG  1 
ATOM   317  C CD  . ARG A 1 40  ? 0.563   10.416  -7.720  1.00 50.84 ? 39   ARG A CD  1 
ATOM   318  N NE  . ARG A 1 40  ? 0.785   11.248  -6.534  1.00 56.72 ? 39   ARG A NE  1 
ATOM   319  C CZ  . ARG A 1 40  ? 1.834   12.055  -6.363  1.00 60.06 ? 39   ARG A CZ  1 
ATOM   320  N NH1 . ARG A 1 40  ? 2.764   12.173  -7.309  1.00 60.11 ? 39   ARG A NH1 1 
ATOM   321  N NH2 . ARG A 1 40  ? 1.959   12.751  -5.238  1.00 59.79 ? 39   ARG A NH2 1 
ATOM   322  N N   . HIS A 1 41  ? 4.104   8.779   -4.670  1.00 37.69 ? 40   HIS A N   1 
ATOM   323  C CA  . HIS A 1 41  ? 5.366   9.456   -4.343  1.00 38.46 ? 40   HIS A CA  1 
ATOM   324  C C   . HIS A 1 41  ? 6.651   8.632   -4.335  1.00 38.28 ? 40   HIS A C   1 
ATOM   325  O O   . HIS A 1 41  ? 7.739   9.220   -4.247  1.00 37.51 ? 40   HIS A O   1 
ATOM   326  C CB  . HIS A 1 41  ? 5.260   10.273  -3.067  1.00 37.70 ? 40   HIS A CB  1 
ATOM   327  C CG  . HIS A 1 41  ? 4.941   9.479   -1.839  1.00 40.18 ? 40   HIS A CG  1 
ATOM   328  N ND1 . HIS A 1 41  ? 3.651   9.236   -1.426  1.00 43.07 ? 40   HIS A ND1 1 
ATOM   329  C CD2 . HIS A 1 41  ? 5.746   8.920   -0.902  1.00 43.05 ? 40   HIS A CD2 1 
ATOM   330  C CE1 . HIS A 1 41  ? 3.669   8.546   -0.299  1.00 42.29 ? 40   HIS A CE1 1 
ATOM   331  N NE2 . HIS A 1 41  ? 4.930   8.324   0.034   1.00 41.64 ? 40   HIS A NE2 1 
ATOM   332  N N   . ALA A 1 42  ? 6.536   7.294   -4.399  1.00 39.04 ? 41   ALA A N   1 
ATOM   333  C CA  . ALA A 1 42  ? 7.695   6.456   -4.659  1.00 39.83 ? 41   ALA A CA  1 
ATOM   334  C C   . ALA A 1 42  ? 8.277   6.846   -5.990  1.00 40.83 ? 41   ALA A C   1 
ATOM   335  O O   . ALA A 1 42  ? 9.432   6.527   -6.267  1.00 40.64 ? 41   ALA A O   1 
ATOM   336  C CB  . ALA A 1 42  ? 7.362   4.957   -4.683  1.00 38.35 ? 41   ALA A CB  1 
ATOM   337  N N   . LYS A 1 43  ? 7.476   7.512   -6.826  1.00 42.87 ? 42   LYS A N   1 
ATOM   338  C CA  . LYS A 1 43  ? 7.950   7.967   -8.165  1.00 44.32 ? 42   LYS A CA  1 
ATOM   339  C C   . LYS A 1 43  ? 8.906   6.940   -8.814  1.00 45.48 ? 42   LYS A C   1 
ATOM   340  O O   . LYS A 1 43  ? 10.035  7.281   -9.252  1.00 46.07 ? 42   LYS A O   1 
ATOM   341  C CB  . LYS A 1 43  ? 8.575   9.377   -8.061  1.00 44.65 ? 42   LYS A CB  1 
ATOM   342  C CG  . LYS A 1 43  ? 7.642   10.428  -7.368  1.00 46.07 ? 42   LYS A CG  1 
ATOM   343  C CD  . LYS A 1 43  ? 8.389   11.685  -6.777  1.00 43.76 ? 42   LYS A CD  1 
ATOM   344  C CE  . LYS A 1 43  ? 7.742   12.302  -5.501  1.00 45.31 ? 42   LYS A CE  1 
ATOM   345  N NZ  . LYS A 1 43  ? 6.635   13.313  -5.758  1.00 49.45 ? 42   LYS A NZ  1 
ATOM   346  N N   . PRO A 1 44  ? 8.454   5.681   -8.891  1.00 45.07 ? 43   PRO A N   1 
ATOM   347  C CA  . PRO A 1 44  ? 9.296   4.598   -9.382  1.00 45.88 ? 43   PRO A CA  1 
ATOM   348  C C   . PRO A 1 44  ? 9.888   4.923   -10.744 1.00 47.73 ? 43   PRO A C   1 
ATOM   349  O O   . PRO A 1 44  ? 9.162   5.361   -11.654 1.00 47.97 ? 43   PRO A O   1 
ATOM   350  C CB  . PRO A 1 44  ? 8.326   3.428   -9.515  1.00 45.18 ? 43   PRO A CB  1 
ATOM   351  C CG  . PRO A 1 44  ? 6.990   4.036   -9.593  1.00 44.75 ? 43   PRO A CG  1 
ATOM   352  C CD  . PRO A 1 44  ? 7.057   5.242   -8.712  1.00 44.54 ? 43   PRO A CD  1 
ATOM   353  N N   . GLY A 1 45  ? 11.194  4.707   -10.885 1.00 49.23 ? 44   GLY A N   1 
ATOM   354  C CA  . GLY A 1 45  ? 11.883  4.982   -12.139 1.00 50.15 ? 44   GLY A CA  1 
ATOM   355  C C   . GLY A 1 45  ? 11.714  3.874   -13.165 1.00 51.30 ? 44   GLY A C   1 
ATOM   356  O O   . GLY A 1 45  ? 10.814  3.024   -13.046 1.00 51.44 ? 44   GLY A O   1 
ATOM   357  N N   . PRO A 1 46  ? 12.570  3.874   -14.214 1.00 51.59 ? 45   PRO A N   1 
ATOM   358  C CA  . PRO A 1 46  ? 12.458  2.777   -15.214 1.00 51.74 ? 45   PRO A CA  1 
ATOM   359  C C   . PRO A 1 46  ? 12.995  1.448   -14.669 1.00 51.71 ? 45   PRO A C   1 
ATOM   360  O O   . PRO A 1 46  ? 12.727  0.361   -15.209 1.00 52.36 ? 45   PRO A O   1 
ATOM   361  C CB  . PRO A 1 46  ? 13.293  3.296   -16.417 1.00 51.85 ? 45   PRO A CB  1 
ATOM   362  C CG  . PRO A 1 46  ? 13.463  4.800   -16.177 1.00 51.34 ? 45   PRO A CG  1 
ATOM   363  C CD  . PRO A 1 46  ? 13.445  4.974   -14.669 1.00 51.96 ? 45   PRO A CD  1 
ATOM   364  N N   . THR A 1 47  ? 13.765  1.545   -13.593 1.00 52.31 ? 46   THR A N   1 
ATOM   365  C CA  . THR A 1 47  ? 14.276  0.391   -12.865 1.00 51.89 ? 46   THR A CA  1 
ATOM   366  C C   . THR A 1 47  ? 13.996  0.628   -11.362 1.00 50.95 ? 46   THR A C   1 
ATOM   367  O O   . THR A 1 47  ? 14.018  1.776   -10.908 1.00 51.76 ? 46   THR A O   1 
ATOM   368  C CB  . THR A 1 47  ? 15.797  0.199   -13.138 1.00 52.38 ? 46   THR A CB  1 
ATOM   369  O OG1 . THR A 1 47  ? 16.313  -0.904  -12.368 1.00 55.74 ? 46   THR A OG1 1 
ATOM   370  C CG2 . THR A 1 47  ? 16.597  1.469   -12.773 1.00 52.92 ? 46   THR A CG2 1 
ATOM   371  N N   . ILE A 1 48  ? 13.683  -0.434  -10.605 1.00 49.42 ? 47   ILE A N   1 
ATOM   372  C CA  . ILE A 1 48  ? 13.589  -0.307  -9.150  1.00 47.27 ? 47   ILE A CA  1 
ATOM   373  C C   . ILE A 1 48  ? 14.555  -1.290  -8.535  1.00 46.29 ? 47   ILE A C   1 
ATOM   374  O O   . ILE A 1 48  ? 15.087  -2.144  -9.244  1.00 46.63 ? 47   ILE A O   1 
ATOM   375  C CB  . ILE A 1 48  ? 12.151  -0.506  -8.595  1.00 46.91 ? 47   ILE A CB  1 
ATOM   376  C CG1 . ILE A 1 48  ? 11.574  -1.851  -9.060  1.00 47.65 ? 47   ILE A CG1 1 
ATOM   377  C CG2 . ILE A 1 48  ? 11.262  0.660   -9.021  1.00 47.56 ? 47   ILE A CG2 1 
ATOM   378  C CD1 . ILE A 1 48  ? 10.476  -2.419  -8.172  1.00 47.81 ? 47   ILE A CD1 1 
ATOM   379  N N   . LEU A 1 49  ? 14.805  -1.151  -7.241  1.00 44.91 ? 48   LEU A N   1 
ATOM   380  C CA  . LEU A 1 49  ? 15.527  -2.163  -6.462  1.00 45.10 ? 48   LEU A CA  1 
ATOM   381  C C   . LEU A 1 49  ? 14.508  -2.964  -5.637  1.00 45.27 ? 48   LEU A C   1 
ATOM   382  O O   . LEU A 1 49  ? 13.864  -2.406  -4.761  1.00 44.54 ? 48   LEU A O   1 
ATOM   383  C CB  . LEU A 1 49  ? 16.510  -1.484  -5.523  1.00 45.57 ? 48   LEU A CB  1 
ATOM   384  C CG  . LEU A 1 49  ? 17.857  -2.137  -5.289  1.00 48.26 ? 48   LEU A CG  1 
ATOM   385  C CD1 . LEU A 1 49  ? 18.518  -2.553  -6.628  1.00 50.09 ? 48   LEU A CD1 1 
ATOM   386  C CD2 . LEU A 1 49  ? 18.735  -1.162  -4.545  1.00 50.58 ? 48   LEU A CD2 1 
ATOM   387  N N   . MET A 1 50  ? 14.349  -4.252  -5.923  1.00 44.35 ? 49   MET A N   1 
ATOM   388  C CA  . MET A 1 50  ? 13.377  -5.076  -5.231  1.00 45.23 ? 49   MET A CA  1 
ATOM   389  C C   . MET A 1 50  ? 14.077  -6.211  -4.476  1.00 45.82 ? 49   MET A C   1 
ATOM   390  O O   . MET A 1 50  ? 14.726  -7.065  -5.088  1.00 45.32 ? 49   MET A O   1 
ATOM   391  C CB  . MET A 1 50  ? 12.314  -5.600  -6.199  1.00 44.51 ? 49   MET A CB  1 
ATOM   392  C CG  . MET A 1 50  ? 11.289  -6.498  -5.538  1.00 46.74 ? 49   MET A CG  1 
ATOM   393  S SD  . MET A 1 50  ? 10.234  -7.196  -6.784  1.00 49.20 ? 49   MET A SD  1 
ATOM   394  C CE  . MET A 1 50  ? 9.138   -8.275  -5.869  1.00 48.10 ? 49   MET A CE  1 
ATOM   395  N N   . ASN A 1 51  ? 13.934  -6.207  -3.147  1.00 45.85 ? 50   ASN A N   1 
ATOM   396  C CA  . ASN A 1 51  ? 14.800  -6.981  -2.259  1.00 46.80 ? 50   ASN A CA  1 
ATOM   397  C C   . ASN A 1 51  ? 16.238  -6.903  -2.752  1.00 48.13 ? 50   ASN A C   1 
ATOM   398  O O   . ASN A 1 51  ? 16.854  -7.923  -2.996  1.00 48.51 ? 50   ASN A O   1 
ATOM   399  C CB  . ASN A 1 51  ? 14.327  -8.451  -2.139  1.00 46.71 ? 50   ASN A CB  1 
ATOM   400  C CG  . ASN A 1 51  ? 12.854  -8.555  -1.792  1.00 45.73 ? 50   ASN A CG  1 
ATOM   401  O OD1 . ASN A 1 51  ? 12.341  -7.742  -1.022  1.00 40.73 ? 50   ASN A OD1 1 
ATOM   402  N ND2 . ASN A 1 51  ? 12.157  -9.532  -2.379  1.00 42.42 ? 50   ASN A ND2 1 
ATOM   403  N N   . ASP A 1 52  ? 16.735  -5.688  -2.984  1.00 49.28 ? 51   ASP A N   1 
ATOM   404  C CA  . ASP A 1 52  ? 18.135  -5.455  -3.334  1.00 50.74 ? 51   ASP A CA  1 
ATOM   405  C C   . ASP A 1 52  ? 18.471  -5.845  -4.772  1.00 52.01 ? 51   ASP A C   1 
ATOM   406  O O   . ASP A 1 52  ? 19.643  -5.917  -5.146  1.00 51.88 ? 51   ASP A O   1 
ATOM   407  C CB  . ASP A 1 52  ? 19.066  -6.232  -2.403  1.00 51.02 ? 51   ASP A CB  1 
ATOM   408  C CG  . ASP A 1 52  ? 19.086  -5.699  -0.986  1.00 51.45 ? 51   ASP A CG  1 
ATOM   409  O OD1 . ASP A 1 52  ? 19.110  -4.467  -0.761  1.00 51.10 ? 51   ASP A OD1 1 
ATOM   410  O OD2 . ASP A 1 52  ? 19.119  -6.547  -0.086  1.00 54.18 ? 51   ASP A OD2 1 
ATOM   411  N N   . GLN A 1 53  ? 17.460  -6.052  -5.594  1.00 53.45 ? 52   GLN A N   1 
ATOM   412  C CA  . GLN A 1 53  ? 17.706  -6.549  -6.935  1.00 55.40 ? 52   GLN A CA  1 
ATOM   413  C C   . GLN A 1 53  ? 17.092  -5.651  -7.983  1.00 56.23 ? 52   GLN A C   1 
ATOM   414  O O   . GLN A 1 53  ? 15.917  -5.311  -7.880  1.00 56.35 ? 52   GLN A O   1 
ATOM   415  C CB  . GLN A 1 53  ? 17.086  -7.920  -7.043  1.00 55.56 ? 52   GLN A CB  1 
ATOM   416  C CG  . GLN A 1 53  ? 18.010  -8.963  -7.516  1.00 57.95 ? 52   GLN A CG  1 
ATOM   417  C CD  . GLN A 1 53  ? 17.329  -10.302 -7.578  1.00 61.24 ? 52   GLN A CD  1 
ATOM   418  O OE1 . GLN A 1 53  ? 16.588  -10.703 -6.647  1.00 61.90 ? 52   GLN A OE1 1 
ATOM   419  N NE2 . GLN A 1 53  ? 17.562  -11.019 -8.687  1.00 62.12 ? 52   GLN A NE2 1 
ATOM   420  N N   . GLU A 1 54  ? 17.883  -5.280  -8.990  1.00 57.04 ? 53   GLU A N   1 
ATOM   421  C CA  . GLU A 1 54  ? 17.398  -4.470  -10.114 1.00 58.19 ? 53   GLU A CA  1 
ATOM   422  C C   . GLU A 1 54  ? 16.284  -5.164  -10.906 1.00 58.53 ? 53   GLU A C   1 
ATOM   423  O O   . GLU A 1 54  ? 16.437  -6.309  -11.373 1.00 58.87 ? 53   GLU A O   1 
ATOM   424  C CB  . GLU A 1 54  ? 18.535  -4.123  -11.077 1.00 58.52 ? 53   GLU A CB  1 
ATOM   425  C CG  . GLU A 1 54  ? 19.503  -3.001  -10.658 1.00 59.86 ? 53   GLU A CG  1 
ATOM   426  C CD  . GLU A 1 54  ? 20.857  -3.163  -11.378 1.00 63.11 ? 53   GLU A CD  1 
ATOM   427  O OE1 . GLU A 1 54  ? 21.389  -4.301  -11.356 1.00 64.18 ? 53   GLU A OE1 1 
ATOM   428  O OE2 . GLU A 1 54  ? 21.382  -2.186  -11.978 1.00 62.28 ? 53   GLU A OE2 1 
ATOM   429  N N   . VAL A 1 55  ? 15.170  -4.455  -11.068 1.00 58.60 ? 54   VAL A N   1 
ATOM   430  C CA  . VAL A 1 55  ? 14.027  -4.975  -11.801 1.00 58.76 ? 54   VAL A CA  1 
ATOM   431  C C   . VAL A 1 55  ? 13.412  -3.896  -12.681 1.00 59.39 ? 54   VAL A C   1 
ATOM   432  O O   . VAL A 1 55  ? 13.218  -2.770  -12.238 1.00 60.30 ? 54   VAL A O   1 
ATOM   433  C CB  . VAL A 1 55  ? 12.941  -5.512  -10.845 1.00 58.51 ? 54   VAL A CB  1 
ATOM   434  C CG1 . VAL A 1 55  ? 11.857  -6.232  -11.635 1.00 58.03 ? 54   VAL A CG1 1 
ATOM   435  C CG2 . VAL A 1 55  ? 13.545  -6.435  -9.797  1.00 56.70 ? 54   VAL A CG2 1 
ATOM   436  N N   . GLY A 1 56  ? 13.073  -4.254  -13.915 1.00 60.02 ? 55   GLY A N   1 
ATOM   437  C CA  . GLY A 1 56  ? 12.497  -3.304  -14.859 1.00 60.29 ? 55   GLY A CA  1 
ATOM   438  C C   . GLY A 1 56  ? 10.999  -3.107  -14.752 1.00 61.10 ? 55   GLY A C   1 
ATOM   439  O O   . GLY A 1 56  ? 10.235  -4.047  -14.489 1.00 61.36 ? 55   GLY A O   1 
ATOM   440  N N   . VAL A 1 57  ? 10.591  -1.870  -15.011 1.00 61.56 ? 56   VAL A N   1 
ATOM   441  C CA  . VAL A 1 57  ? 9.218   -1.418  -14.879 1.00 62.38 ? 56   VAL A CA  1 
ATOM   442  C C   . VAL A 1 57  ? 8.505   -1.295  -16.258 1.00 62.72 ? 56   VAL A C   1 
ATOM   443  O O   . VAL A 1 57  ? 8.393   -0.190  -16.833 1.00 62.93 ? 56   VAL A O   1 
ATOM   444  C CB  . VAL A 1 57  ? 9.202   -0.084  -14.057 1.00 62.14 ? 56   VAL A CB  1 
ATOM   445  C CG1 . VAL A 1 57  ? 7.835   0.579   -14.041 1.00 62.63 ? 56   VAL A CG1 1 
ATOM   446  C CG2 . VAL A 1 57  ? 9.680   -0.351  -12.636 1.00 62.68 ? 56   VAL A CG2 1 
ATOM   447  N N   . LEU A 1 58  ? 8.003   -2.429  -16.767 1.00 63.05 ? 57   LEU A N   1 
ATOM   448  C CA  . LEU A 1 58  ? 7.348   -2.496  -18.105 1.00 62.76 ? 57   LEU A CA  1 
ATOM   449  C C   . LEU A 1 58  ? 6.232   -1.461  -18.337 1.00 62.72 ? 57   LEU A C   1 
ATOM   450  O O   . LEU A 1 58  ? 5.855   -1.194  -19.484 1.00 62.51 ? 57   LEU A O   1 
ATOM   451  C CB  . LEU A 1 58  ? 6.795   -3.907  -18.397 1.00 63.01 ? 57   LEU A CB  1 
ATOM   452  C CG  . LEU A 1 58  ? 7.582   -5.205  -18.139 1.00 62.80 ? 57   LEU A CG  1 
ATOM   453  C CD1 . LEU A 1 58  ? 6.741   -6.469  -18.401 1.00 62.78 ? 57   LEU A CD1 1 
ATOM   454  C CD2 . LEU A 1 58  ? 8.848   -5.265  -18.965 1.00 64.93 ? 57   LEU A CD2 1 
ATOM   455  N N   . ASP A 1 59  ? 5.693   -0.906  -17.251 1.00 62.46 ? 58   ASP A N   1 
ATOM   456  C CA  . ASP A 1 59  ? 4.650   0.128   -17.297 1.00 62.56 ? 58   ASP A CA  1 
ATOM   457  C C   . ASP A 1 59  ? 4.395   0.609   -15.876 1.00 61.94 ? 58   ASP A C   1 
ATOM   458  O O   . ASP A 1 59  ? 4.637   -0.140  -14.927 1.00 62.08 ? 58   ASP A O   1 
ATOM   459  C CB  . ASP A 1 59  ? 3.347   -0.396  -17.948 1.00 62.86 ? 58   ASP A CB  1 
ATOM   460  C CG  . ASP A 1 59  ? 2.375   0.724   -18.325 1.00 63.63 ? 58   ASP A CG  1 
ATOM   461  O OD1 . ASP A 1 59  ? 2.806   1.895   -18.467 1.00 65.44 ? 58   ASP A OD1 1 
ATOM   462  O OD2 . ASP A 1 59  ? 1.159   0.442   -18.462 1.00 63.88 ? 58   ASP A OD2 1 
ATOM   463  N N   . ALA A 1 60  ? 3.925   1.849   -15.740 1.00 61.48 ? 59   ALA A N   1 
ATOM   464  C CA  . ALA A 1 60  ? 3.648   2.469   -14.443 1.00 60.76 ? 59   ALA A CA  1 
ATOM   465  C C   . ALA A 1 60  ? 2.488   3.493   -14.465 1.00 60.64 ? 59   ALA A C   1 
ATOM   466  O O   . ALA A 1 60  ? 2.708   4.692   -14.729 1.00 60.59 ? 59   ALA A O   1 
ATOM   467  C CB  . ALA A 1 60  ? 4.921   3.115   -13.869 1.00 61.06 ? 59   ALA A CB  1 
ATOM   468  N N   . LYS A 1 61  ? 1.270   3.017   -14.165 1.00 59.44 ? 60   LYS A N   1 
ATOM   469  C CA  . LYS A 1 61  ? 0.074   3.877   -14.048 1.00 58.68 ? 60   LYS A CA  1 
ATOM   470  C C   . LYS A 1 61  ? -0.080  4.517   -12.674 1.00 57.40 ? 60   LYS A C   1 
ATOM   471  O O   . LYS A 1 61  ? -0.436  3.826   -11.717 1.00 57.39 ? 60   LYS A O   1 
ATOM   472  C CB  . LYS A 1 61  ? -1.245  3.127   -14.334 1.00 58.92 ? 60   LYS A CB  1 
ATOM   473  C CG  . LYS A 1 61  ? -1.304  2.158   -15.509 1.00 61.23 ? 60   LYS A CG  1 
ATOM   474  C CD  . LYS A 1 61  ? -2.786  1.877   -15.812 1.00 65.92 ? 60   LYS A CD  1 
ATOM   475  C CE  . LYS A 1 61  ? -3.101  0.378   -15.953 1.00 67.41 ? 60   LYS A CE  1 
ATOM   476  N NZ  . LYS A 1 61  ? -3.322  -0.090  -17.376 1.00 68.37 ? 60   LYS A NZ  1 
ATOM   477  N N   . GLU A 1 62  ? 0.152   5.829   -12.595 1.00 55.27 ? 61   GLU A N   1 
ATOM   478  C CA  . GLU A 1 62  ? -0.220  6.614   -11.418 1.00 54.00 ? 61   GLU A CA  1 
ATOM   479  C C   . GLU A 1 62  ? -1.726  6.711   -11.430 1.00 53.45 ? 61   GLU A C   1 
ATOM   480  O O   . GLU A 1 62  ? -2.303  7.012   -12.478 1.00 54.22 ? 61   GLU A O   1 
ATOM   481  C CB  . GLU A 1 62  ? 0.359   8.023   -11.505 1.00 53.80 ? 61   GLU A CB  1 
ATOM   482  C CG  . GLU A 1 62  ? 1.866   8.098   -11.827 1.00 54.67 ? 61   GLU A CG  1 
ATOM   483  C CD  . GLU A 1 62  ? 2.558   9.326   -11.213 1.00 54.72 ? 61   GLU A CD  1 
ATOM   484  O OE1 . GLU A 1 62  ? 1.887   10.341  -11.043 1.00 56.25 ? 61   GLU A OE1 1 
ATOM   485  O OE2 . GLU A 1 62  ? 3.767   9.270   -10.891 1.00 55.00 ? 61   GLU A OE2 1 
ATOM   486  N N   . LEU A 1 63  ? -2.399  6.492   -10.314 1.00 51.76 ? 62   LEU A N   1 
ATOM   487  C CA  . LEU A 1 63  ? -3.882  6.507   -10.377 1.00 50.44 ? 62   LEU A CA  1 
ATOM   488  C C   . LEU A 1 63  ? -4.585  7.798   -9.931  1.00 49.51 ? 62   LEU A C   1 
ATOM   489  O O   . LEU A 1 63  ? -4.164  8.433   -8.976  1.00 48.57 ? 62   LEU A O   1 
ATOM   490  C CB  . LEU A 1 63  ? -4.487  5.331   -9.605  1.00 48.89 ? 62   LEU A CB  1 
ATOM   491  C CG  . LEU A 1 63  ? -4.003  3.905   -9.812  1.00 48.03 ? 62   LEU A CG  1 
ATOM   492  C CD1 . LEU A 1 63  ? -4.767  2.984   -8.838  1.00 44.48 ? 62   LEU A CD1 1 
ATOM   493  C CD2 . LEU A 1 63  ? -4.232  3.458   -11.230 1.00 46.21 ? 62   LEU A CD2 1 
ATOM   494  N N   . VAL A 1 64  ? -5.678  8.140   -10.642 1.00 50.05 ? 63   VAL A N   1 
ATOM   495  C CA  . VAL A 1 64  ? -6.615  9.248   -10.300 1.00 50.13 ? 63   VAL A CA  1 
ATOM   496  C C   . VAL A 1 64  ? -8.090  8.840   -10.543 1.00 50.45 ? 63   VAL A C   1 
ATOM   497  O O   . VAL A 1 64  ? -8.373  7.925   -11.323 1.00 49.98 ? 63   VAL A O   1 
ATOM   498  C CB  . VAL A 1 64  ? -6.374  10.536  -11.150 1.00 50.72 ? 63   VAL A CB  1 
ATOM   499  C CG1 . VAL A 1 64  ? -5.205  11.377  -10.624 1.00 50.85 ? 63   VAL A CG1 1 
ATOM   500  C CG2 . VAL A 1 64  ? -6.212  10.186  -12.630 1.00 50.24 ? 63   VAL A CG2 1 
ATOM   501  N N   . ASP A 1 65  ? -9.021  9.524   -9.875  1.00 51.39 ? 64   ASP A N   1 
ATOM   502  C CA  . ASP A 1 65  ? -10.458 9.278   -10.072 1.00 52.87 ? 64   ASP A CA  1 
ATOM   503  C C   . ASP A 1 65  ? -10.996 10.045  -11.295 1.00 53.84 ? 64   ASP A C   1 
ATOM   504  O O   . ASP A 1 65  ? -10.239 10.662  -12.060 1.00 54.13 ? 64   ASP A O   1 
ATOM   505  C CB  . ASP A 1 65  ? -11.284 9.578   -8.798  1.00 53.02 ? 64   ASP A CB  1 
ATOM   506  C CG  . ASP A 1 65  ? -11.484 11.067  -8.542  1.00 54.66 ? 64   ASP A CG  1 
ATOM   507  O OD1 . ASP A 1 65  ? -11.041 11.888  -9.379  1.00 57.92 ? 64   ASP A OD1 1 
ATOM   508  O OD2 . ASP A 1 65  ? -12.100 11.415  -7.500  1.00 57.06 ? 64   ASP A OD2 1 
ATOM   509  N N   . LYS A 1 66  ? -12.297 9.992   -11.482 1.00 54.93 ? 65   LYS A N   1 
ATOM   510  C CA  . LYS A 1 66  ? -12.873 10.514  -12.705 1.00 56.11 ? 65   LYS A CA  1 
ATOM   511  C C   . LYS A 1 66  ? -12.666 12.023  -12.807 1.00 56.85 ? 65   LYS A C   1 
ATOM   512  O O   . LYS A 1 66  ? -12.261 12.528  -13.855 1.00 57.13 ? 65   LYS A O   1 
ATOM   513  C CB  . LYS A 1 66  ? -14.327 10.071  -12.816 1.00 56.38 ? 65   LYS A CB  1 
ATOM   514  C CG  . LYS A 1 66  ? -14.419 8.539   -13.049 1.00 58.19 ? 65   LYS A CG  1 
ATOM   515  C CD  . LYS A 1 66  ? -13.462 8.102   -14.182 1.00 60.74 ? 65   LYS A CD  1 
ATOM   516  C CE  . LYS A 1 66  ? -12.747 6.781   -13.882 1.00 64.08 ? 65   LYS A CE  1 
ATOM   517  N NZ  . LYS A 1 66  ? -11.899 6.345   -15.054 1.00 64.83 ? 65   LYS A NZ  1 
ATOM   518  N N   . ASP A 1 67  ? -12.868 12.737  -11.698 1.00 57.57 ? 66   ASP A N   1 
ATOM   519  C CA  . ASP A 1 67  ? -12.545 14.160  -11.665 1.00 57.98 ? 66   ASP A CA  1 
ATOM   520  C C   . ASP A 1 67  ? -11.054 14.471  -11.547 1.00 58.11 ? 66   ASP A C   1 
ATOM   521  O O   . ASP A 1 67  ? -10.672 15.503  -10.982 1.00 59.27 ? 66   ASP A O   1 
ATOM   522  C CB  . ASP A 1 67  ? -13.397 14.880  -10.624 1.00 58.42 ? 66   ASP A CB  1 
ATOM   523  C CG  . ASP A 1 67  ? -14.732 15.241  -11.181 1.00 60.53 ? 66   ASP A CG  1 
ATOM   524  O OD1 . ASP A 1 67  ? -14.733 15.914  -12.241 1.00 62.35 ? 66   ASP A OD1 1 
ATOM   525  O OD2 . ASP A 1 67  ? -15.765 14.806  -10.621 1.00 62.82 ? 66   ASP A OD2 1 
ATOM   526  N N   . GLY A 1 68  ? -10.237 13.574  -12.118 1.00 57.56 ? 67   GLY A N   1 
ATOM   527  C CA  . GLY A 1 68  ? -8.769  13.672  -12.189 1.00 56.41 ? 67   GLY A CA  1 
ATOM   528  C C   . GLY A 1 68  ? -8.027  13.796  -10.867 1.00 55.52 ? 67   GLY A C   1 
ATOM   529  O O   . GLY A 1 68  ? -6.810  14.031  -10.838 1.00 55.77 ? 67   GLY A O   1 
ATOM   530  N N   . THR A 1 69  ? -8.764  13.643  -9.778  1.00 53.10 ? 68   THR A N   1 
ATOM   531  C CA  . THR A 1 69  ? -8.247  13.847  -8.445  1.00 51.83 ? 68   THR A CA  1 
ATOM   532  C C   . THR A 1 69  ? -7.236  12.764  -8.065  1.00 50.00 ? 68   THR A C   1 
ATOM   533  O O   . THR A 1 69  ? -7.248  11.630  -8.607  1.00 49.66 ? 68   THR A O   1 
ATOM   534  C CB  . THR A 1 69  ? -9.407  13.855  -7.444  1.00 51.86 ? 68   THR A CB  1 
ATOM   535  O OG1 . THR A 1 69  ? -10.459 14.686  -7.959  1.00 54.29 ? 68   THR A OG1 1 
ATOM   536  C CG2 . THR A 1 69  ? -8.977  14.324  -6.045  1.00 52.93 ? 68   THR A CG2 1 
ATOM   537  N N   . ASN A 1 70  ? -6.343  13.153  -7.153  1.00 46.99 ? 69   ASN A N   1 
ATOM   538  C CA  . ASN A 1 70  ? -5.298  12.279  -6.611  1.00 44.03 ? 69   ASN A CA  1 
ATOM   539  C C   . ASN A 1 70  ? -5.852  11.158  -5.725  1.00 41.60 ? 69   ASN A C   1 
ATOM   540  O O   . ASN A 1 70  ? -6.646  11.380  -4.760  1.00 41.12 ? 69   ASN A O   1 
ATOM   541  C CB  . ASN A 1 70  ? -4.262  13.119  -5.856  1.00 43.80 ? 69   ASN A CB  1 
ATOM   542  C CG  . ASN A 1 70  ? -3.068  12.292  -5.336  1.00 41.34 ? 69   ASN A CG  1 
ATOM   543  O OD1 . ASN A 1 70  ? -2.459  11.496  -6.048  1.00 40.18 ? 69   ASN A OD1 1 
ATOM   544  N ND2 . ASN A 1 70  ? -2.735  12.520  -4.098  1.00 40.33 ? 69   ASN A ND2 1 
ATOM   545  N N   . LEU A 1 71  ? -5.424  9.962   -6.093  1.00 41.19 ? 70   LEU A N   1 
ATOM   546  C CA  . LEU A 1 71  ? -5.621  8.741   -5.306  1.00 38.52 ? 70   LEU A CA  1 
ATOM   547  C C   . LEU A 1 71  ? -4.305  8.222   -4.660  1.00 39.26 ? 70   LEU A C   1 
ATOM   548  O O   . LEU A 1 71  ? -4.348  7.417   -3.689  1.00 36.35 ? 70   LEU A O   1 
ATOM   549  C CB  . LEU A 1 71  ? -6.284  7.658   -6.190  1.00 39.05 ? 70   LEU A CB  1 
ATOM   550  C CG  . LEU A 1 71  ? -7.702  8.026   -6.639  1.00 37.65 ? 70   LEU A CG  1 
ATOM   551  C CD1 . LEU A 1 71  ? -8.264  6.868   -7.385  1.00 43.40 ? 70   LEU A CD1 1 
ATOM   552  C CD2 . LEU A 1 71  ? -8.552  8.331   -5.404  1.00 37.68 ? 70   LEU A CD2 1 
ATOM   553  N N   . GLU A 1 72  ? -3.155  8.638   -5.220  1.00 38.90 ? 71   GLU A N   1 
ATOM   554  C CA  . GLU A 1 72  ? -1.834  8.450   -4.569  1.00 39.42 ? 71   GLU A CA  1 
ATOM   555  C C   . GLU A 1 72  ? -1.309  6.994   -4.596  1.00 39.28 ? 71   GLU A C   1 
ATOM   556  O O   . GLU A 1 72  ? -0.618  6.539   -3.680  1.00 39.34 ? 71   GLU A O   1 
ATOM   557  C CB  . GLU A 1 72  ? -1.881  9.007   -3.135  1.00 38.42 ? 71   GLU A CB  1 
ATOM   558  C CG  . GLU A 1 72  ? -0.526  9.100   -2.409  1.00 40.72 ? 71   GLU A CG  1 
ATOM   559  C CD  . GLU A 1 72  ? 0.463   10.012  -3.109  1.00 41.94 ? 71   GLU A CD  1 
ATOM   560  O OE1 . GLU A 1 72  ? 0.054   10.815  -3.976  1.00 41.48 ? 71   GLU A OE1 1 
ATOM   561  O OE2 . GLU A 1 72  ? 1.664   9.911   -2.796  1.00 45.19 ? 71   GLU A OE2 1 
ATOM   562  N N   . LEU A 1 73  ? -1.614  6.296   -5.688  1.00 39.48 ? 72   LEU A N   1 
ATOM   563  C CA  . LEU A 1 73  ? -1.128  4.954   -5.924  1.00 39.42 ? 72   LEU A CA  1 
ATOM   564  C C   . LEU A 1 73  ? -0.525  4.914   -7.300  1.00 39.35 ? 72   LEU A C   1 
ATOM   565  O O   . LEU A 1 73  ? -1.018  5.550   -8.229  1.00 38.77 ? 72   LEU A O   1 
ATOM   566  C CB  . LEU A 1 73  ? -2.271  3.922   -5.826  1.00 37.75 ? 72   LEU A CB  1 
ATOM   567  C CG  . LEU A 1 73  ? -3.007  3.803   -4.477  1.00 38.23 ? 72   LEU A CG  1 
ATOM   568  C CD1 . LEU A 1 73  ? -4.319  3.014   -4.617  1.00 35.38 ? 72   LEU A CD1 1 
ATOM   569  C CD2 . LEU A 1 73  ? -2.147  3.166   -3.374  1.00 35.71 ? 72   LEU A CD2 1 
ATOM   570  N N   . THR A 1 74  ? 0.560   4.166   -7.416  1.00 41.49 ? 73   THR A N   1 
ATOM   571  C CA  . THR A 1 74  ? 1.126   3.851   -8.701  1.00 41.77 ? 73   THR A CA  1 
ATOM   572  C C   . THR A 1 74  ? 1.096   2.360   -8.849  1.00 43.30 ? 73   THR A C   1 
ATOM   573  O O   . THR A 1 74  ? 1.520   1.614   -7.944  1.00 42.44 ? 73   THR A O   1 
ATOM   574  C CB  . THR A 1 74  ? 2.558   4.402   -8.755  1.00 42.94 ? 73   THR A CB  1 
ATOM   575  O OG1 . THR A 1 74  ? 2.518   5.802   -8.441  1.00 43.24 ? 73   THR A OG1 1 
ATOM   576  C CG2 . THR A 1 74  ? 3.219   4.170   -10.100 1.00 41.64 ? 73   THR A CG2 1 
ATOM   577  N N   . LEU A 1 75  ? 0.576   1.889   -9.976  1.00 44.35 ? 74   LEU A N   1 
ATOM   578  C CA  . LEU A 1 75  ? 0.626   0.458   -10.248 1.00 46.56 ? 74   LEU A CA  1 
ATOM   579  C C   . LEU A 1 75  ? 1.798   0.172   -11.192 1.00 47.96 ? 74   LEU A C   1 
ATOM   580  O O   . LEU A 1 75  ? 2.035   0.962   -12.093 1.00 48.38 ? 74   LEU A O   1 
ATOM   581  C CB  . LEU A 1 75  ? -0.729  -0.070  -10.771 1.00 46.29 ? 74   LEU A CB  1 
ATOM   582  C CG  . LEU A 1 75  ? -2.008  0.571   -10.213 1.00 45.80 ? 74   LEU A CG  1 
ATOM   583  C CD1 . LEU A 1 75  ? -3.253  0.078   -10.907 1.00 47.49 ? 74   LEU A CD1 1 
ATOM   584  C CD2 . LEU A 1 75  ? -2.120  0.310   -8.744  1.00 45.74 ? 74   LEU A CD2 1 
ATOM   585  N N   . LEU A 1 76  ? 2.540   -0.923  -10.973 1.00 49.07 ? 75   LEU A N   1 
ATOM   586  C CA  . LEU A 1 76  ? 3.741   -1.218  -11.771 1.00 50.15 ? 75   LEU A CA  1 
ATOM   587  C C   . LEU A 1 76  ? 3.694   -2.653  -12.271 1.00 51.18 ? 75   LEU A C   1 
ATOM   588  O O   . LEU A 1 76  ? 3.346   -3.574  -11.526 1.00 50.23 ? 75   LEU A O   1 
ATOM   589  C CB  . LEU A 1 76  ? 5.058   -1.057  -10.973 1.00 50.13 ? 75   LEU A CB  1 
ATOM   590  C CG  . LEU A 1 76  ? 5.450   -0.038  -9.904  1.00 49.87 ? 75   LEU A CG  1 
ATOM   591  C CD1 . LEU A 1 76  ? 4.557   -0.141  -8.651  1.00 51.27 ? 75   LEU A CD1 1 
ATOM   592  C CD2 . LEU A 1 76  ? 6.900   -0.231  -9.499  1.00 44.74 ? 75   LEU A CD2 1 
ATOM   593  N N   . LYS A 1 77  ? 4.065   -2.851  -13.534 1.00 53.52 ? 76   LYS A N   1 
ATOM   594  C CA  . LYS A 1 77  ? 4.172   -4.202  -14.060 1.00 55.69 ? 76   LYS A CA  1 
ATOM   595  C C   . LYS A 1 77  ? 5.662   -4.524  -14.111 1.00 56.72 ? 76   LYS A C   1 
ATOM   596  O O   . LYS A 1 77  ? 6.451   -3.799  -14.704 1.00 57.15 ? 76   LYS A O   1 
ATOM   597  C CB  . LYS A 1 77  ? 3.437   -4.346  -15.415 1.00 56.28 ? 76   LYS A CB  1 
ATOM   598  C CG  . LYS A 1 77  ? 3.410   -5.770  -15.980 1.00 58.39 ? 76   LYS A CG  1 
ATOM   599  C CD  . LYS A 1 77  ? 2.177   -6.055  -16.870 1.00 61.53 ? 76   LYS A CD  1 
ATOM   600  C CE  . LYS A 1 77  ? 2.462   -7.120  -17.956 1.00 62.57 ? 76   LYS A CE  1 
ATOM   601  N NZ  . LYS A 1 77  ? 2.794   -8.515  -17.452 1.00 64.77 ? 76   LYS A NZ  1 
ATOM   602  N N   . LEU A 1 78  ? 6.045   -5.590  -13.425 1.00 58.15 ? 77   LEU A N   1 
ATOM   603  C CA  . LEU A 1 78  ? 7.451   -5.869  -13.209 1.00 59.42 ? 77   LEU A CA  1 
ATOM   604  C C   . LEU A 1 78  ? 8.010   -6.865  -14.214 1.00 60.53 ? 77   LEU A C   1 
ATOM   605  O O   . LEU A 1 78  ? 7.386   -7.890  -14.481 1.00 60.88 ? 77   LEU A O   1 
ATOM   606  C CB  . LEU A 1 78  ? 7.670   -6.428  -11.806 1.00 58.76 ? 77   LEU A CB  1 
ATOM   607  C CG  . LEU A 1 78  ? 7.256   -5.589  -10.586 1.00 58.72 ? 77   LEU A CG  1 
ATOM   608  C CD1 . LEU A 1 78  ? 7.493   -6.434  -9.353  1.00 56.87 ? 77   LEU A CD1 1 
ATOM   609  C CD2 . LEU A 1 78  ? 8.018   -4.269  -10.520 1.00 57.65 ? 77   LEU A CD2 1 
ATOM   610  N N   . ASN A 1 79  ? 9.207   -6.583  -14.715 1.00 61.23 ? 78   ASN A N   1 
ATOM   611  C CA  . ASN A 1 79  ? 9.877   -7.475  -15.651 1.00 62.07 ? 78   ASN A CA  1 
ATOM   612  C C   . ASN A 1 79  ? 10.437  -8.698  -14.970 1.00 61.88 ? 78   ASN A C   1 
ATOM   613  O O   . ASN A 1 79  ? 11.636  -8.775  -14.722 1.00 62.32 ? 78   ASN A O   1 
ATOM   614  C CB  . ASN A 1 79  ? 11.020  -6.736  -16.343 1.00 62.19 ? 78   ASN A CB  1 
ATOM   615  C CG  . ASN A 1 79  ? 11.430  -7.400  -17.652 1.00 64.48 ? 78   ASN A CG  1 
ATOM   616  O OD1 . ASN A 1 79  ? 10.686  -8.227  -18.202 1.00 65.47 ? 78   ASN A OD1 1 
ATOM   617  N ND2 . ASN A 1 79  ? 12.608  -7.035  -18.165 1.00 63.51 ? 78   ASN A ND2 1 
ATOM   618  N N   . ARG A 1 80  ? 9.581   -9.654  -14.643 1.00 61.81 ? 79   ARG A N   1 
ATOM   619  C CA  . ARG A 1 80  ? 10.049  -10.826 -13.922 1.00 62.24 ? 79   ARG A CA  1 
ATOM   620  C C   . ARG A 1 80  ? 9.130   -11.986 -14.206 1.00 62.74 ? 79   ARG A C   1 
ATOM   621  O O   . ARG A 1 80  ? 7.934   -11.827 -14.470 1.00 63.12 ? 79   ARG A O   1 
ATOM   622  C CB  . ARG A 1 80  ? 10.237  -10.574 -12.397 1.00 61.64 ? 79   ARG A CB  1 
ATOM   623  C CG  . ARG A 1 80  ? 8.952   -10.545 -11.602 1.00 61.25 ? 79   ARG A CG  1 
ATOM   624  C CD  . ARG A 1 80  ? 9.061   -9.760  -10.318 1.00 58.21 ? 79   ARG A CD  1 
ATOM   625  N NE  . ARG A 1 80  ? 9.663   -10.525 -9.225  1.00 57.76 ? 79   ARG A NE  1 
ATOM   626  C CZ  . ARG A 1 80  ? 8.979   -11.249 -8.337  1.00 56.00 ? 79   ARG A CZ  1 
ATOM   627  N NH1 . ARG A 1 80  ? 7.652   -11.333 -8.420  1.00 58.03 ? 79   ARG A NH1 1 
ATOM   628  N NH2 . ARG A 1 80  ? 9.625   -11.900 -7.372  1.00 51.72 ? 79   ARG A NH2 1 
ATOM   629  N N   . ASN A 1 81  ? 9.707   -13.165 -14.158 1.00 62.96 ? 80   ASN A N   1 
ATOM   630  C CA  . ASN A 1 81  ? 9.012   -14.323 -14.618 1.00 63.54 ? 80   ASN A CA  1 
ATOM   631  C C   . ASN A 1 81  ? 8.212   -14.965 -13.497 1.00 63.07 ? 80   ASN A C   1 
ATOM   632  O O   . ASN A 1 81  ? 7.274   -15.710 -13.750 1.00 62.89 ? 80   ASN A O   1 
ATOM   633  C CB  . ASN A 1 81  ? 10.002  -15.250 -15.341 1.00 64.57 ? 80   ASN A CB  1 
ATOM   634  C CG  . ASN A 1 81  ? 10.694  -14.533 -16.533 1.00 67.08 ? 80   ASN A CG  1 
ATOM   635  O OD1 . ASN A 1 81  ? 10.073  -14.323 -17.582 1.00 69.30 ? 80   ASN A OD1 1 
ATOM   636  N ND2 . ASN A 1 81  ? 11.963  -14.122 -16.352 1.00 67.76 ? 80   ASN A ND2 1 
ATOM   637  N N   . GLU A 1 82  ? 8.525   -14.617 -12.252 1.00 62.05 ? 81   GLU A N   1 
ATOM   638  C CA  . GLU A 1 82  ? 7.662   -15.075 -11.187 1.00 61.35 ? 81   GLU A CA  1 
ATOM   639  C C   . GLU A 1 82  ? 6.376   -14.252 -11.119 1.00 59.68 ? 81   GLU A C   1 
ATOM   640  O O   . GLU A 1 82  ? 6.335   -13.048 -11.427 1.00 59.59 ? 81   GLU A O   1 
ATOM   641  C CB  . GLU A 1 82  ? 8.355   -15.176 -9.821  1.00 61.51 ? 81   GLU A CB  1 
ATOM   642  C CG  . GLU A 1 82  ? 7.948   -16.453 -9.113  1.00 64.16 ? 81   GLU A CG  1 
ATOM   643  C CD  . GLU A 1 82  ? 7.864   -16.333 -7.598  1.00 68.25 ? 81   GLU A CD  1 
ATOM   644  O OE1 . GLU A 1 82  ? 8.318   -15.310 -7.030  1.00 70.49 ? 81   GLU A OE1 1 
ATOM   645  O OE2 . GLU A 1 82  ? 7.340   -17.279 -6.966  1.00 69.45 ? 81   GLU A OE2 1 
ATOM   646  N N   . LYS A 1 83  ? 5.323   -14.953 -10.736 1.00 58.09 ? 82   LYS A N   1 
ATOM   647  C CA  . LYS A 1 83  ? 4.011   -14.396 -10.678 1.00 55.84 ? 82   LYS A CA  1 
ATOM   648  C C   . LYS A 1 83  ? 3.598   -14.245 -9.222  1.00 53.90 ? 82   LYS A C   1 
ATOM   649  O O   . LYS A 1 83  ? 3.872   -15.113 -8.371  1.00 53.30 ? 82   LYS A O   1 
ATOM   650  C CB  . LYS A 1 83  ? 3.051   -15.304 -11.428 1.00 56.24 ? 82   LYS A CB  1 
ATOM   651  C CG  . LYS A 1 83  ? 3.046   -15.069 -12.941 1.00 58.26 ? 82   LYS A CG  1 
ATOM   652  C CD  . LYS A 1 83  ? 2.302   -16.188 -13.645 1.00 60.38 ? 82   LYS A CD  1 
ATOM   653  C CE  . LYS A 1 83  ? 1.388   -15.659 -14.755 1.00 62.09 ? 82   LYS A CE  1 
ATOM   654  N NZ  . LYS A 1 83  ? 0.573   -16.771 -15.419 1.00 63.87 ? 82   LYS A NZ  1 
ATOM   655  N N   . PHE A 1 84  ? 2.952   -13.119 -8.943  1.00 51.10 ? 83   PHE A N   1 
ATOM   656  C CA  . PHE A 1 84  ? 2.368   -12.872 -7.627  1.00 48.24 ? 83   PHE A CA  1 
ATOM   657  C C   . PHE A 1 84  ? 1.119   -13.719 -7.411  1.00 46.99 ? 83   PHE A C   1 
ATOM   658  O O   . PHE A 1 84  ? 0.136   -13.617 -8.133  1.00 46.56 ? 83   PHE A O   1 
ATOM   659  C CB  . PHE A 1 84  ? 1.951   -11.399 -7.492  1.00 47.48 ? 83   PHE A CB  1 
ATOM   660  C CG  . PHE A 1 84  ? 3.093   -10.437 -7.431  1.00 46.01 ? 83   PHE A CG  1 
ATOM   661  C CD1 . PHE A 1 84  ? 4.088   -10.571 -6.465  1.00 45.13 ? 83   PHE A CD1 1 
ATOM   662  C CD2 . PHE A 1 84  ? 3.156   -9.372  -8.317  1.00 43.97 ? 83   PHE A CD2 1 
ATOM   663  C CE1 . PHE A 1 84  ? 5.141   -9.662  -6.404  1.00 45.49 ? 83   PHE A CE1 1 
ATOM   664  C CE2 . PHE A 1 84  ? 4.208   -8.450  -8.246  1.00 45.43 ? 83   PHE A CE2 1 
ATOM   665  C CZ  . PHE A 1 84  ? 5.201   -8.605  -7.295  1.00 43.34 ? 83   PHE A CZ  1 
ATOM   666  N N   . ARG A 1 85  ? 1.125   -14.516 -6.374  1.00 45.54 ? 84   ARG A N   1 
ATOM   667  C CA  . ARG A 1 85  ? -0.121  -15.032 -5.901  1.00 45.04 ? 84   ARG A CA  1 
ATOM   668  C C   . ARG A 1 85  ? -1.221  -13.957 -5.966  1.00 44.30 ? 84   ARG A C   1 
ATOM   669  O O   . ARG A 1 85  ? -1.017  -12.808 -5.542  1.00 42.42 ? 84   ARG A O   1 
ATOM   670  C CB  . ARG A 1 85  ? 0.079   -15.524 -4.487  1.00 45.52 ? 84   ARG A CB  1 
ATOM   671  C CG  . ARG A 1 85  ? -0.858  -16.608 -4.118  1.00 47.39 ? 84   ARG A CG  1 
ATOM   672  C CD  . ARG A 1 85  ? -1.897  -16.082 -3.200  1.00 45.46 ? 84   ARG A CD  1 
ATOM   673  N NE  . ARG A 1 85  ? -1.366  -15.082 -2.261  1.00 44.86 ? 84   ARG A NE  1 
ATOM   674  C CZ  . ARG A 1 85  ? -1.784  -15.011 -1.008  1.00 44.45 ? 84   ARG A CZ  1 
ATOM   675  N NH1 . ARG A 1 85  ? -2.698  -15.902 -0.592  1.00 47.81 ? 84   ARG A NH1 1 
ATOM   676  N NH2 . ARG A 1 85  ? -1.302  -14.099 -0.158  1.00 44.90 ? 84   ARG A NH2 1 
ATOM   677  N N   . ASP A 1 86  ? -2.378  -14.343 -6.504  1.00 43.25 ? 85   ASP A N   1 
ATOM   678  C CA  . ASP A 1 86  ? -3.470  -13.422 -6.854  1.00 42.57 ? 85   ASP A CA  1 
ATOM   679  C C   . ASP A 1 86  ? -4.295  -13.054 -5.608  1.00 41.99 ? 85   ASP A C   1 
ATOM   680  O O   . ASP A 1 86  ? -4.984  -13.916 -5.069  1.00 41.84 ? 85   ASP A O   1 
ATOM   681  C CB  . ASP A 1 86  ? -4.392  -14.075 -7.911  1.00 42.64 ? 85   ASP A CB  1 
ATOM   682  C CG  . ASP A 1 86  ? -5.458  -13.114 -8.437  1.00 44.59 ? 85   ASP A CG  1 
ATOM   683  O OD1 . ASP A 1 86  ? -5.551  -11.999 -7.885  1.00 44.69 ? 85   ASP A OD1 1 
ATOM   684  O OD2 . ASP A 1 86  ? -6.190  -13.436 -9.408  1.00 42.70 ? 85   ASP A OD2 1 
ATOM   685  N N   . ILE A 1 87  ? -4.235  -11.791 -5.160  1.00 40.81 ? 86   ILE A N   1 
ATOM   686  C CA  . ILE A 1 87  ? -4.950  -11.403 -3.918  1.00 40.17 ? 86   ILE A CA  1 
ATOM   687  C C   . ILE A 1 87  ? -6.059  -10.408 -4.183  1.00 39.71 ? 86   ILE A C   1 
ATOM   688  O O   . ILE A 1 87  ? -6.531  -9.713  -3.261  1.00 39.62 ? 86   ILE A O   1 
ATOM   689  C CB  . ILE A 1 87  ? -4.014  -10.849 -2.820  1.00 39.44 ? 86   ILE A CB  1 
ATOM   690  C CG1 . ILE A 1 87  ? -3.258  -9.601  -3.316  1.00 40.52 ? 86   ILE A CG1 1 
ATOM   691  C CG2 . ILE A 1 87  ? -3.042  -11.921 -2.336  1.00 37.83 ? 86   ILE A CG2 1 
ATOM   692  C CD1 . ILE A 1 87  ? -2.484  -8.817  -2.133  1.00 37.57 ? 86   ILE A CD1 1 
ATOM   693  N N   . ARG A 1 88  ? -6.503  -10.356 -5.439  1.00 40.68 ? 87   ARG A N   1 
ATOM   694  C CA  . ARG A 1 88  ? -7.602  -9.466  -5.819  1.00 39.52 ? 87   ARG A CA  1 
ATOM   695  C C   . ARG A 1 88  ? -8.896  -9.801  -5.084  1.00 39.78 ? 87   ARG A C   1 
ATOM   696  O O   . ARG A 1 88  ? -9.665  -8.905  -4.708  1.00 38.96 ? 87   ARG A O   1 
ATOM   697  C CB  . ARG A 1 88  ? -7.784  -9.467  -7.336  1.00 41.55 ? 87   ARG A CB  1 
ATOM   698  C CG  . ARG A 1 88  ? -6.688  -8.710  -8.032  1.00 41.24 ? 87   ARG A CG  1 
ATOM   699  C CD  . ARG A 1 88  ? -6.832  -8.749  -9.536  1.00 46.63 ? 87   ARG A CD  1 
ATOM   700  N NE  . ARG A 1 88  ? -6.620  -10.109 -10.017 1.00 47.09 ? 87   ARG A NE  1 
ATOM   701  C CZ  . ARG A 1 88  ? -6.736  -10.487 -11.286 1.00 48.18 ? 87   ARG A CZ  1 
ATOM   702  N NH1 . ARG A 1 88  ? -7.062  -9.608  -12.223 1.00 50.52 ? 87   ARG A NH1 1 
ATOM   703  N NH2 . ARG A 1 88  ? -6.520  -11.749 -11.610 1.00 47.40 ? 87   ARG A NH2 1 
ATOM   704  N N   . GLY A 1 89  ? -9.085  -11.081 -4.790  1.00 37.94 ? 88   GLY A N   1 
ATOM   705  C CA  . GLY A 1 89  ? -10.213 -11.498 -4.004  1.00 39.16 ? 88   GLY A CA  1 
ATOM   706  C C   . GLY A 1 89  ? -10.214 -10.876 -2.630  1.00 38.53 ? 88   GLY A C   1 
ATOM   707  O O   . GLY A 1 89  ? -11.238 -10.917 -1.947  1.00 38.40 ? 88   GLY A O   1 
ATOM   708  N N   . PHE A 1 90  ? -9.067  -10.300 -2.210  1.00 37.79 ? 89   PHE A N   1 
ATOM   709  C CA  . PHE A 1 90  ? -8.998  -9.707  -0.881  1.00 34.98 ? 89   PHE A CA  1 
ATOM   710  C C   . PHE A 1 90  ? -9.295  -8.214  -0.875  1.00 34.75 ? 89   PHE A C   1 
ATOM   711  O O   . PHE A 1 90  ? -9.392  -7.597  0.217   1.00 33.38 ? 89   PHE A O   1 
ATOM   712  C CB  . PHE A 1 90  ? -7.624  -10.002 -0.186  1.00 35.70 ? 89   PHE A CB  1 
ATOM   713  C CG  . PHE A 1 90  ? -7.418  -11.428 0.179   1.00 35.40 ? 89   PHE A CG  1 
ATOM   714  C CD1 . PHE A 1 90  ? -8.013  -11.966 1.320   1.00 36.10 ? 89   PHE A CD1 1 
ATOM   715  C CD2 . PHE A 1 90  ? -6.635  -12.262 -0.640  1.00 34.44 ? 89   PHE A CD2 1 
ATOM   716  C CE1 . PHE A 1 90  ? -7.840  -13.353 1.661   1.00 40.40 ? 89   PHE A CE1 1 
ATOM   717  C CE2 . PHE A 1 90  ? -6.427  -13.628 -0.313  1.00 37.49 ? 89   PHE A CE2 1 
ATOM   718  C CZ  . PHE A 1 90  ? -7.047  -14.182 0.835   1.00 37.56 ? 89   PHE A CZ  1 
ATOM   719  N N   . LEU A 1 91  ? -9.473  -7.635  -2.062  1.00 32.85 ? 90   LEU A N   1 
ATOM   720  C CA  . LEU A 1 91  ? -9.635  -6.212  -2.230  1.00 33.65 ? 90   LEU A CA  1 
ATOM   721  C C   . LEU A 1 91  ? -11.101 -5.854  -2.383  1.00 35.56 ? 90   LEU A C   1 
ATOM   722  O O   . LEU A 1 91  ? -11.801 -6.401  -3.262  1.00 35.37 ? 90   LEU A O   1 
ATOM   723  C CB  . LEU A 1 91  ? -8.895  -5.731  -3.465  1.00 33.60 ? 90   LEU A CB  1 
ATOM   724  C CG  . LEU A 1 91  ? -7.444  -6.089  -3.700  1.00 32.90 ? 90   LEU A CG  1 
ATOM   725  C CD1 . LEU A 1 91  ? -7.127  -5.601  -5.056  1.00 31.23 ? 90   LEU A CD1 1 
ATOM   726  C CD2 . LEU A 1 91  ? -6.576  -5.367  -2.661  1.00 31.63 ? 90   LEU A CD2 1 
ATOM   727  N N   . ALA A 1 92  ? -11.567 -4.942  -1.528  1.00 34.19 ? 91   ALA A N   1 
ATOM   728  C CA  . ALA A 1 92  ? -12.968 -4.506  -1.544  1.00 35.11 ? 91   ALA A CA  1 
ATOM   729  C C   . ALA A 1 92  ? -13.336 -3.669  -2.770  1.00 35.65 ? 91   ALA A C   1 
ATOM   730  O O   . ALA A 1 92  ? -12.448 -3.177  -3.488  1.00 35.62 ? 91   ALA A O   1 
ATOM   731  C CB  . ALA A 1 92  ? -13.318 -3.795  -0.272  1.00 33.49 ? 91   ALA A CB  1 
ATOM   732  N N   . LYS A 1 93  ? -14.644 -3.555  -3.052  1.00 37.21 ? 92   LYS A N   1 
ATOM   733  C CA  . LYS A 1 93  ? -15.120 -2.733  -4.183  1.00 38.28 ? 92   LYS A CA  1 
ATOM   734  C C   . LYS A 1 93  ? -15.280 -1.289  -3.781  1.00 39.20 ? 92   LYS A C   1 
ATOM   735  O O   . LYS A 1 93  ? -15.333 -0.382  -4.619  1.00 39.67 ? 92   LYS A O   1 
ATOM   736  C CB  . LYS A 1 93  ? -16.451 -3.261  -4.742  1.00 39.80 ? 92   LYS A CB  1 
ATOM   737  C CG  . LYS A 1 93  ? -16.345 -4.636  -5.304  1.00 40.75 ? 92   LYS A CG  1 
ATOM   738  C CD  . LYS A 1 93  ? -17.628 -5.001  -6.114  1.00 46.17 ? 92   LYS A CD  1 
ATOM   739  C CE  . LYS A 1 93  ? -17.181 -5.750  -7.389  1.00 47.47 ? 92   LYS A CE  1 
ATOM   740  N NZ  . LYS A 1 93  ? -18.256 -6.638  -8.027  1.00 51.80 ? 92   LYS A NZ  1 
ATOM   741  N N   . GLU A 1 94  ? -15.365 -1.068  -2.484  1.00 39.75 ? 93   GLU A N   1 
ATOM   742  C CA  . GLU A 1 94  ? -15.335 0.283   -1.992  1.00 41.03 ? 93   GLU A CA  1 
ATOM   743  C C   . GLU A 1 94  ? -14.652 0.311   -0.622  1.00 40.15 ? 93   GLU A C   1 
ATOM   744  O O   . GLU A 1 94  ? -14.429 -0.721  0.003   1.00 39.89 ? 93   GLU A O   1 
ATOM   745  C CB  . GLU A 1 94  ? -16.760 0.778   -1.837  1.00 41.35 ? 93   GLU A CB  1 
ATOM   746  C CG  . GLU A 1 94  ? -17.525 -0.113  -0.911  1.00 43.60 ? 93   GLU A CG  1 
ATOM   747  C CD  . GLU A 1 94  ? -18.941 0.342   -0.705  1.00 48.08 ? 93   GLU A CD  1 
ATOM   748  O OE1 . GLU A 1 94  ? -19.483 1.030   -1.601  1.00 48.72 ? 93   GLU A OE1 1 
ATOM   749  O OE2 . GLU A 1 94  ? -19.482 0.006   0.364   1.00 49.42 ? 93   GLU A OE2 1 
ATOM   750  N N   . GLU A 1 95  ? -14.386 1.524   -0.155  1.00 40.45 ? 94   GLU A N   1 
ATOM   751  C CA  . GLU A 1 95  ? -13.694 1.810   1.103   1.00 40.59 ? 94   GLU A CA  1 
ATOM   752  C C   . GLU A 1 95  ? -14.276 1.041   2.305   1.00 40.41 ? 94   GLU A C   1 
ATOM   753  O O   . GLU A 1 95  ? -15.495 1.102   2.608   1.00 39.79 ? 94   GLU A O   1 
ATOM   754  C CB  . GLU A 1 95  ? -13.715 3.343   1.333   1.00 40.60 ? 94   GLU A CB  1 
ATOM   755  C CG  . GLU A 1 95  ? -13.010 4.168   0.233   1.00 40.80 ? 94   GLU A CG  1 
ATOM   756  C CD  . GLU A 1 95  ? -13.938 4.624   -0.914  1.00 47.66 ? 94   GLU A CD  1 
ATOM   757  O OE1 . GLU A 1 95  ? -14.716 3.775   -1.440  1.00 47.44 ? 94   GLU A OE1 1 
ATOM   758  O OE2 . GLU A 1 95  ? -13.865 5.818   -1.318  1.00 47.22 ? 94   GLU A OE2 1 
ATOM   759  N N   . VAL A 1 96  ? -13.407 0.261   2.944   1.00 40.15 ? 95   VAL A N   1 
ATOM   760  C CA  . VAL A 1 96  ? -13.770 -0.538  4.110   1.00 41.92 ? 95   VAL A CA  1 
ATOM   761  C C   . VAL A 1 96  ? -13.504 0.230   5.391   1.00 43.02 ? 95   VAL A C   1 
ATOM   762  O O   . VAL A 1 96  ? -12.455 0.900   5.540   1.00 43.89 ? 95   VAL A O   1 
ATOM   763  C CB  . VAL A 1 96  ? -12.962 -1.847  4.168   1.00 41.82 ? 95   VAL A CB  1 
ATOM   764  C CG1 . VAL A 1 96  ? -13.451 -2.754  5.342   1.00 41.48 ? 95   VAL A CG1 1 
ATOM   765  C CG2 . VAL A 1 96  ? -13.067 -2.562  2.837   1.00 42.62 ? 95   VAL A CG2 1 
ATOM   766  N N   . GLU A 1 97  ? -14.455 0.135   6.307   1.00 43.75 ? 96   GLU A N   1 
ATOM   767  C CA  . GLU A 1 97  ? -14.365 0.751   7.610   1.00 44.60 ? 96   GLU A CA  1 
ATOM   768  C C   . GLU A 1 97  ? -14.358 -0.371  8.630   1.00 45.35 ? 96   GLU A C   1 
ATOM   769  O O   . GLU A 1 97  ? -15.204 -1.283  8.593   1.00 46.10 ? 96   GLU A O   1 
ATOM   770  C CB  . GLU A 1 97  ? -15.524 1.710   7.831   1.00 44.44 ? 96   GLU A CB  1 
ATOM   771  C CG  . GLU A 1 97  ? -15.417 2.974   7.022   1.00 45.67 ? 96   GLU A CG  1 
ATOM   772  C CD  . GLU A 1 97  ? -16.198 4.108   7.629   1.00 50.18 ? 96   GLU A CD  1 
ATOM   773  O OE1 . GLU A 1 97  ? -16.849 3.889   8.678   1.00 50.80 ? 96   GLU A OE1 1 
ATOM   774  O OE2 . GLU A 1 97  ? -16.169 5.224   7.061   1.00 52.99 ? 96   GLU A OE2 1 
ATOM   775  N N   . VAL A 1 98  ? -13.363 -0.322  9.504   1.00 44.40 ? 97   VAL A N   1 
ATOM   776  C CA  . VAL A 1 98  ? -13.024 -1.417  10.362  1.00 44.61 ? 97   VAL A CA  1 
ATOM   777  C C   . VAL A 1 98  ? -12.762 -0.903  11.774  1.00 45.19 ? 97   VAL A C   1 
ATOM   778  O O   . VAL A 1 98  ? -12.350 0.265   11.953  1.00 44.94 ? 97   VAL A O   1 
ATOM   779  C CB  . VAL A 1 98  ? -11.807 -2.138  9.758   1.00 45.63 ? 97   VAL A CB  1 
ATOM   780  C CG1 . VAL A 1 98  ? -10.599 -2.075  10.669  1.00 42.98 ? 97   VAL A CG1 1 
ATOM   781  C CG2 . VAL A 1 98  ? -12.160 -3.550  9.313   1.00 43.89 ? 97   VAL A CG2 1 
ATOM   782  N N   . ASN A 1 99  ? -13.015 -1.755  12.774  1.00 46.68 ? 98   ASN A N   1 
ATOM   783  C CA  . ASN A 1 99  ? -12.812 -1.366  14.157  1.00 47.47 ? 98   ASN A CA  1 
ATOM   784  C C   . ASN A 1 99  ? -11.415 -1.696  14.676  1.00 46.35 ? 98   ASN A C   1 
ATOM   785  O O   . ASN A 1 99  ? -10.863 -0.922  15.483  1.00 45.28 ? 98   ASN A O   1 
ATOM   786  C CB  . ASN A 1 99  ? -13.883 -1.940  15.081  1.00 49.66 ? 98   ASN A CB  1 
ATOM   787  C CG  . ASN A 1 99  ? -14.273 -0.948  16.174  1.00 53.88 ? 98   ASN A CG  1 
ATOM   788  O OD1 . ASN A 1 99  ? -14.822 0.143   15.888  1.00 57.72 ? 98   ASN A OD1 1 
ATOM   789  N ND2 . ASN A 1 99  ? -13.969 -1.302  17.436  1.00 59.19 ? 98   ASN A ND2 1 
ATOM   790  N N   . GLU A 1 100 ? -10.853 -2.817  14.202  1.00 44.31 ? 99   GLU A N   1 
ATOM   791  C CA  . GLU A 1 100 ? -9.463  -3.224  14.494  1.00 42.76 ? 99   GLU A CA  1 
ATOM   792  C C   . GLU A 1 100 ? -8.670  -3.547  13.180  1.00 40.10 ? 99   GLU A C   1 
ATOM   793  O O   . GLU A 1 100 ? -9.055  -4.425  12.409  1.00 41.22 ? 99   GLU A O   1 
ATOM   794  C CB  . GLU A 1 100 ? -9.404  -4.412  15.515  1.00 43.04 ? 99   GLU A CB  1 
ATOM   795  C CG  . GLU A 1 100 ? -9.861  -4.105  17.015  1.00 47.49 ? 99   GLU A CG  1 
ATOM   796  C CD  . GLU A 1 100 ? -9.012  -3.067  17.756  1.00 52.72 ? 99   GLU A CD  1 
ATOM   797  O OE1 . GLU A 1 100 ? -7.764  -3.043  17.600  1.00 54.56 ? 99   GLU A OE1 1 
ATOM   798  O OE2 . GLU A 1 100 ? -9.590  -2.269  18.541  1.00 57.13 ? 99   GLU A OE2 1 
ATOM   799  N N   . ALA A 1 101 ? -7.590  -2.813  12.911  1.00 36.48 ? 100  ALA A N   1 
ATOM   800  C CA  . ALA A 1 101 ? -6.785  -3.078  11.707  1.00 32.21 ? 100  ALA A CA  1 
ATOM   801  C C   . ALA A 1 101 ? -5.311  -3.309  12.090  1.00 31.46 ? 100  ALA A C   1 
ATOM   802  O O   . ALA A 1 101 ? -4.880  -2.872  13.166  1.00 29.39 ? 100  ALA A O   1 
ATOM   803  C CB  . ALA A 1 101 ? -6.905  -1.907  10.756  1.00 32.91 ? 100  ALA A CB  1 
ATOM   804  N N   . VAL A 1 102 ? -4.522  -3.992  11.219  1.00 26.83 ? 101  VAL A N   1 
ATOM   805  C CA  . VAL A 1 102 ? -3.073  -4.064  11.409  1.00 26.14 ? 101  VAL A CA  1 
ATOM   806  C C   . VAL A 1 102 ? -2.395  -3.363  10.202  1.00 26.71 ? 101  VAL A C   1 
ATOM   807  O O   . VAL A 1 102 ? -2.831  -3.605  9.059   1.00 26.28 ? 101  VAL A O   1 
ATOM   808  C CB  . VAL A 1 102 ? -2.601  -5.534  11.539  1.00 27.00 ? 101  VAL A CB  1 
ATOM   809  C CG1 . VAL A 1 102 ? -1.085  -5.652  11.652  1.00 22.61 ? 101  VAL A CG1 1 
ATOM   810  C CG2 . VAL A 1 102 ? -3.292  -6.234  12.715  1.00 29.14 ? 101  VAL A CG2 1 
ATOM   811  N N   . LEU A 1 103 ? -1.402  -2.485  10.459  1.00 24.90 ? 102  LEU A N   1 
ATOM   812  C CA  . LEU A 1 103 ? -0.550  -1.925  9.403   1.00 25.47 ? 102  LEU A CA  1 
ATOM   813  C C   . LEU A 1 103 ? 0.777   -2.694  9.396   1.00 24.98 ? 102  LEU A C   1 
ATOM   814  O O   . LEU A 1 103 ? 1.439   -2.792  10.428  1.00 25.30 ? 102  LEU A O   1 
ATOM   815  C CB  . LEU A 1 103 ? -0.340  -0.400  9.625   1.00 27.13 ? 102  LEU A CB  1 
ATOM   816  C CG  . LEU A 1 103 ? 0.651   0.274   8.661   1.00 26.82 ? 102  LEU A CG  1 
ATOM   817  C CD1 . LEU A 1 103 ? -0.048  0.244   7.320   1.00 26.17 ? 102  LEU A CD1 1 
ATOM   818  C CD2 . LEU A 1 103 ? 0.934   1.753   9.082   1.00 32.38 ? 102  LEU A CD2 1 
ATOM   819  N N   . ALA A 1 104 ? 1.172   -3.298  8.246   1.00 23.29 ? 103  ALA A N   1 
ATOM   820  C CA  . ALA A 1 104 ? 2.330   -4.196  8.213   1.00 22.56 ? 103  ALA A CA  1 
ATOM   821  C C   . ALA A 1 104 ? 3.436   -3.514  7.345   1.00 22.55 ? 103  ALA A C   1 
ATOM   822  O O   . ALA A 1 104 ? 3.118   -3.049  6.239   1.00 22.40 ? 103  ALA A O   1 
ATOM   823  C CB  . ALA A 1 104 ? 1.930   -5.530  7.543   1.00 25.47 ? 103  ALA A CB  1 
ATOM   824  N N   . ILE A 1 105 ? 4.643   -3.437  7.859   1.00 22.84 ? 104  ILE A N   1 
ATOM   825  C CA  . ILE A 1 105 ? 5.766   -2.729  7.184   1.00 27.73 ? 104  ILE A CA  1 
ATOM   826  C C   . ILE A 1 105 ? 6.890   -3.688  6.884   1.00 28.58 ? 104  ILE A C   1 
ATOM   827  O O   . ILE A 1 105 ? 7.201   -4.565  7.697   1.00 28.80 ? 104  ILE A O   1 
ATOM   828  C CB  . ILE A 1 105 ? 6.266   -1.540  8.007   1.00 27.59 ? 104  ILE A CB  1 
ATOM   829  C CG1 . ILE A 1 105 ? 5.061   -0.682  8.293   1.00 32.76 ? 104  ILE A CG1 1 
ATOM   830  C CG2 . ILE A 1 105 ? 7.342   -0.673  7.184   1.00 27.70 ? 104  ILE A CG2 1 
ATOM   831  C CD1 . ILE A 1 105 ? 5.196   0.096   9.503   1.00 40.39 ? 104  ILE A CD1 1 
ATOM   832  N N   . ASN A 1 106 ? 7.490   -3.586  5.689   1.00 31.14 ? 105  ASN A N   1 
ATOM   833  C CA  . ASN A 1 106 ? 8.625   -4.462  5.373   1.00 31.44 ? 105  ASN A CA  1 
ATOM   834  C C   . ASN A 1 106 ? 9.797   -3.635  4.766   1.00 31.70 ? 105  ASN A C   1 
ATOM   835  O O   . ASN A 1 106 ? 10.022  -3.711  3.568   1.00 30.81 ? 105  ASN A O   1 
ATOM   836  C CB  . ASN A 1 106 ? 8.190   -5.520  4.298   1.00 34.19 ? 105  ASN A CB  1 
ATOM   837  C CG  . ASN A 1 106 ? 9.215   -6.667  4.129   1.00 37.44 ? 105  ASN A CG  1 
ATOM   838  O OD1 . ASN A 1 106 ? 10.289  -6.633  4.721   1.00 38.78 ? 105  ASN A OD1 1 
ATOM   839  N ND2 . ASN A 1 106 ? 8.850   -7.717  3.316   1.00 41.26 ? 105  ASN A ND2 1 
ATOM   840  N N   . THR A 1 107 ? 10.531  -2.872  5.550   1.00 31.87 ? 106  THR A N   1 
ATOM   841  C CA  . THR A 1 107 ? 11.696  -2.127  4.985   1.00 33.97 ? 106  THR A CA  1 
ATOM   842  C C   . THR A 1 107 ? 12.990  -2.519  5.741   1.00 36.39 ? 106  THR A C   1 
ATOM   843  O O   . THR A 1 107 ? 12.931  -3.368  6.633   1.00 36.74 ? 106  THR A O   1 
ATOM   844  C CB  . THR A 1 107 ? 11.446  -0.580  4.920   1.00 32.76 ? 106  THR A CB  1 
ATOM   845  O OG1 . THR A 1 107 ? 11.385  -0.001  6.243   1.00 33.87 ? 106  THR A OG1 1 
ATOM   846  C CG2 . THR A 1 107 ? 10.193  -0.245  4.154   1.00 30.51 ? 106  THR A CG2 1 
ATOM   847  N N   . SER A 1 108 ? 14.159  -1.967  5.342   1.00 38.03 ? 107  SER A N   1 
ATOM   848  C CA  . SER A 1 108 ? 15.372  -1.964  6.183   1.00 39.28 ? 107  SER A CA  1 
ATOM   849  C C   . SER A 1 108 ? 15.132  -1.189  7.463   1.00 40.00 ? 107  SER A C   1 
ATOM   850  O O   . SER A 1 108 ? 15.619  -1.556  8.496   1.00 42.75 ? 107  SER A O   1 
ATOM   851  C CB  . SER A 1 108 ? 16.594  -1.314  5.458   1.00 39.88 ? 107  SER A CB  1 
ATOM   852  O OG  . SER A 1 108 ? 16.811  -1.907  4.159   1.00 37.19 ? 107  SER A OG  1 
ATOM   853  N N   . LYS A 1 109 ? 14.408  -0.095  7.411   1.00 40.89 ? 108  LYS A N   1 
ATOM   854  C CA  . LYS A 1 109 ? 14.130  0.638   8.628   1.00 41.19 ? 108  LYS A CA  1 
ATOM   855  C C   . LYS A 1 109 ? 13.233  -0.219  9.553   1.00 41.35 ? 108  LYS A C   1 
ATOM   856  O O   . LYS A 1 109 ? 13.564  -0.469  10.752  1.00 42.23 ? 108  LYS A O   1 
ATOM   857  C CB  . LYS A 1 109 ? 13.474  1.959   8.274   1.00 41.78 ? 108  LYS A CB  1 
ATOM   858  C CG  . LYS A 1 109 ? 13.364  2.983   9.421   1.00 44.97 ? 108  LYS A CG  1 
ATOM   859  C CD  . LYS A 1 109 ? 13.659  4.393   8.923   1.00 49.32 ? 108  LYS A CD  1 
ATOM   860  C CE  . LYS A 1 109 ? 13.820  5.404   10.079  1.00 52.83 ? 108  LYS A CE  1 
ATOM   861  N NZ  . LYS A 1 109 ? 12.623  5.457   11.020  1.00 53.84 ? 108  LYS A NZ  1 
ATOM   862  N N   . PHE A 1 110 ? 12.116  -0.692  9.004   1.00 38.97 ? 109  PHE A N   1 
ATOM   863  C CA  . PHE A 1 110 ? 11.156  -1.470  9.800   1.00 38.04 ? 109  PHE A CA  1 
ATOM   864  C C   . PHE A 1 110 ? 11.000  -2.840  9.162   1.00 36.50 ? 109  PHE A C   1 
ATOM   865  O O   . PHE A 1 110 ? 10.070  -3.028  8.348   1.00 35.38 ? 109  PHE A O   1 
ATOM   866  C CB  . PHE A 1 110 ? 9.810   -0.723  9.847   1.00 39.09 ? 109  PHE A CB  1 
ATOM   867  C CG  . PHE A 1 110 ? 9.915   0.684   10.327  1.00 40.11 ? 109  PHE A CG  1 
ATOM   868  C CD1 . PHE A 1 110 ? 9.996   0.961   11.677  1.00 42.94 ? 109  PHE A CD1 1 
ATOM   869  C CD2 . PHE A 1 110 ? 9.928   1.747   9.419   1.00 40.38 ? 109  PHE A CD2 1 
ATOM   870  C CE1 . PHE A 1 110 ? 10.099  2.278   12.115  1.00 42.61 ? 109  PHE A CE1 1 
ATOM   871  C CE2 . PHE A 1 110 ? 10.031  3.050   9.830   1.00 41.88 ? 109  PHE A CE2 1 
ATOM   872  C CZ  . PHE A 1 110 ? 10.092  3.329   11.192  1.00 44.80 ? 109  PHE A CZ  1 
ATOM   873  N N   . PRO A 1 111 ? 11.916  -3.804  9.463   1.00 34.68 ? 110  PRO A N   1 
ATOM   874  C CA  . PRO A 1 111 ? 11.694  -5.046  8.798   1.00 35.57 ? 110  PRO A CA  1 
ATOM   875  C C   . PRO A 1 111 ? 10.597  -5.818  9.598   1.00 35.50 ? 110  PRO A C   1 
ATOM   876  O O   . PRO A 1 111 ? 10.444  -5.592  10.823  1.00 37.69 ? 110  PRO A O   1 
ATOM   877  C CB  . PRO A 1 111 ? 13.062  -5.729  8.849   1.00 35.46 ? 110  PRO A CB  1 
ATOM   878  C CG  . PRO A 1 111 ? 13.647  -5.274  10.080  1.00 38.24 ? 110  PRO A CG  1 
ATOM   879  C CD  . PRO A 1 111 ? 13.173  -3.838  10.256  1.00 36.24 ? 110  PRO A CD  1 
ATOM   880  N N   . ASN A 1 112 ? 9.826   -6.614  8.895   1.00 34.24 ? 111  ASN A N   1 
ATOM   881  C CA  . ASN A 1 112 ? 8.608   -7.290  9.402   1.00 33.36 ? 111  ASN A CA  1 
ATOM   882  C C   . ASN A 1 112 ? 8.134   -6.761  10.752  1.00 29.75 ? 111  ASN A C   1 
ATOM   883  O O   . ASN A 1 112 ? 8.255   -7.457  11.740  1.00 29.54 ? 111  ASN A O   1 
ATOM   884  C CB  . ASN A 1 112 ? 8.927   -8.774  9.538   1.00 35.40 ? 111  ASN A CB  1 
ATOM   885  C CG  . ASN A 1 112 ? 7.754   -9.699  9.128   1.00 40.80 ? 111  ASN A CG  1 
ATOM   886  O OD1 . ASN A 1 112 ? 6.900   -9.370  8.273   1.00 50.51 ? 111  ASN A OD1 1 
ATOM   887  N ND2 . ASN A 1 112 ? 7.731   -10.872 9.717   1.00 44.13 ? 111  ASN A ND2 1 
ATOM   888  N N   . MET A 1 113 ? 7.592   -5.555  10.770  1.00 26.85 ? 112  MET A N   1 
ATOM   889  C CA  . MET A 1 113 ? 6.925   -5.032  11.947  1.00 26.75 ? 112  MET A CA  1 
ATOM   890  C C   . MET A 1 113 ? 5.427   -4.854  11.698  1.00 25.54 ? 112  MET A C   1 
ATOM   891  O O   . MET A 1 113 ? 5.008   -4.513  10.592  1.00 27.75 ? 112  MET A O   1 
ATOM   892  C CB  . MET A 1 113 ? 7.587   -3.719  12.341  1.00 26.95 ? 112  MET A CB  1 
ATOM   893  C CG  . MET A 1 113 ? 9.112   -3.933  12.763  1.00 30.86 ? 112  MET A CG  1 
ATOM   894  S SD  . MET A 1 113 ? 9.711   -2.362  13.413  1.00 47.27 ? 112  MET A SD  1 
ATOM   895  C CE  . MET A 1 113 ? 11.476  -2.734  13.439  1.00 41.21 ? 112  MET A CE  1 
ATOM   896  N N   . TYR A 1 114 ? 4.587   -5.064  12.713  1.00 25.43 ? 113  TYR A N   1 
ATOM   897  C CA  . TYR A 1 114 ? 3.153   -4.986  12.534  1.00 22.90 ? 113  TYR A CA  1 
ATOM   898  C C   . TYR A 1 114 ? 2.668   -4.076  13.672  1.00 22.65 ? 113  TYR A C   1 
ATOM   899  O O   . TYR A 1 114 ? 3.146   -4.256  14.781  1.00 22.66 ? 113  TYR A O   1 
ATOM   900  C CB  . TYR A 1 114 ? 2.529   -6.408  12.700  1.00 22.47 ? 113  TYR A CB  1 
ATOM   901  C CG  . TYR A 1 114 ? 3.018   -7.340  11.620  1.00 21.82 ? 113  TYR A CG  1 
ATOM   902  C CD1 . TYR A 1 114 ? 4.312   -7.869  11.669  1.00 24.06 ? 113  TYR A CD1 1 
ATOM   903  C CD2 . TYR A 1 114 ? 2.195   -7.614  10.534  1.00 22.66 ? 113  TYR A CD2 1 
ATOM   904  C CE1 . TYR A 1 114 ? 4.815   -8.707  10.568  1.00 22.07 ? 113  TYR A CE1 1 
ATOM   905  C CE2 . TYR A 1 114 ? 2.704   -8.420  9.423   1.00 23.46 ? 113  TYR A CE2 1 
ATOM   906  C CZ  . TYR A 1 114 ? 3.970   -8.941  9.494   1.00 19.48 ? 113  TYR A CZ  1 
ATOM   907  O OH  . TYR A 1 114 ? 4.412   -9.750  8.397   1.00 23.65 ? 113  TYR A OH  1 
ATOM   908  N N   . ILE A 1 115 ? 1.725   -3.202  13.347  1.00 20.81 ? 114  ILE A N   1 
ATOM   909  C CA  . ILE A 1 115 ? 1.161   -2.183  14.211  1.00 25.09 ? 114  ILE A CA  1 
ATOM   910  C C   . ILE A 1 115 ? -0.361  -2.263  14.307  1.00 25.26 ? 114  ILE A C   1 
ATOM   911  O O   . ILE A 1 115 ? -1.067  -1.947  13.357  1.00 26.55 ? 114  ILE A O   1 
ATOM   912  C CB  . ILE A 1 115 ? 1.441   -0.764  13.679  1.00 24.21 ? 114  ILE A CB  1 
ATOM   913  C CG1 . ILE A 1 115 ? 2.953   -0.507  13.488  1.00 29.05 ? 114  ILE A CG1 1 
ATOM   914  C CG2 . ILE A 1 115 ? 0.839   0.234   14.632  1.00 25.59 ? 114  ILE A CG2 1 
ATOM   915  C CD1 . ILE A 1 115 ? 3.316   0.692   12.500  1.00 29.95 ? 114  ILE A CD1 1 
ATOM   916  N N   . PRO A 1 116 ? -0.872  -2.497  15.499  1.00 28.81 ? 115  PRO A N   1 
ATOM   917  C CA  . PRO A 1 116 ? -2.318  -2.395  15.569  1.00 29.43 ? 115  PRO A CA  1 
ATOM   918  C C   . PRO A 1 116 ? -2.728  -0.915  15.665  1.00 31.55 ? 115  PRO A C   1 
ATOM   919  O O   . PRO A 1 116 ? -2.449  -0.253  16.692  1.00 32.96 ? 115  PRO A O   1 
ATOM   920  C CB  . PRO A 1 116 ? -2.637  -3.166  16.833  1.00 30.20 ? 115  PRO A CB  1 
ATOM   921  C CG  . PRO A 1 116 ? -1.257  -3.398  17.546  1.00 30.03 ? 115  PRO A CG  1 
ATOM   922  C CD  . PRO A 1 116 ? -0.241  -2.641  16.815  1.00 25.45 ? 115  PRO A CD  1 
ATOM   923  N N   . VAL A 1 117 ? -3.373  -0.394  14.634  1.00 33.09 ? 116  VAL A N   1 
ATOM   924  C CA  . VAL A 1 117 ? -3.648  1.026   14.508  1.00 35.98 ? 116  VAL A CA  1 
ATOM   925  C C   . VAL A 1 117 ? -5.079  1.312   14.972  1.00 39.32 ? 116  VAL A C   1 
ATOM   926  O O   . VAL A 1 117 ? -5.559  2.491   14.964  1.00 41.44 ? 116  VAL A O   1 
ATOM   927  C CB  . VAL A 1 117 ? -3.443  1.511   13.041  1.00 36.70 ? 116  VAL A CB  1 
ATOM   928  C CG1 . VAL A 1 117 ? -2.002  1.232   12.575  1.00 36.07 ? 116  VAL A CG1 1 
ATOM   929  C CG2 . VAL A 1 117 ? -4.403  0.797   12.110  1.00 37.38 ? 116  VAL A CG2 1 
ATOM   930  N N   . GLY A 1 118 ? -5.759  0.233   15.344  1.00 41.53 ? 117  GLY A N   1 
ATOM   931  C CA  . GLY A 1 118 ? -7.131  0.314   15.823  1.00 44.86 ? 117  GLY A CA  1 
ATOM   932  C C   . GLY A 1 118 ? -8.159  0.632   14.765  1.00 46.08 ? 117  GLY A C   1 
ATOM   933  O O   . GLY A 1 118 ? -8.203  -0.038  13.708  1.00 46.93 ? 117  GLY A O   1 
ATOM   934  N N   . GLN A 1 119 ? -8.986  1.638   15.057  1.00 46.03 ? 118  GLN A N   1 
ATOM   935  C CA  . GLN A 1 119 ? -10.115 1.987   14.194  1.00 47.18 ? 118  GLN A CA  1 
ATOM   936  C C   . GLN A 1 119 ? -9.691  2.748   12.950  1.00 45.63 ? 118  GLN A C   1 
ATOM   937  O O   . GLN A 1 119 ? -8.933  3.733   13.029  1.00 45.52 ? 118  GLN A O   1 
ATOM   938  C CB  . GLN A 1 119 ? -11.246 2.691   14.983  1.00 47.97 ? 118  GLN A CB  1 
ATOM   939  C CG  . GLN A 1 119 ? -12.075 3.755   14.197  1.00 52.81 ? 118  GLN A CG  1 
ATOM   940  C CD  . GLN A 1 119 ? -13.552 3.797   14.599  1.00 58.56 ? 118  GLN A CD  1 
ATOM   941  O OE1 . GLN A 1 119 ? -14.195 2.742   14.797  1.00 62.17 ? 118  GLN A OE1 1 
ATOM   942  N NE2 . GLN A 1 119 ? -14.105 5.018   14.712  1.00 61.09 ? 118  GLN A NE2 1 
ATOM   943  N N   . VAL A 1 120 ? -10.112 2.197   11.804  1.00 44.34 ? 119  VAL A N   1 
ATOM   944  C CA  . VAL A 1 120 ? -10.011 2.809   10.500  1.00 42.60 ? 119  VAL A CA  1 
ATOM   945  C C   . VAL A 1 120 ? -11.403 3.328   10.124  1.00 44.72 ? 119  VAL A C   1 
ATOM   946  O O   . VAL A 1 120 ? -12.392 2.555   10.094  1.00 42.70 ? 119  VAL A O   1 
ATOM   947  C CB  . VAL A 1 120 ? -9.620  1.799   9.360   1.00 41.81 ? 119  VAL A CB  1 
ATOM   948  C CG1 . VAL A 1 120 ? -9.543  2.553   8.049   1.00 39.52 ? 119  VAL A CG1 1 
ATOM   949  C CG2 . VAL A 1 120 ? -8.282  1.061   9.650   1.00 39.66 ? 119  VAL A CG2 1 
ATOM   950  N N   . THR A 1 121 ? -11.472 4.620   9.831   1.00 46.38 ? 120  THR A N   1 
ATOM   951  C CA  . THR A 1 121 ? -12.710 5.199   9.315   1.00 48.21 ? 120  THR A CA  1 
ATOM   952  C C   . THR A 1 121 ? -12.417 5.792   7.985   1.00 48.59 ? 120  THR A C   1 
ATOM   953  O O   . THR A 1 121 ? -11.279 6.137   7.691   1.00 48.61 ? 120  THR A O   1 
ATOM   954  C CB  . THR A 1 121 ? -13.296 6.296   10.212  1.00 48.52 ? 120  THR A CB  1 
ATOM   955  O OG1 . THR A 1 121 ? -12.248 7.158   10.693  1.00 50.22 ? 120  THR A OG1 1 
ATOM   956  C CG2 . THR A 1 121 ? -14.113 5.675   11.389  1.00 50.69 ? 120  THR A CG2 1 
ATOM   957  N N   . GLU A 1 122 ? -13.444 5.870   7.154   1.00 50.10 ? 121  GLU A N   1 
ATOM   958  C CA  . GLU A 1 122 ? -13.309 6.468   5.852   1.00 51.40 ? 121  GLU A CA  1 
ATOM   959  C C   . GLU A 1 122 ? -13.179 7.978   6.031   1.00 52.41 ? 121  GLU A C   1 
ATOM   960  O O   . GLU A 1 122 ? -13.947 8.637   6.749   1.00 53.00 ? 121  GLU A O   1 
ATOM   961  C CB  . GLU A 1 122 ? -14.481 6.040   4.944   1.00 51.75 ? 121  GLU A CB  1 
ATOM   962  C CG  . GLU A 1 122 ? -14.660 6.826   3.659   1.00 51.46 ? 121  GLU A CG  1 
ATOM   963  C CD  . GLU A 1 122 ? -15.872 6.356   2.857   1.00 52.70 ? 121  GLU A CD  1 
ATOM   964  O OE1 . GLU A 1 122 ? -16.771 5.689   3.429   1.00 52.73 ? 121  GLU A OE1 1 
ATOM   965  O OE2 . GLU A 1 122 ? -15.932 6.674   1.653   1.00 50.61 ? 121  GLU A OE2 1 
ATOM   966  N N   . TYR A 1 123 ? -12.170 8.519   5.377   1.00 53.94 ? 122  TYR A N   1 
ATOM   967  C CA  . TYR A 1 123 ? -11.823 9.892   5.540   1.00 55.02 ? 122  TYR A CA  1 
ATOM   968  C C   . TYR A 1 123 ? -12.058 10.604  4.231   1.00 55.98 ? 122  TYR A C   1 
ATOM   969  O O   . TYR A 1 123 ? -12.311 11.797  4.239   1.00 57.32 ? 122  TYR A O   1 
ATOM   970  C CB  . TYR A 1 123 ? -10.360 9.985   5.915   1.00 55.45 ? 122  TYR A CB  1 
ATOM   971  C CG  . TYR A 1 123 ? -9.893  11.345  6.358   1.00 55.19 ? 122  TYR A CG  1 
ATOM   972  C CD1 . TYR A 1 123 ? -10.071 11.753  7.681   1.00 56.32 ? 122  TYR A CD1 1 
ATOM   973  C CD2 . TYR A 1 123 ? -9.243  12.206  5.465   1.00 55.69 ? 122  TYR A CD2 1 
ATOM   974  C CE1 . TYR A 1 123 ? -9.622  12.983  8.115   1.00 59.39 ? 122  TYR A CE1 1 
ATOM   975  C CE2 . TYR A 1 123 ? -8.789  13.448  5.879   1.00 57.93 ? 122  TYR A CE2 1 
ATOM   976  C CZ  . TYR A 1 123 ? -8.979  13.831  7.213   1.00 58.81 ? 122  TYR A CZ  1 
ATOM   977  O OH  . TYR A 1 123 ? -8.537  15.051  7.667   1.00 60.55 ? 122  TYR A OH  1 
ATOM   978  N N   . GLY A 1 124 ? -11.990 9.880   3.117   1.00 55.98 ? 123  GLY A N   1 
ATOM   979  C CA  . GLY A 1 124 ? -12.190 10.486  1.790   1.00 56.47 ? 123  GLY A CA  1 
ATOM   980  C C   . GLY A 1 124 ? -11.218 11.602  1.424   1.00 56.66 ? 123  GLY A C   1 
ATOM   981  O O   . GLY A 1 124 ? -10.040 11.344  1.166   1.00 56.18 ? 123  GLY A O   1 
ATOM   982  N N   . PHE A 1 125 ? -11.696 12.850  1.400   1.00 56.89 ? 124  PHE A N   1 
ATOM   983  C CA  . PHE A 1 125 ? -10.834 13.966  0.970   1.00 56.72 ? 124  PHE A CA  1 
ATOM   984  C C   . PHE A 1 125 ? -9.867  14.471  2.025   1.00 56.80 ? 124  PHE A C   1 
ATOM   985  O O   . PHE A 1 125 ? -10.260 14.788  3.154   1.00 56.56 ? 124  PHE A O   1 
ATOM   986  C CB  . PHE A 1 125 ? -11.628 15.171  0.411   1.00 57.43 ? 124  PHE A CB  1 
ATOM   987  C CG  . PHE A 1 125 ? -10.739 16.286  -0.096  1.00 57.74 ? 124  PHE A CG  1 
ATOM   988  C CD1 . PHE A 1 125 ? -10.093 16.173  -1.330  1.00 58.83 ? 124  PHE A CD1 1 
ATOM   989  C CD2 . PHE A 1 125 ? -10.505 17.418  0.675   1.00 59.70 ? 124  PHE A CD2 1 
ATOM   990  C CE1 . PHE A 1 125 ? -9.264  17.179  -1.801  1.00 59.52 ? 124  PHE A CE1 1 
ATOM   991  C CE2 . PHE A 1 125 ? -9.650  18.426  0.209   1.00 60.55 ? 124  PHE A CE2 1 
ATOM   992  C CZ  . PHE A 1 125 ? -9.021  18.294  -1.032  1.00 58.72 ? 124  PHE A CZ  1 
ATOM   993  N N   . LEU A 1 126 ? -8.614  14.587  1.607   1.00 56.66 ? 125  LEU A N   1 
ATOM   994  C CA  . LEU A 1 126 ? -7.537  15.188  2.404   1.00 57.32 ? 125  LEU A CA  1 
ATOM   995  C C   . LEU A 1 126 ? -6.580  15.955  1.508   1.00 57.27 ? 125  LEU A C   1 
ATOM   996  O O   . LEU A 1 126 ? -6.229  15.507  0.418   1.00 56.39 ? 125  LEU A O   1 
ATOM   997  C CB  . LEU A 1 126 ? -6.740  14.114  3.182   1.00 57.26 ? 125  LEU A CB  1 
ATOM   998  C CG  . LEU A 1 126 ? -5.410  14.526  3.861   1.00 57.26 ? 125  LEU A CG  1 
ATOM   999  C CD1 . LEU A 1 126 ? -5.683  15.295  5.153   1.00 57.58 ? 125  LEU A CD1 1 
ATOM   1000 C CD2 . LEU A 1 126 ? -4.464  13.326  4.108   1.00 57.48 ? 125  LEU A CD2 1 
ATOM   1001 N N   . ASN A 1 127 ? -6.152  17.119  1.995   1.00 58.96 ? 126  ASN A N   1 
ATOM   1002 C CA  . ASN A 1 127 ? -5.020  17.845  1.411   1.00 59.84 ? 126  ASN A CA  1 
ATOM   1003 C C   . ASN A 1 127 ? -3.687  17.196  1.854   1.00 59.32 ? 126  ASN A C   1 
ATOM   1004 O O   . ASN A 1 127 ? -3.203  17.425  2.977   1.00 59.23 ? 126  ASN A O   1 
ATOM   1005 C CB  . ASN A 1 127 ? -5.107  19.335  1.828   1.00 60.95 ? 126  ASN A CB  1 
ATOM   1006 C CG  . ASN A 1 127 ? -4.669  20.292  0.723   1.00 63.98 ? 126  ASN A CG  1 
ATOM   1007 O OD1 . ASN A 1 127 ? -3.685  20.035  0.011   1.00 67.36 ? 126  ASN A OD1 1 
ATOM   1008 N ND2 . ASN A 1 127 ? -5.397  21.424  0.580   1.00 66.49 ? 126  ASN A ND2 1 
ATOM   1009 N N   . LEU A 1 128 ? -3.116  16.369  0.973   1.00 59.19 ? 127  LEU A N   1 
ATOM   1010 C CA  . LEU A 1 128 ? -1.931  15.519  1.283   1.00 59.02 ? 127  LEU A CA  1 
ATOM   1011 C C   . LEU A 1 128 ? -0.655  15.875  0.505   1.00 58.44 ? 127  LEU A C   1 
ATOM   1012 O O   . LEU A 1 128 ? -0.622  15.830  -0.734  1.00 58.49 ? 127  LEU A O   1 
ATOM   1013 C CB  . LEU A 1 128 ? -2.230  14.014  1.056   1.00 58.87 ? 127  LEU A CB  1 
ATOM   1014 C CG  . LEU A 1 128 ? -1.050  13.039  1.276   1.00 58.32 ? 127  LEU A CG  1 
ATOM   1015 C CD1 . LEU A 1 128 ? -0.810  12.834  2.746   1.00 58.59 ? 127  LEU A CD1 1 
ATOM   1016 C CD2 . LEU A 1 128 ? -1.232  11.676  0.562   1.00 57.05 ? 127  LEU A CD2 1 
ATOM   1017 N N   . GLY A 1 129 ? 0.411   16.182  1.242   1.00 58.47 ? 128  GLY A N   1 
ATOM   1018 C CA  . GLY A 1 129 ? 1.654   16.641  0.614   1.00 57.97 ? 128  GLY A CA  1 
ATOM   1019 C C   . GLY A 1 129 ? 1.287   17.853  -0.232  1.00 57.78 ? 128  GLY A C   1 
ATOM   1020 O O   . GLY A 1 129 ? 1.828   18.058  -1.338  1.00 57.43 ? 128  GLY A O   1 
ATOM   1021 N N   . GLY A 1 130 ? 0.333   18.629  0.299   1.00 56.76 ? 129  GLY A N   1 
ATOM   1022 C CA  . GLY A 1 130 ? -0.311  19.717  -0.429  1.00 56.80 ? 129  GLY A CA  1 
ATOM   1023 C C   . GLY A 1 130 ? -1.302  19.354  -1.535  1.00 56.55 ? 129  GLY A C   1 
ATOM   1024 O O   . GLY A 1 130 ? -2.024  20.253  -2.008  1.00 56.74 ? 129  GLY A O   1 
ATOM   1025 N N   . THR A 1 131 ? -1.327  18.076  -1.976  1.00 55.29 ? 130  THR A N   1 
ATOM   1026 C CA  . THR A 1 131 ? -2.233  17.638  -3.049  1.00 54.09 ? 130  THR A CA  1 
ATOM   1027 C C   . THR A 1 131 ? -3.585  17.129  -2.550  1.00 53.45 ? 130  THR A C   1 
ATOM   1028 O O   . THR A 1 131 ? -3.634  16.282  -1.643  1.00 53.11 ? 130  THR A O   1 
ATOM   1029 C CB  . THR A 1 131 ? -1.608  16.565  -3.935  1.00 53.65 ? 130  THR A CB  1 
ATOM   1030 O OG1 . THR A 1 131 ? -0.241  16.899  -4.138  1.00 54.02 ? 130  THR A OG1 1 
ATOM   1031 C CG2 . THR A 1 131 ? -2.315  16.512  -5.281  1.00 54.69 ? 130  THR A CG2 1 
ATOM   1032 N N   . PRO A 1 132 ? -4.687  17.655  -3.140  1.00 52.20 ? 131  PRO A N   1 
ATOM   1033 C CA  . PRO A 1 132 ? -6.039  17.160  -2.873  1.00 51.10 ? 131  PRO A CA  1 
ATOM   1034 C C   . PRO A 1 132 ? -6.114  15.702  -3.233  1.00 48.81 ? 131  PRO A C   1 
ATOM   1035 O O   . PRO A 1 132 ? -5.558  15.269  -4.245  1.00 48.19 ? 131  PRO A O   1 
ATOM   1036 C CB  . PRO A 1 132 ? -6.926  18.007  -3.812  1.00 51.59 ? 131  PRO A CB  1 
ATOM   1037 C CG  . PRO A 1 132 ? -6.176  19.306  -3.916  1.00 53.17 ? 131  PRO A CG  1 
ATOM   1038 C CD  . PRO A 1 132 ? -4.718  18.857  -4.002  1.00 53.08 ? 131  PRO A CD  1 
ATOM   1039 N N   . THR A 1 133 ? -6.752  14.931  -2.374  1.00 47.56 ? 132  THR A N   1 
ATOM   1040 C CA  . THR A 1 133 ? -6.640  13.482  -2.482  1.00 44.46 ? 132  THR A CA  1 
ATOM   1041 C C   . THR A 1 133 ? -7.897  12.878  -1.879  1.00 43.93 ? 132  THR A C   1 
ATOM   1042 O O   . THR A 1 133 ? -8.430  13.379  -0.847  1.00 42.38 ? 132  THR A O   1 
ATOM   1043 C CB  . THR A 1 133 ? -5.282  12.985  -1.804  1.00 45.14 ? 132  THR A CB  1 
ATOM   1044 O OG1 . THR A 1 133 ? -4.150  13.424  -2.581  1.00 42.80 ? 132  THR A OG1 1 
ATOM   1045 C CG2 . THR A 1 133 ? -5.215  11.455  -1.697  1.00 42.35 ? 132  THR A CG2 1 
ATOM   1046 N N   . LYS A 1 134 ? -8.397  11.833  -2.537  1.00 42.37 ? 133  LYS A N   1 
ATOM   1047 C CA  . LYS A 1 134 ? -9.624  11.184  -2.100  1.00 42.05 ? 133  LYS A CA  1 
ATOM   1048 C C   . LYS A 1 134 ? -9.405  9.704   -1.836  1.00 41.32 ? 133  LYS A C   1 
ATOM   1049 O O   . LYS A 1 134 ? -8.308  9.162   -2.102  1.00 41.36 ? 133  LYS A O   1 
ATOM   1050 C CB  . LYS A 1 134 ? -10.750 11.395  -3.132  1.00 42.53 ? 133  LYS A CB  1 
ATOM   1051 C CG  . LYS A 1 134 ? -11.248 12.869  -3.262  1.00 43.36 ? 133  LYS A CG  1 
ATOM   1052 C CD  . LYS A 1 134 ? -12.450 12.986  -4.250  1.00 41.09 ? 133  LYS A CD  1 
ATOM   1053 C CE  . LYS A 1 134 ? -12.529 14.399  -4.936  1.00 41.71 ? 133  LYS A CE  1 
ATOM   1054 N NZ  . LYS A 1 134 ? -13.077 14.309  -6.393  1.00 38.80 ? 133  LYS A NZ  1 
ATOM   1055 N N   . ARG A 1 135 ? -10.448 9.070   -1.302  1.00 40.37 ? 134  ARG A N   1 
ATOM   1056 C CA  . ARG A 1 135 ? -10.460 7.642   -0.968  1.00 39.74 ? 134  ARG A CA  1 
ATOM   1057 C C   . ARG A 1 135 ? -9.422  7.303   0.122   1.00 39.75 ? 134  ARG A C   1 
ATOM   1058 O O   . ARG A 1 135 ? -8.812  6.230   0.124   1.00 39.30 ? 134  ARG A O   1 
ATOM   1059 C CB  . ARG A 1 135 ? -10.341 6.786   -2.237  1.00 39.79 ? 134  ARG A CB  1 
ATOM   1060 C CG  . ARG A 1 135 ? -11.532 6.957   -3.153  1.00 41.76 ? 134  ARG A CG  1 
ATOM   1061 C CD  . ARG A 1 135 ? -11.403 6.127   -4.429  1.00 44.56 ? 134  ARG A CD  1 
ATOM   1062 N NE  . ARG A 1 135 ? -12.369 6.575   -5.419  1.00 45.27 ? 134  ARG A NE  1 
ATOM   1063 C CZ  . ARG A 1 135 ? -12.353 6.223   -6.694  1.00 47.09 ? 134  ARG A CZ  1 
ATOM   1064 N NH1 . ARG A 1 135 ? -11.435 5.380   -7.143  1.00 43.83 ? 134  ARG A NH1 1 
ATOM   1065 N NH2 . ARG A 1 135 ? -13.267 6.720   -7.527  1.00 49.62 ? 134  ARG A NH2 1 
ATOM   1066 N N   . MET A 1 136 ? -9.285  8.215   1.087   1.00 39.56 ? 135  MET A N   1 
ATOM   1067 C CA  . MET A 1 136 ? -8.330  8.057   2.189   1.00 39.69 ? 135  MET A CA  1 
ATOM   1068 C C   . MET A 1 136 ? -9.022  7.369   3.358   1.00 39.10 ? 135  MET A C   1 
ATOM   1069 O O   . MET A 1 136 ? -10.226 7.552   3.558   1.00 40.05 ? 135  MET A O   1 
ATOM   1070 C CB  . MET A 1 136 ? -7.779  9.424   2.629   1.00 39.16 ? 135  MET A CB  1 
ATOM   1071 C CG  . MET A 1 136 ? -6.955  10.177  1.568   1.00 39.93 ? 135  MET A CG  1 
ATOM   1072 S SD  . MET A 1 136 ? -5.250  9.621   1.551   1.00 42.28 ? 135  MET A SD  1 
ATOM   1073 C CE  . MET A 1 136 ? -5.191  8.601   0.066   1.00 30.61 ? 135  MET A CE  1 
ATOM   1074 N N   . LEU A 1 137 ? -8.278  6.511   4.048   1.00 37.82 ? 136  LEU A N   1 
ATOM   1075 C CA  . LEU A 1 137 ? -8.711  5.845   5.244   1.00 38.24 ? 136  LEU A CA  1 
ATOM   1076 C C   . LEU A 1 137 ? -7.814  6.314   6.374   1.00 37.67 ? 136  LEU A C   1 
ATOM   1077 O O   . LEU A 1 137 ? -6.621  6.368   6.204   1.00 36.88 ? 136  LEU A O   1 
ATOM   1078 C CB  . LEU A 1 137 ? -8.637  4.330   5.085   1.00 38.28 ? 136  LEU A CB  1 
ATOM   1079 C CG  . LEU A 1 137 ? -9.043  3.801   3.680   1.00 41.03 ? 136  LEU A CG  1 
ATOM   1080 C CD1 . LEU A 1 137 ? -8.624  2.352   3.370   1.00 41.98 ? 136  LEU A CD1 1 
ATOM   1081 C CD2 . LEU A 1 137 ? -10.582 3.958   3.397   1.00 40.94 ? 136  LEU A CD2 1 
ATOM   1082 N N   . MET A 1 138 ? -8.395  6.591   7.531   1.00 37.87 ? 137  MET A N   1 
ATOM   1083 C CA  . MET A 1 138 ? -7.656  7.190   8.637   1.00 37.99 ? 137  MET A CA  1 
ATOM   1084 C C   . MET A 1 138 ? -7.679  6.346   9.906   1.00 38.74 ? 137  MET A C   1 
ATOM   1085 O O   . MET A 1 138 ? -8.668  5.691   10.256  1.00 37.40 ? 137  MET A O   1 
ATOM   1086 C CB  . MET A 1 138 ? -8.161  8.618   8.883   1.00 39.39 ? 137  MET A CB  1 
ATOM   1087 C CG  . MET A 1 138 ? -7.332  9.444   9.835   1.00 38.47 ? 137  MET A CG  1 
ATOM   1088 S SD  . MET A 1 138 ? -7.899  9.127   11.491  1.00 46.66 ? 137  MET A SD  1 
ATOM   1089 C CE  . MET A 1 138 ? -9.587  9.732   11.324  1.00 44.54 ? 137  MET A CE  1 
ATOM   1090 N N   . TYR A 1 139 ? -6.522  6.308   10.559  1.00 39.13 ? 138  TYR A N   1 
ATOM   1091 C CA  . TYR A 1 139 ? -6.358  5.593   11.807  1.00 39.39 ? 138  TYR A CA  1 
ATOM   1092 C C   . TYR A 1 139 ? -5.550  6.557   12.640  1.00 41.65 ? 138  TYR A C   1 
ATOM   1093 O O   . TYR A 1 139 ? -4.795  7.379   12.103  1.00 41.43 ? 138  TYR A O   1 
ATOM   1094 C CB  . TYR A 1 139 ? -5.683  4.212   11.614  1.00 38.27 ? 138  TYR A CB  1 
ATOM   1095 C CG  . TYR A 1 139 ? -4.778  4.154   10.367  1.00 34.74 ? 138  TYR A CG  1 
ATOM   1096 C CD1 . TYR A 1 139 ? -5.319  3.958   9.102   1.00 31.25 ? 138  TYR A CD1 1 
ATOM   1097 C CD2 . TYR A 1 139 ? -3.412  4.384   10.478  1.00 31.10 ? 138  TYR A CD2 1 
ATOM   1098 C CE1 . TYR A 1 139 ? -4.508  3.942   7.937   1.00 29.82 ? 138  TYR A CE1 1 
ATOM   1099 C CE2 . TYR A 1 139 ? -2.579  4.406   9.337   1.00 31.51 ? 138  TYR A CE2 1 
ATOM   1100 C CZ  . TYR A 1 139 ? -3.141  4.177   8.082   1.00 32.12 ? 138  TYR A CZ  1 
ATOM   1101 O OH  . TYR A 1 139 ? -2.353  4.194   6.970   1.00 29.92 ? 138  TYR A OH  1 
ATOM   1102 N N   . ASN A 1 140 ? -5.784  6.492   13.950  1.00 44.37 ? 139  ASN A N   1 
ATOM   1103 C CA  . ASN A 1 140 ? -5.073  7.308   14.920  1.00 48.21 ? 139  ASN A CA  1 
ATOM   1104 C C   . ASN A 1 140 ? -3.853  6.597   15.438  1.00 49.27 ? 139  ASN A C   1 
ATOM   1105 O O   . ASN A 1 140 ? -3.906  5.888   16.475  1.00 51.37 ? 139  ASN A O   1 
ATOM   1106 C CB  . ASN A 1 140 ? -5.971  7.697   16.098  1.00 48.09 ? 139  ASN A CB  1 
ATOM   1107 C CG  . ASN A 1 140 ? -7.035  8.656   15.692  1.00 49.73 ? 139  ASN A CG  1 
ATOM   1108 O OD1 . ASN A 1 140 ? -6.736  9.756   15.214  1.00 51.84 ? 139  ASN A OD1 1 
ATOM   1109 N ND2 . ASN A 1 140 ? -8.300  8.242   15.841  1.00 49.78 ? 139  ASN A ND2 1 
ATOM   1110 N N   . PHE A 1 141 ? -2.767  6.775   14.692  1.00 50.45 ? 140  PHE A N   1 
ATOM   1111 C CA  . PHE A 1 141 ? -1.472  6.258   15.056  1.00 50.95 ? 140  PHE A CA  1 
ATOM   1112 C C   . PHE A 1 141 ? -0.398  7.172   14.494  1.00 50.98 ? 140  PHE A C   1 
ATOM   1113 O O   . PHE A 1 141 ? -0.504  7.605   13.354  1.00 51.13 ? 140  PHE A O   1 
ATOM   1114 C CB  . PHE A 1 141 ? -1.263  4.814   14.556  1.00 51.97 ? 140  PHE A CB  1 
ATOM   1115 C CG  . PHE A 1 141 ? 0.029   4.218   15.024  1.00 51.14 ? 140  PHE A CG  1 
ATOM   1116 C CD1 . PHE A 1 141 ? 1.211   4.400   14.274  1.00 51.71 ? 140  PHE A CD1 1 
ATOM   1117 C CD2 . PHE A 1 141 ? 0.095   3.536   16.249  1.00 52.08 ? 140  PHE A CD2 1 
ATOM   1118 C CE1 . PHE A 1 141 ? 2.438   3.913   14.733  1.00 50.69 ? 140  PHE A CE1 1 
ATOM   1119 C CE2 . PHE A 1 141 ? 1.311   3.029   16.700  1.00 52.04 ? 140  PHE A CE2 1 
ATOM   1120 C CZ  . PHE A 1 141 ? 2.488   3.226   15.932  1.00 51.36 ? 140  PHE A CZ  1 
ATOM   1121 N N   . PRO A 1 142 ? 0.626   7.481   15.320  1.00 51.35 ? 141  PRO A N   1 
ATOM   1122 C CA  . PRO A 1 142 ? 1.791   8.329   14.997  1.00 51.58 ? 141  PRO A CA  1 
ATOM   1123 C C   . PRO A 1 142 ? 2.703   7.776   13.910  1.00 51.12 ? 141  PRO A C   1 
ATOM   1124 O O   . PRO A 1 142 ? 3.850   7.437   14.174  1.00 50.76 ? 141  PRO A O   1 
ATOM   1125 C CB  . PRO A 1 142 ? 2.573   8.392   16.317  1.00 51.15 ? 141  PRO A CB  1 
ATOM   1126 C CG  . PRO A 1 142 ? 1.957   7.332   17.222  1.00 51.69 ? 141  PRO A CG  1 
ATOM   1127 C CD  . PRO A 1 142 ? 0.541   7.203   16.767  1.00 50.98 ? 141  PRO A CD  1 
ATOM   1128 N N   . THR A 1 143 ? 2.222   7.727   12.680  1.00 51.19 ? 142  THR A N   1 
ATOM   1129 C CA  . THR A 1 143 ? 3.052   7.142   11.629  1.00 51.09 ? 142  THR A CA  1 
ATOM   1130 C C   . THR A 1 143 ? 4.190   8.101   11.152  1.00 51.04 ? 142  THR A C   1 
ATOM   1131 O O   . THR A 1 143 ? 4.028   9.343   11.175  1.00 50.78 ? 142  THR A O   1 
ATOM   1132 C CB  . THR A 1 143 ? 2.181   6.653   10.479  1.00 50.72 ? 142  THR A CB  1 
ATOM   1133 O OG1 . THR A 1 143 ? 1.422   7.767   9.987   1.00 52.93 ? 142  THR A OG1 1 
ATOM   1134 C CG2 . THR A 1 143 ? 1.240   5.454   10.924  1.00 49.12 ? 142  THR A CG2 1 
ATOM   1135 N N   . ARG A 1 144 ? 5.330   7.506   10.738  1.00 50.67 ? 143  ARG A N   1 
ATOM   1136 C CA  . ARG A 1 144 ? 6.552   8.234   10.281  1.00 50.28 ? 143  ARG A CA  1 
ATOM   1137 C C   . ARG A 1 144 ? 7.013   7.905   8.849   1.00 49.36 ? 143  ARG A C   1 
ATOM   1138 O O   . ARG A 1 144 ? 6.484   7.008   8.148   1.00 48.94 ? 143  ARG A O   1 
ATOM   1139 C CB  . ARG A 1 144 ? 7.756   7.984   11.215  1.00 51.31 ? 143  ARG A CB  1 
ATOM   1140 C CG  . ARG A 1 144 ? 7.616   8.405   12.675  1.00 54.77 ? 143  ARG A CG  1 
ATOM   1141 C CD  . ARG A 1 144 ? 7.518   7.174   13.599  1.00 60.96 ? 143  ARG A CD  1 
ATOM   1142 N NE  . ARG A 1 144 ? 7.705   7.465   15.037  1.00 64.72 ? 143  ARG A NE  1 
ATOM   1143 C CZ  . ARG A 1 144 ? 6.807   8.063   15.839  1.00 66.24 ? 143  ARG A CZ  1 
ATOM   1144 N NH1 . ARG A 1 144 ? 5.627   8.482   15.371  1.00 64.51 ? 143  ARG A NH1 1 
ATOM   1145 N NH2 . ARG A 1 144 ? 7.091   8.252   17.130  1.00 65.96 ? 143  ARG A NH2 1 
ATOM   1146 N N   . ALA A 1 145 ? 8.034   8.637   8.425   1.00 47.55 ? 144  ALA A N   1 
ATOM   1147 C CA  . ALA A 1 145 ? 8.713   8.319   7.191   1.00 45.88 ? 144  ALA A CA  1 
ATOM   1148 C C   . ALA A 1 145 ? 9.292   6.905   7.353   1.00 43.86 ? 144  ALA A C   1 
ATOM   1149 O O   . ALA A 1 145 ? 9.652   6.479   8.483   1.00 43.26 ? 144  ALA A O   1 
ATOM   1150 C CB  . ALA A 1 145 ? 9.811   9.333   6.916   1.00 45.43 ? 144  ALA A CB  1 
ATOM   1151 N N   . GLY A 1 146 ? 9.343   6.179   6.241   1.00 42.68 ? 145  GLY A N   1 
ATOM   1152 C CA  . GLY A 1 146 ? 9.810   4.788   6.253   1.00 40.28 ? 145  GLY A CA  1 
ATOM   1153 C C   . GLY A 1 146 ? 8.658   3.801   6.322   1.00 39.37 ? 145  GLY A C   1 
ATOM   1154 O O   . GLY A 1 146 ? 8.884   2.595   6.208   1.00 38.78 ? 145  GLY A O   1 
ATOM   1155 N N   . GLN A 1 147 ? 7.440   4.311   6.521   1.00 38.70 ? 146  GLN A N   1 
ATOM   1156 C CA  . GLN A 1 147 ? 6.218   3.473   6.568   1.00 36.70 ? 146  GLN A CA  1 
ATOM   1157 C C   . GLN A 1 147 ? 5.331   3.499   5.321   1.00 35.41 ? 146  GLN A C   1 
ATOM   1158 O O   . GLN A 1 147 ? 4.283   2.811   5.285   1.00 33.92 ? 146  GLN A O   1 
ATOM   1159 C CB  . GLN A 1 147 ? 5.406   3.799   7.809   1.00 36.32 ? 146  GLN A CB  1 
ATOM   1160 C CG  . GLN A 1 147 ? 6.171   3.458   9.034   1.00 37.80 ? 146  GLN A CG  1 
ATOM   1161 C CD  . GLN A 1 147 ? 5.541   4.005   10.295  1.00 37.82 ? 146  GLN A CD  1 
ATOM   1162 O OE1 . GLN A 1 147 ? 4.688   4.859   10.231  1.00 40.18 ? 146  GLN A OE1 1 
ATOM   1163 N NE2 . GLN A 1 147 ? 6.001   3.545   11.433  1.00 39.85 ? 146  GLN A NE2 1 
ATOM   1164 N N   . CYS A 1 148 ? 5.750   4.212   4.269   1.00 33.42 ? 147  CYS A N   1 
ATOM   1165 C CA  . CYS A 1 148 ? 4.890   4.276   3.076   1.00 32.40 ? 147  CYS A CA  1 
ATOM   1166 C C   . CYS A 1 148 ? 4.956   2.982   2.277   1.00 30.11 ? 147  CYS A C   1 
ATOM   1167 O O   . CYS A 1 148 ? 6.015   2.376   2.237   1.00 28.92 ? 147  CYS A O   1 
ATOM   1168 C CB  . CYS A 1 148 ? 5.172   5.516   2.197   1.00 33.21 ? 147  CYS A CB  1 
ATOM   1169 S SG  . CYS A 1 148 ? 4.525   6.975   3.094   1.00 39.52 ? 147  CYS A SG  1 
ATOM   1170 N N   . GLY A 1 149 ? 3.825   2.567   1.684   1.00 27.70 ? 148  GLY A N   1 
ATOM   1171 C CA  . GLY A 1 149 ? 3.745   1.230   1.149   1.00 27.26 ? 148  GLY A CA  1 
ATOM   1172 C C   . GLY A 1 149 ? 3.234   0.273   2.198   1.00 28.13 ? 148  GLY A C   1 
ATOM   1173 O O   . GLY A 1 149 ? 2.759   -0.769  1.827   1.00 26.53 ? 148  GLY A O   1 
ATOM   1174 N N   . GLY A 1 150 ? 3.214   0.698   3.477   1.00 25.13 ? 149  GLY A N   1 
ATOM   1175 C CA  . GLY A 1 150 ? 2.723   -0.164  4.578   1.00 25.19 ? 149  GLY A CA  1 
ATOM   1176 C C   . GLY A 1 150 ? 1.393   -0.756  4.129   1.00 23.71 ? 149  GLY A C   1 
ATOM   1177 O O   . GLY A 1 150 ? 0.600   -0.041  3.563   1.00 25.29 ? 149  GLY A O   1 
ATOM   1178 N N   . VAL A 1 151 ? 1.154   -2.062  4.349   1.00 23.36 ? 150  VAL A N   1 
ATOM   1179 C CA  . VAL A 1 151 ? -0.161  -2.650  3.931   1.00 22.92 ? 150  VAL A CA  1 
ATOM   1180 C C   . VAL A 1 151 ? -1.140  -2.706  5.130   1.00 21.90 ? 150  VAL A C   1 
ATOM   1181 O O   . VAL A 1 151 ? -0.794  -3.215  6.187   1.00 21.88 ? 150  VAL A O   1 
ATOM   1182 C CB  . VAL A 1 151 ? -0.022  -4.032  3.438   1.00 22.23 ? 150  VAL A CB  1 
ATOM   1183 C CG1 . VAL A 1 151 ? -1.347  -4.400  2.650   1.00 25.35 ? 150  VAL A CG1 1 
ATOM   1184 C CG2 . VAL A 1 151 ? 1.175   -4.107  2.473   1.00 23.74 ? 150  VAL A CG2 1 
ATOM   1185 N N   . LEU A 1 152 ? -2.329  -2.158  4.951   1.00 23.76 ? 151  LEU A N   1 
ATOM   1186 C CA  . LEU A 1 152 ? -3.307  -2.044  6.080   1.00 26.15 ? 151  LEU A CA  1 
ATOM   1187 C C   . LEU A 1 152 ? -4.313  -3.144  5.860   1.00 25.92 ? 151  LEU A C   1 
ATOM   1188 O O   . LEU A 1 152 ? -4.876  -3.252  4.793   1.00 28.43 ? 151  LEU A O   1 
ATOM   1189 C CB  . LEU A 1 152 ? -3.974  -0.645  6.106   1.00 25.54 ? 151  LEU A CB  1 
ATOM   1190 C CG  . LEU A 1 152 ? -5.117  -0.332  7.060   1.00 28.83 ? 151  LEU A CG  1 
ATOM   1191 C CD1 . LEU A 1 152 ? -4.568  0.030   8.436   1.00 31.22 ? 151  LEU A CD1 1 
ATOM   1192 C CD2 . LEU A 1 152 ? -5.804  0.839   6.406   1.00 30.33 ? 151  LEU A CD2 1 
ATOM   1193 N N   . MET A 1 153 ? -4.494  -3.980  6.873   1.00 27.74 ? 152  MET A N   1 
ATOM   1194 C CA  . MET A 1 153 ? -5.287  -5.226  6.771   1.00 27.68 ? 152  MET A CA  1 
ATOM   1195 C C   . MET A 1 153 ? -6.220  -5.425  7.950   1.00 29.65 ? 152  MET A C   1 
ATOM   1196 O O   . MET A 1 153 ? -6.038  -4.791  9.014   1.00 28.12 ? 152  MET A O   1 
ATOM   1197 C CB  . MET A 1 153 ? -4.348  -6.412  6.666   1.00 26.94 ? 152  MET A CB  1 
ATOM   1198 C CG  . MET A 1 153 ? -3.582  -6.422  5.260   1.00 25.87 ? 152  MET A CG  1 
ATOM   1199 S SD  . MET A 1 153 ? -2.412  -7.696  5.293   1.00 30.49 ? 152  MET A SD  1 
ATOM   1200 C CE  . MET A 1 153 ? -0.893  -6.897  5.844   1.00 26.44 ? 152  MET A CE  1 
ATOM   1201 N N   . SER A 1 154 ? -7.279  -6.248  7.739   1.00 30.99 ? 153  SER A N   1 
ATOM   1202 C CA  . SER A 1 154 ? -8.020  -6.856  8.873   1.00 32.61 ? 153  SER A CA  1 
ATOM   1203 C C   . SER A 1 154 ? -8.222  -8.313  8.488   1.00 33.20 ? 153  SER A C   1 
ATOM   1204 O O   . SER A 1 154 ? -7.763  -8.758  7.419   1.00 31.65 ? 153  SER A O   1 
ATOM   1205 C CB  . SER A 1 154 ? -9.346  -6.170  9.179   1.00 32.02 ? 153  SER A CB  1 
ATOM   1206 O OG  . SER A 1 154 ? -10.090 -6.004  7.996   1.00 35.63 ? 153  SER A OG  1 
ATOM   1207 N N   . THR A 1 155 ? -8.873  -9.088  9.353   1.00 34.09 ? 154  THR A N   1 
ATOM   1208 C CA  . THR A 1 155 ? -8.957  -10.502 9.020   1.00 34.80 ? 154  THR A CA  1 
ATOM   1209 C C   . THR A 1 155 ? -9.615  -10.642 7.640   1.00 32.87 ? 154  THR A C   1 
ATOM   1210 O O   . THR A 1 155 ? -10.678 -10.104 7.412   1.00 31.30 ? 154  THR A O   1 
ATOM   1211 C CB  . THR A 1 155 ? -9.661  -11.343 10.113  1.00 35.71 ? 154  THR A CB  1 
ATOM   1212 O OG1 . THR A 1 155 ? -9.039  -11.047 11.373  1.00 40.21 ? 154  THR A OG1 1 
ATOM   1213 C CG2 . THR A 1 155 ? -9.465  -12.863 9.799   1.00 36.33 ? 154  THR A CG2 1 
ATOM   1214 N N   . GLY A 1 156 ? -8.925  -11.316 6.712   1.00 31.94 ? 155  GLY A N   1 
ATOM   1215 C CA  . GLY A 1 156 ? -9.459  -11.536 5.400   1.00 30.64 ? 155  GLY A CA  1 
ATOM   1216 C C   . GLY A 1 156 ? -9.543  -10.377 4.440   1.00 32.06 ? 155  GLY A C   1 
ATOM   1217 O O   . GLY A 1 156 ? -10.077 -10.530 3.305   1.00 30.69 ? 155  GLY A O   1 
ATOM   1218 N N   . LYS A 1 157 ? -8.979  -9.209  4.805   1.00 28.69 ? 156  LYS A N   1 
ATOM   1219 C CA  . LYS A 1 157 ? -9.241  -8.044  3.988   1.00 27.91 ? 156  LYS A CA  1 
ATOM   1220 C C   . LYS A 1 157 ? -7.946  -7.269  3.828   1.00 27.32 ? 156  LYS A C   1 
ATOM   1221 O O   . LYS A 1 157 ? -7.290  -7.030  4.843   1.00 26.07 ? 156  LYS A O   1 
ATOM   1222 C CB  . LYS A 1 157 ? -10.215 -7.107  4.742   1.00 27.70 ? 156  LYS A CB  1 
ATOM   1223 C CG  . LYS A 1 157 ? -11.679 -7.569  4.809   1.00 26.62 ? 156  LYS A CG  1 
ATOM   1224 C CD  . LYS A 1 157 ? -12.442 -6.784  5.921   1.00 32.39 ? 156  LYS A CD  1 
ATOM   1225 C CE  . LYS A 1 157 ? -13.785 -7.496  6.251   1.00 39.53 ? 156  LYS A CE  1 
ATOM   1226 N NZ  . LYS A 1 157 ? -14.436 -6.908  7.477   1.00 44.56 ? 156  LYS A NZ  1 
ATOM   1227 N N   . VAL A 1 158 ? -7.582  -6.949  2.583   1.00 26.52 ? 157  VAL A N   1 
ATOM   1228 C CA  . VAL A 1 158 ? -6.547  -5.889  2.262   1.00 24.03 ? 157  VAL A CA  1 
ATOM   1229 C C   . VAL A 1 158 ? -7.208  -4.563  1.981   1.00 25.69 ? 157  VAL A C   1 
ATOM   1230 O O   . VAL A 1 158 ? -7.865  -4.386  0.967   1.00 27.17 ? 157  VAL A O   1 
ATOM   1231 C CB  . VAL A 1 158 ? -5.577  -6.361  1.127   1.00 24.02 ? 157  VAL A CB  1 
ATOM   1232 C CG1 . VAL A 1 158 ? -4.590  -5.238  0.698   1.00 25.00 ? 157  VAL A CG1 1 
ATOM   1233 C CG2 . VAL A 1 158 ? -4.825  -7.518  1.627   1.00 24.24 ? 157  VAL A CG2 1 
ATOM   1234 N N   . LEU A 1 159 ? -7.141  -3.619  2.945   1.00 23.92 ? 158  LEU A N   1 
ATOM   1235 C CA  . LEU A 1 159 ? -7.886  -2.379  2.888   1.00 24.60 ? 158  LEU A CA  1 
ATOM   1236 C C   . LEU A 1 159 ? -7.236  -1.206  2.129   1.00 24.10 ? 158  LEU A C   1 
ATOM   1237 O O   . LEU A 1 159 ? -7.910  -0.529  1.362   1.00 23.56 ? 158  LEU A O   1 
ATOM   1238 C CB  . LEU A 1 159 ? -8.251  -1.915  4.355   1.00 24.61 ? 158  LEU A CB  1 
ATOM   1239 C CG  . LEU A 1 159 ? -8.515  -3.118  5.311   1.00 28.78 ? 158  LEU A CG  1 
ATOM   1240 C CD1 . LEU A 1 159 ? -8.517  -2.681  6.874   1.00 28.47 ? 158  LEU A CD1 1 
ATOM   1241 C CD2 . LEU A 1 159 ? -9.810  -3.846  4.987   1.00 32.73 ? 158  LEU A CD2 1 
ATOM   1242 N N   . GLY A 1 160 ? -5.947  -0.993  2.305   1.00 24.16 ? 159  GLY A N   1 
ATOM   1243 C CA  . GLY A 1 160 ? -5.241  0.128   1.646   1.00 24.90 ? 159  GLY A CA  1 
ATOM   1244 C C   . GLY A 1 160 ? -3.743  0.029   1.857   1.00 25.14 ? 159  GLY A C   1 
ATOM   1245 O O   . GLY A 1 160 ? -3.260  -0.911  2.520   1.00 25.94 ? 159  GLY A O   1 
ATOM   1246 N N   . ILE A 1 161 ? -3.017  0.963   1.205   1.00 27.53 ? 160  ILE A N   1 
ATOM   1247 C CA  . ILE A 1 161 ? -1.570  1.157   1.262   1.00 27.37 ? 160  ILE A CA  1 
ATOM   1248 C C   . ILE A 1 161 ? -1.283  2.507   1.990   1.00 27.46 ? 160  ILE A C   1 
ATOM   1249 O O   . ILE A 1 161 ? -1.852  3.572   1.628   1.00 26.23 ? 160  ILE A O   1 
ATOM   1250 C CB  . ILE A 1 161 ? -1.004  1.177   -0.179  1.00 29.84 ? 160  ILE A CB  1 
ATOM   1251 C CG1 . ILE A 1 161 ? -1.346  -0.184  -0.848  1.00 26.98 ? 160  ILE A CG1 1 
ATOM   1252 C CG2 . ILE A 1 161 ? 0.469   1.513   -0.193  1.00 31.17 ? 160  ILE A CG2 1 
ATOM   1253 C CD1 . ILE A 1 161 ? -0.791  -1.370  -0.069  1.00 28.17 ? 160  ILE A CD1 1 
ATOM   1254 N N   . HIS A 1 162 ? -0.358  2.445   2.961   1.00 27.91 ? 161  HIS A N   1 
ATOM   1255 C CA  . HIS A 1 162 ? -0.063  3.620   3.799   1.00 28.28 ? 161  HIS A CA  1 
ATOM   1256 C C   . HIS A 1 162 ? 0.618   4.703   2.954   1.00 30.06 ? 161  HIS A C   1 
ATOM   1257 O O   . HIS A 1 162 ? 1.619   4.400   2.248   1.00 27.73 ? 161  HIS A O   1 
ATOM   1258 C CB  . HIS A 1 162 ? 0.844   3.257   4.967   1.00 28.02 ? 161  HIS A CB  1 
ATOM   1259 C CG  . HIS A 1 162 ? 1.145   4.453   5.813   1.00 27.50 ? 161  HIS A CG  1 
ATOM   1260 N ND1 . HIS A 1 162 ? 0.259   4.948   6.750   1.00 28.24 ? 161  HIS A ND1 1 
ATOM   1261 C CD2 . HIS A 1 162 ? 2.180   5.325   5.766   1.00 30.26 ? 161  HIS A CD2 1 
ATOM   1262 C CE1 . HIS A 1 162 ? 0.775   6.043   7.301   1.00 27.68 ? 161  HIS A CE1 1 
ATOM   1263 N NE2 . HIS A 1 162 ? 1.945   6.290   6.720   1.00 27.72 ? 161  HIS A NE2 1 
ATOM   1264 N N   . VAL A 1 163 ? 0.115   5.946   2.987   1.00 30.50 ? 162  VAL A N   1 
ATOM   1265 C CA  . VAL A 1 163 ? 0.703   6.929   2.031   1.00 33.08 ? 162  VAL A CA  1 
ATOM   1266 C C   . VAL A 1 163 ? 1.063   8.239   2.639   1.00 34.70 ? 162  VAL A C   1 
ATOM   1267 O O   . VAL A 1 163 ? 1.782   9.037   2.001   1.00 35.47 ? 162  VAL A O   1 
ATOM   1268 C CB  . VAL A 1 163 ? -0.184  7.226   0.784   1.00 33.10 ? 162  VAL A CB  1 
ATOM   1269 C CG1 . VAL A 1 163 ? -0.200  6.029   -0.114  1.00 34.72 ? 162  VAL A CG1 1 
ATOM   1270 C CG2 . VAL A 1 163 ? -1.613  7.627   1.153   1.00 32.28 ? 162  VAL A CG2 1 
ATOM   1271 N N   . GLY A 1 164 ? 0.622   8.435   3.874   1.00 35.18 ? 163  GLY A N   1 
ATOM   1272 C CA  . GLY A 1 164 ? 0.863   9.710   4.518   1.00 36.30 ? 163  GLY A CA  1 
ATOM   1273 C C   . GLY A 1 164 ? 0.507   9.755   5.974   1.00 36.02 ? 163  GLY A C   1 
ATOM   1274 O O   . GLY A 1 164 ? -0.041  8.820   6.556   1.00 34.31 ? 163  GLY A O   1 
ATOM   1275 N N   . GLY A 1 165 ? 0.837   10.889  6.591   1.00 36.09 ? 164  GLY A N   1 
ATOM   1276 C CA  . GLY A 1 165 ? 0.660   11.078  7.985   1.00 36.66 ? 164  GLY A CA  1 
ATOM   1277 C C   . GLY A 1 165 ? 0.924   12.554  8.279   1.00 38.08 ? 164  GLY A C   1 
ATOM   1278 O O   . GLY A 1 165 ? 1.614   13.257  7.544   1.00 37.67 ? 164  GLY A O   1 
ATOM   1279 N N   . ASN A 1 166 ? 0.353   13.015  9.357   1.00 39.60 ? 165  ASN A N   1 
ATOM   1280 C CA  . ASN A 1 166 ? 0.521   14.431  9.718   1.00 42.25 ? 165  ASN A CA  1 
ATOM   1281 C C   . ASN A 1 166 ? 1.276   14.537  11.040  1.00 41.79 ? 165  ASN A C   1 
ATOM   1282 O O   . ASN A 1 166 ? 1.416   15.616  11.587  1.00 44.05 ? 165  ASN A O   1 
ATOM   1283 C CB  . ASN A 1 166 ? -0.837  15.163  9.721   1.00 41.87 ? 165  ASN A CB  1 
ATOM   1284 C CG  . ASN A 1 166 ? -1.877  14.464  10.572  1.00 41.82 ? 165  ASN A CG  1 
ATOM   1285 O OD1 . ASN A 1 166 ? -1.559  13.883  11.608  1.00 43.43 ? 165  ASN A OD1 1 
ATOM   1286 N ND2 . ASN A 1 166 ? -3.125  14.502  10.127  1.00 39.38 ? 165  ASN A ND2 1 
ATOM   1287 N N   . GLY A 1 167 ? 1.751   13.389  11.524  1.00 41.10 ? 166  GLY A N   1 
ATOM   1288 C CA  . GLY A 1 167 ? 2.496   13.260  12.767  1.00 40.24 ? 166  GLY A CA  1 
ATOM   1289 C C   . GLY A 1 167 ? 1.582   12.678  13.830  1.00 39.67 ? 166  GLY A C   1 
ATOM   1290 O O   . GLY A 1 167 ? 2.043   12.064  14.792  1.00 40.37 ? 166  GLY A O   1 
ATOM   1291 N N   . HIS A 1 168 ? 0.271   12.845  13.644  1.00 38.66 ? 167  HIS A N   1 
ATOM   1292 C CA  . HIS A 1 168 ? -0.675  12.302  14.616  1.00 38.43 ? 167  HIS A CA  1 
ATOM   1293 C C   . HIS A 1 168 ? -1.625  11.202  14.062  1.00 37.44 ? 167  HIS A C   1 
ATOM   1294 O O   . HIS A 1 168 ? -2.029  10.311  14.793  1.00 37.51 ? 167  HIS A O   1 
ATOM   1295 C CB  . HIS A 1 168 ? -1.447  13.453  15.217  1.00 38.96 ? 167  HIS A CB  1 
ATOM   1296 C CG  . HIS A 1 168 ? -0.559  14.600  15.638  1.00 38.52 ? 167  HIS A CG  1 
ATOM   1297 N ND1 . HIS A 1 168 ? 0.114   14.606  16.839  1.00 38.80 ? 167  HIS A ND1 1 
ATOM   1298 C CD2 . HIS A 1 168 ? -0.220  15.751  15.006  1.00 39.03 ? 167  HIS A CD2 1 
ATOM   1299 C CE1 . HIS A 1 168 ? 0.820   15.727  16.938  1.00 39.61 ? 167  HIS A CE1 1 
ATOM   1300 N NE2 . HIS A 1 168 ? 0.640   16.436  15.838  1.00 40.02 ? 167  HIS A NE2 1 
ATOM   1301 N N   . GLN A 1 169 ? -1.987  11.315  12.789  1.00 37.15 ? 168  GLN A N   1 
ATOM   1302 C CA  . GLN A 1 169 ? -2.834  10.290  12.134  1.00 35.76 ? 168  GLN A CA  1 
ATOM   1303 C C   . GLN A 1 169 ? -2.054  9.770   10.964  1.00 34.72 ? 168  GLN A C   1 
ATOM   1304 O O   . GLN A 1 169 ? -1.128  10.422  10.497  1.00 36.08 ? 168  GLN A O   1 
ATOM   1305 C CB  . GLN A 1 169 ? -4.108  10.949  11.602  1.00 35.01 ? 168  GLN A CB  1 
ATOM   1306 C CG  . GLN A 1 169 ? -4.842  11.730  12.731  1.00 35.59 ? 168  GLN A CG  1 
ATOM   1307 C CD  . GLN A 1 169 ? -5.887  12.677  12.231  1.00 38.23 ? 168  GLN A CD  1 
ATOM   1308 O OE1 . GLN A 1 169 ? -5.642  13.506  11.343  1.00 38.35 ? 168  GLN A OE1 1 
ATOM   1309 N NE2 . GLN A 1 169 ? -7.073  12.614  12.857  1.00 42.71 ? 168  GLN A NE2 1 
ATOM   1310 N N   . GLY A 1 170 ? -2.452  8.606   10.454  1.00 33.75 ? 169  GLY A N   1 
ATOM   1311 C CA  . GLY A 1 170 ? -1.897  8.163   9.158   1.00 31.48 ? 169  GLY A CA  1 
ATOM   1312 C C   . GLY A 1 170 ? -3.044  7.846   8.250   1.00 29.98 ? 169  GLY A C   1 
ATOM   1313 O O   . GLY A 1 170 ? -4.175  7.694   8.702   1.00 29.47 ? 169  GLY A O   1 
ATOM   1314 N N   . PHE A 1 171 ? -2.728  7.740   6.961   1.00 30.95 ? 170  PHE A N   1 
ATOM   1315 C CA  . PHE A 1 171 ? -3.691  7.679   5.924   1.00 30.71 ? 170  PHE A CA  1 
ATOM   1316 C C   . PHE A 1 171 ? -3.227  6.649   4.914   1.00 28.55 ? 170  PHE A C   1 
ATOM   1317 O O   . PHE A 1 171 ? -2.033  6.598   4.541   1.00 28.24 ? 170  PHE A O   1 
ATOM   1318 C CB  . PHE A 1 171 ? -3.819  9.075   5.310   1.00 31.06 ? 170  PHE A CB  1 
ATOM   1319 C CG  . PHE A 1 171 ? -4.303  10.107  6.330   1.00 37.09 ? 170  PHE A CG  1 
ATOM   1320 C CD1 . PHE A 1 171 ? -5.650  10.316  6.534   1.00 35.30 ? 170  PHE A CD1 1 
ATOM   1321 C CD2 . PHE A 1 171 ? -3.386  10.846  7.079   1.00 39.24 ? 170  PHE A CD2 1 
ATOM   1322 C CE1 . PHE A 1 171 ? -6.117  11.261  7.465   1.00 40.67 ? 170  PHE A CE1 1 
ATOM   1323 C CE2 . PHE A 1 171 ? -3.854  11.795  8.019   1.00 42.78 ? 170  PHE A CE2 1 
ATOM   1324 C CZ  . PHE A 1 171 ? -5.216  11.985  8.213   1.00 42.26 ? 170  PHE A CZ  1 
ATOM   1325 N N   . SER A 1 172 ? -4.139  5.762   4.599   1.00 26.34 ? 171  SER A N   1 
ATOM   1326 C CA  . SER A 1 172 ? -3.870  4.763   3.531   1.00 25.51 ? 171  SER A CA  1 
ATOM   1327 C C   . SER A 1 172 ? -4.779  5.164   2.394   1.00 25.92 ? 171  SER A C   1 
ATOM   1328 O O   . SER A 1 172 ? -5.932  5.668   2.617   1.00 28.69 ? 171  SER A O   1 
ATOM   1329 C CB  . SER A 1 172 ? -4.235  3.349   4.056   1.00 22.85 ? 171  SER A CB  1 
ATOM   1330 O OG  . SER A 1 172 ? -3.233  2.748   4.830   1.00 23.31 ? 171  SER A OG  1 
ATOM   1331 N N   . ALA A 1 173 ? -4.325  4.939   1.150   1.00 26.04 ? 172  ALA A N   1 
ATOM   1332 C CA  . ALA A 1 173 ? -5.175  5.020   0.005   1.00 26.91 ? 172  ALA A CA  1 
ATOM   1333 C C   . ALA A 1 173 ? -5.870  3.631   -0.162  1.00 27.26 ? 172  ALA A C   1 
ATOM   1334 O O   . ALA A 1 173 ? -5.218  2.593   -0.010  1.00 25.53 ? 172  ALA A O   1 
ATOM   1335 C CB  . ALA A 1 173 ? -4.323  5.315   -1.244  1.00 26.09 ? 172  ALA A CB  1 
ATOM   1336 N N   . ALA A 1 174 ? -7.165  3.622   -0.495  1.00 27.54 ? 173  ALA A N   1 
ATOM   1337 C CA  . ALA A 1 174 ? -7.972  2.414   -0.442  1.00 25.81 ? 173  ALA A CA  1 
ATOM   1338 C C   . ALA A 1 174 ? -7.515  1.604   -1.622  1.00 26.45 ? 173  ALA A C   1 
ATOM   1339 O O   . ALA A 1 174 ? -7.320  2.188   -2.633  1.00 26.61 ? 173  ALA A O   1 
ATOM   1340 C CB  . ALA A 1 174 ? -9.374  2.764   -0.613  1.00 26.50 ? 173  ALA A CB  1 
ATOM   1341 N N   . LEU A 1 175 ? -7.254  0.318   -1.426  1.00 26.83 ? 174  LEU A N   1 
ATOM   1342 C CA  . LEU A 1 175 ? -6.829  -0.529  -2.557  1.00 30.19 ? 174  LEU A CA  1 
ATOM   1343 C C   . LEU A 1 175 ? -8.132  -1.250  -3.059  1.00 30.11 ? 174  LEU A C   1 
ATOM   1344 O O   . LEU A 1 175 ? -8.529  -2.315  -2.536  1.00 30.48 ? 174  LEU A O   1 
ATOM   1345 C CB  . LEU A 1 175 ? -5.792  -1.506  -2.039  1.00 29.68 ? 174  LEU A CB  1 
ATOM   1346 C CG  . LEU A 1 175 ? -4.746  -1.951  -3.050  1.00 37.48 ? 174  LEU A CG  1 
ATOM   1347 C CD1 . LEU A 1 175 ? -4.073  -0.711  -3.717  1.00 34.74 ? 174  LEU A CD1 1 
ATOM   1348 C CD2 . LEU A 1 175 ? -3.718  -2.858  -2.323  1.00 36.24 ? 174  LEU A CD2 1 
ATOM   1349 N N   . LEU A 1 176 ? -8.751  -0.629  -4.065  1.00 31.62 ? 175  LEU A N   1 
ATOM   1350 C CA  . LEU A 1 176 ? -10.062 -1.058  -4.660  1.00 33.40 ? 175  LEU A CA  1 
ATOM   1351 C C   . LEU A 1 176 ? -9.916  -2.047  -5.825  1.00 34.88 ? 175  LEU A C   1 
ATOM   1352 O O   . LEU A 1 176 ? -8.986  -1.970  -6.631  1.00 34.87 ? 175  LEU A O   1 
ATOM   1353 C CB  . LEU A 1 176 ? -10.856 0.131   -5.114  1.00 32.78 ? 175  LEU A CB  1 
ATOM   1354 C CG  . LEU A 1 176 ? -11.150 1.249   -4.087  1.00 31.64 ? 175  LEU A CG  1 
ATOM   1355 C CD1 . LEU A 1 176 ? -12.137 2.260   -4.689  1.00 35.05 ? 175  LEU A CD1 1 
ATOM   1356 C CD2 . LEU A 1 176 ? -11.699 0.643   -2.957  1.00 29.79 ? 175  LEU A CD2 1 
ATOM   1357 N N   . LYS A 1 177 ? -10.861 -2.975  -5.887  1.00 36.36 ? 176  LYS A N   1 
ATOM   1358 C CA  . LYS A 1 177 ? -10.692 -4.205  -6.650  1.00 38.20 ? 176  LYS A CA  1 
ATOM   1359 C C   . LYS A 1 177 ? -10.562 -3.820  -8.116  1.00 38.83 ? 176  LYS A C   1 
ATOM   1360 O O   . LYS A 1 177 ? -9.776  -4.410  -8.877  1.00 40.67 ? 176  LYS A O   1 
ATOM   1361 C CB  . LYS A 1 177 ? -11.911 -5.098  -6.331  1.00 37.24 ? 176  LYS A CB  1 
ATOM   1362 C CG  . LYS A 1 177 ? -12.025 -6.425  -7.017  1.00 38.55 ? 176  LYS A CG  1 
ATOM   1363 C CD  . LYS A 1 177 ? -13.044 -7.312  -6.272  1.00 39.95 ? 176  LYS A CD  1 
ATOM   1364 C CE  . LYS A 1 177 ? -12.315 -8.478  -5.589  1.00 38.84 ? 176  LYS A CE  1 
ATOM   1365 N NZ  . LYS A 1 177 ? -12.899 -8.766  -4.243  1.00 37.48 ? 176  LYS A NZ  1 
ATOM   1366 N N   . HIS A 1 178 ? -11.310 -2.779  -8.468  1.00 40.86 ? 177  HIS A N   1 
ATOM   1367 C CA  . HIS A 1 178 ? -11.559 -2.335  -9.820  1.00 41.94 ? 177  HIS A CA  1 
ATOM   1368 C C   . HIS A 1 178 ? -10.349 -1.653  -10.431 1.00 43.23 ? 177  HIS A C   1 
ATOM   1369 O O   . HIS A 1 178 ? -10.237 -1.578  -11.667 1.00 43.38 ? 177  HIS A O   1 
ATOM   1370 C CB  . HIS A 1 178 ? -12.841 -1.469  -9.902  1.00 42.17 ? 177  HIS A CB  1 
ATOM   1371 C CG  . HIS A 1 178 ? -12.660 -0.014  -9.592  1.00 40.27 ? 177  HIS A CG  1 
ATOM   1372 N ND1 . HIS A 1 178 ? -13.177 0.577   -8.455  1.00 43.58 ? 177  HIS A ND1 1 
ATOM   1373 C CD2 . HIS A 1 178 ? -12.091 0.987   -10.301 1.00 44.70 ? 177  HIS A CD2 1 
ATOM   1374 C CE1 . HIS A 1 178 ? -12.896 1.868   -8.456  1.00 40.68 ? 177  HIS A CE1 1 
ATOM   1375 N NE2 . HIS A 1 178 ? -12.246 2.146   -9.576  1.00 46.17 ? 177  HIS A NE2 1 
ATOM   1376 N N   . TYR A 1 179 ? -9.422  -1.220  -9.563  1.00 42.60 ? 178  TYR A N   1 
ATOM   1377 C CA  . TYR A 1 179 ? -8.166  -0.629  -10.029 1.00 42.92 ? 178  TYR A CA  1 
ATOM   1378 C C   . TYR A 1 179 ? -7.385  -1.669  -10.776 1.00 43.43 ? 178  TYR A C   1 
ATOM   1379 O O   . TYR A 1 179 ? -6.434  -1.333  -11.471 1.00 42.47 ? 178  TYR A O   1 
ATOM   1380 C CB  . TYR A 1 179 ? -7.275  -0.143  -8.868  1.00 41.21 ? 178  TYR A CB  1 
ATOM   1381 C CG  . TYR A 1 179 ? -7.791  1.008   -8.062  1.00 37.81 ? 178  TYR A CG  1 
ATOM   1382 C CD1 . TYR A 1 179 ? -8.703  1.907   -8.595  1.00 36.71 ? 178  TYR A CD1 1 
ATOM   1383 C CD2 . TYR A 1 179 ? -7.316  1.227   -6.764  1.00 31.20 ? 178  TYR A CD2 1 
ATOM   1384 C CE1 . TYR A 1 179 ? -9.163  2.991   -7.845  1.00 32.72 ? 178  TYR A CE1 1 
ATOM   1385 C CE2 . TYR A 1 179 ? -7.793  2.286   -5.989  1.00 34.00 ? 178  TYR A CE2 1 
ATOM   1386 C CZ  . TYR A 1 179 ? -8.710  3.148   -6.557  1.00 32.28 ? 178  TYR A CZ  1 
ATOM   1387 O OH  . TYR A 1 179 ? -9.177  4.156   -5.821  1.00 36.36 ? 178  TYR A OH  1 
ATOM   1388 N N   . PHE A 1 180 ? -7.745  -2.932  -10.563 1.00 45.59 ? 179  PHE A N   1 
ATOM   1389 C CA  . PHE A 1 180 ? -7.000  -4.050  -11.130 1.00 48.77 ? 179  PHE A CA  1 
ATOM   1390 C C   . PHE A 1 180 ? -7.844  -4.730  -12.226 1.00 51.44 ? 179  PHE A C   1 
ATOM   1391 O O   . PHE A 1 180 ? -8.918  -5.264  -11.954 1.00 51.93 ? 179  PHE A O   1 
ATOM   1392 C CB  . PHE A 1 180 ? -6.488  -4.968  -10.004 1.00 48.29 ? 179  PHE A CB  1 
ATOM   1393 C CG  . PHE A 1 180 ? -5.597  -4.233  -8.998  1.00 47.08 ? 179  PHE A CG  1 
ATOM   1394 C CD1 . PHE A 1 180 ? -4.244  -4.050  -9.243  1.00 48.45 ? 179  PHE A CD1 1 
ATOM   1395 C CD2 . PHE A 1 180 ? -6.135  -3.691  -7.828  1.00 46.04 ? 179  PHE A CD2 1 
ATOM   1396 C CE1 . PHE A 1 180 ? -3.422  -3.339  -8.313  1.00 44.65 ? 179  PHE A CE1 1 
ATOM   1397 C CE2 . PHE A 1 180 ? -5.330  -2.984  -6.900  1.00 44.60 ? 179  PHE A CE2 1 
ATOM   1398 C CZ  . PHE A 1 180 ? -3.976  -2.816  -7.165  1.00 45.85 ? 179  PHE A CZ  1 
ATOM   1399 N N   . ASN A 1 181 ? -7.382  -4.607  -13.472 1.00 53.95 ? 180  ASN A N   1 
ATOM   1400 C CA  . ASN A 1 181 ? -8.167  -4.959  -14.674 1.00 55.84 ? 180  ASN A CA  1 
ATOM   1401 C C   . ASN A 1 181 ? -8.644  -6.410  -14.715 1.00 56.16 ? 180  ASN A C   1 
ATOM   1402 O O   . ASN A 1 181 ? -7.994  -7.256  -15.343 1.00 57.17 ? 180  ASN A O   1 
ATOM   1403 C CB  . ASN A 1 181 ? -7.363  -4.635  -15.949 1.00 56.25 ? 180  ASN A CB  1 
ATOM   1404 C CG  . ASN A 1 181 ? -7.778  -3.298  -16.608 1.00 58.71 ? 180  ASN A CG  1 
ATOM   1405 O OD1 . ASN A 1 181 ? -8.260  -2.365  -15.934 1.00 59.07 ? 180  ASN A OD1 1 
ATOM   1406 N ND2 . ASN A 1 181 ? -7.597  -3.213  -17.940 1.00 57.51 ? 180  ASN A ND2 1 
HETATM 1407 O O19 . G83 B 2 .   ? 0.598   16.319  4.003   1.00 72.29 ? 1181 G83 A O19 1 
HETATM 1408 C C17 . G83 B 2 .   ? 0.603   15.645  5.028   1.00 71.37 ? 1181 G83 A C17 1 
HETATM 1409 O O15 . G83 B 2 .   ? -0.475  15.849  6.008   1.00 74.23 ? 1181 G83 A O15 1 
HETATM 1410 C C13 . G83 B 2 .   ? -1.553  16.790  5.819   1.00 77.43 ? 1181 G83 A C13 1 
HETATM 1411 C C4  . G83 B 2 .   ? -1.291  18.240  6.249   1.00 79.46 ? 1181 G83 A C4  1 
HETATM 1412 C C6  . G83 B 2 .   ? -2.376  19.036  6.660   1.00 79.90 ? 1181 G83 A C6  1 
HETATM 1413 C C8  . G83 B 2 .   ? -2.177  20.365  7.057   1.00 80.22 ? 1181 G83 A C8  1 
HETATM 1414 C C10 . G83 B 2 .   ? -0.889  20.916  7.039   1.00 80.79 ? 1181 G83 A C10 1 
HETATM 1415 C C1  . G83 B 2 .   ? 0.201   20.141  6.628   1.00 80.55 ? 1181 G83 A C1  1 
HETATM 1416 C C2  . G83 B 2 .   ? -0.002  18.811  6.236   1.00 80.63 ? 1181 G83 A C2  1 
HETATM 1417 N N21 . G83 B 2 .   ? 1.579   14.744  5.250   1.00 68.80 ? 1181 G83 A N21 1 
HETATM 1418 C C23 . G83 B 2 .   ? 2.680   14.568  4.287   1.00 65.93 ? 1181 G83 A C23 1 
HETATM 1419 C C25 . G83 B 2 .   ? 3.915   15.011  5.073   1.00 68.21 ? 1181 G83 A C25 1 
HETATM 1420 C C14 . G83 B 2 .   ? 3.717   16.441  5.555   1.00 70.79 ? 1181 G83 A C14 1 
HETATM 1421 O O1  . G83 B 2 .   ? 3.903   17.377  4.776   1.00 71.19 ? 1181 G83 A O1  1 
HETATM 1422 O O2  . G83 B 2 .   ? 3.246   16.705  6.928   1.00 69.92 ? 1181 G83 A O2  1 
HETATM 1423 C C29 . G83 B 2 .   ? 4.063   16.771  8.102   1.00 68.85 ? 1181 G83 A C29 1 
HETATM 1424 C C12 . G83 B 2 .   ? 5.367   17.522  7.779   1.00 67.83 ? 1181 G83 A C12 1 
HETATM 1425 C C43 . G83 B 2 .   ? 3.248   17.515  9.158   1.00 66.24 ? 1181 G83 A C43 1 
HETATM 1426 C C45 . G83 B 2 .   ? 4.365   15.360  8.604   1.00 67.30 ? 1181 G83 A C45 1 
HETATM 1427 C C31 . G83 B 2 .   ? 2.946   13.169  3.780   1.00 64.40 ? 1181 G83 A C31 1 
HETATM 1428 O O35 . G83 B 2 .   ? 2.558   12.203  4.422   1.00 60.70 ? 1181 G83 A O35 1 
HETATM 1429 N N33 . G83 B 2 .   ? 3.651   13.080  2.631   1.00 62.31 ? 1181 G83 A N33 1 
HETATM 1430 C C37 . G83 B 2 .   ? 4.031   11.825  1.986   1.00 60.41 ? 1181 G83 A C37 1 
HETATM 1431 C C41 . G83 B 2 .   ? 4.747   12.272  0.718   1.00 64.37 ? 1181 G83 A C41 1 
HETATM 1432 C C51 . G83 B 2 .   ? 3.860   12.740  -0.420  1.00 67.53 ? 1181 G83 A C51 1 
HETATM 1433 C C53 . G83 B 2 .   ? 4.477   13.064  -1.634  1.00 69.08 ? 1181 G83 A C53 1 
HETATM 1434 C C7  . G83 B 2 .   ? 3.711   13.504  -2.711  1.00 70.49 ? 1181 G83 A C7  1 
HETATM 1435 C C9  . G83 B 2 .   ? 2.323   13.620  -2.570  1.00 70.50 ? 1181 G83 A C9  1 
HETATM 1436 C C11 . G83 B 2 .   ? 1.703   13.307  -1.360  1.00 70.96 ? 1181 G83 A C11 1 
HETATM 1437 C C55 . G83 B 2 .   ? 2.471   12.864  -0.286  1.00 69.29 ? 1181 G83 A C55 1 
HETATM 1438 C C39 . G83 B 2 .   ? 5.044   11.077  2.817   1.00 58.73 ? 1181 G83 A C39 1 
HETATM 1439 O O47 . G83 B 2 .   ? 6.140   11.590  3.027   1.00 57.58 ? 1181 G83 A O47 1 
HETATM 1440 N N49 . G83 B 2 .   ? 4.714   9.864   3.311   1.00 50.76 ? 1181 G83 A N49 1 
HETATM 1441 C C57 . G83 B 2 .   ? 5.668   9.075   4.127   1.00 52.17 ? 1181 G83 A C57 1 
HETATM 1442 C C59 . G83 B 2 .   ? 4.968   8.708   5.443   1.00 50.59 ? 1181 G83 A C59 1 
HETATM 1443 C C61 . G83 B 2 .   ? 4.250   9.897   6.102   1.00 51.50 ? 1181 G83 A C61 1 
HETATM 1444 C C73 . G83 B 2 .   ? 5.140   11.153  6.268   1.00 54.01 ? 1181 G83 A C73 1 
HETATM 1445 C C71 . G83 B 2 .   ? 5.228   11.546  7.749   1.00 51.47 ? 1181 G83 A C71 1 
HETATM 1446 N N69 . G83 B 2 .   ? 4.428   10.486  8.340   1.00 53.34 ? 1181 G83 A N69 1 
HETATM 1447 C C65 . G83 B 2 .   ? 3.887   9.589   7.515   1.00 51.84 ? 1181 G83 A C65 1 
HETATM 1448 O O66 . G83 B 2 .   ? 3.201   8.642   7.841   1.00 50.66 ? 1181 G83 A O66 1 
HETATM 1449 C C63 . G83 B 2 .   ? 6.090   7.826   3.318   1.00 48.52 ? 1181 G83 A C63 1 
HETATM 1450 C C82 . G83 B 2 .   ? 7.488   8.022   2.740   1.00 53.87 ? 1181 G83 A C82 1 
HETATM 1451 C C84 . G83 B 2 .   ? 8.473   6.961   3.229   1.00 57.69 ? 1181 G83 A C84 1 
HETATM 1452 O O88 . G83 B 2 .   ? 8.141   5.892   3.756   1.00 57.79 ? 1181 G83 A O88 1 
HETATM 1453 O O86 . G83 B 2 .   ? 9.898   7.199   3.034   1.00 60.76 ? 1181 G83 A O86 1 
HETATM 1454 C C3  . G83 B 2 .   ? 10.716  6.352   2.195   1.00 57.76 ? 1181 G83 A C3  1 
HETATM 1455 C C5  . G83 B 2 .   ? 12.196  6.516   2.525   1.00 56.51 ? 1181 G83 A C5  1 
HETATM 1456 O O   . HOH C 3 .   ? -4.300  -16.273 3.333   1.00 47.84 ? 2001 HOH A O   1 
HETATM 1457 O O   . HOH C 3 .   ? 0.259   -16.494 9.519   1.00 37.89 ? 2002 HOH A O   1 
HETATM 1458 O O   . HOH C 3 .   ? -2.467  -14.352 3.398   1.00 52.10 ? 2003 HOH A O   1 
HETATM 1459 O O   . HOH C 3 .   ? 7.559   -16.146 -0.404  1.00 47.64 ? 2004 HOH A O   1 
HETATM 1460 O O   . HOH C 3 .   ? 3.337   -13.386 -4.601  1.00 40.44 ? 2005 HOH A O   1 
HETATM 1461 O O   . HOH C 3 .   ? 2.911   -17.676 -4.641  1.00 54.43 ? 2006 HOH A O   1 
HETATM 1462 O O   . HOH C 3 .   ? 6.120   -7.848  -3.713  1.00 37.15 ? 2007 HOH A O   1 
HETATM 1463 O O   . HOH C 3 .   ? 10.061  -9.675  1.553   1.00 51.30 ? 2008 HOH A O   1 
HETATM 1464 O O   . HOH C 3 .   ? 15.334  -3.580  -2.048  1.00 37.35 ? 2009 HOH A O   1 
HETATM 1465 O O   . HOH C 3 .   ? 13.698  -5.611  4.741   1.00 55.34 ? 2010 HOH A O   1 
HETATM 1466 O O   . HOH C 3 .   ? 7.277   1.011   4.090   1.00 32.95 ? 2011 HOH A O   1 
HETATM 1467 O O   . HOH C 3 .   ? 2.621   -1.202  -1.225  1.00 35.28 ? 2012 HOH A O   1 
HETATM 1468 O O   . HOH C 3 .   ? 5.647   -10.746 -10.092 1.00 44.44 ? 2013 HOH A O   1 
HETATM 1469 O O   . HOH C 3 .   ? -1.710  -15.026 -12.431 1.00 48.50 ? 2014 HOH A O   1 
HETATM 1470 O O   . HOH C 3 .   ? 15.719  -8.978  -12.540 1.00 52.49 ? 2015 HOH A O   1 
HETATM 1471 O O   . HOH C 3 .   ? 4.596   2.383   -20.967 1.00 57.19 ? 2016 HOH A O   1 
HETATM 1472 O O   . HOH C 3 .   ? -14.377 8.083   -10.048 1.00 39.05 ? 2017 HOH A O   1 
HETATM 1473 O O   . HOH C 3 .   ? -8.674  16.253  -14.404 1.00 50.30 ? 2018 HOH A O   1 
HETATM 1474 O O   . HOH C 3 .   ? -6.738  6.966   -2.436  1.00 33.58 ? 2019 HOH A O   1 
HETATM 1475 O O   . HOH C 3 .   ? 12.738  -11.009 -7.760  1.00 43.26 ? 2020 HOH A O   1 
HETATM 1476 O O   . HOH C 3 .   ? 6.873   -12.714 -5.289  1.00 54.67 ? 2021 HOH A O   1 
HETATM 1477 O O   . HOH C 3 .   ? 0.852   -17.228 -18.512 1.00 56.24 ? 2022 HOH A O   1 
HETATM 1478 O O   . HOH C 3 .   ? -7.918  -13.649 -4.816  1.00 42.17 ? 2023 HOH A O   1 
HETATM 1479 O O   . HOH C 3 .   ? -5.408  -15.151 -11.418 1.00 48.16 ? 2024 HOH A O   1 
HETATM 1480 O O   . HOH C 3 .   ? -6.687  -12.240 -14.656 1.00 49.87 ? 2025 HOH A O   1 
HETATM 1481 O O   . HOH C 3 .   ? -9.956  -2.843  -0.393  1.00 28.22 ? 2026 HOH A O   1 
HETATM 1482 O O   . HOH C 3 .   ? -13.958 -1.289  -7.480  1.00 36.83 ? 2027 HOH A O   1 
HETATM 1483 O O   . HOH C 3 .   ? -17.760 2.704   1.588   1.00 46.85 ? 2028 HOH A O   1 
HETATM 1484 O O   . HOH C 3 .   ? -5.693  -2.607  15.782  1.00 40.17 ? 2029 HOH A O   1 
HETATM 1485 O O   . HOH C 3 .   ? 11.019  7.498   11.101  1.00 50.33 ? 2030 HOH A O   1 
HETATM 1486 O O   . HOH C 3 .   ? -11.680 5.717   -9.988  1.00 37.92 ? 2031 HOH A O   1 
HETATM 1487 O O   . HOH C 3 .   ? 8.273   11.061  9.358   1.00 48.98 ? 2032 HOH A O   1 
HETATM 1488 O O   . HOH C 3 .   ? -11.974 -8.607  8.640   1.00 34.04 ? 2033 HOH A O   1 
HETATM 1489 O O   . HOH C 3 .   ? -7.967  4.654   -3.575  1.00 33.77 ? 2034 HOH A O   1 
HETATM 1490 O O   . HOH C 3 .   ? -11.968 -4.911  -12.372 1.00 43.79 ? 2035 HOH A O   1 
# 
